data_4ENK
# 
_entry.id   4ENK 
# 
_audit_conform.dict_name       mmcif_pdbx.dic 
_audit_conform.dict_version    5.379 
_audit_conform.dict_location   http://mmcif.pdb.org/dictionaries/ascii/mmcif_pdbx.dic 
# 
loop_
_database_2.database_id 
_database_2.database_code 
_database_2.pdbx_database_accession 
_database_2.pdbx_DOI 
PDB   4ENK         pdb_00004enk 10.2210/pdb4enk/pdb 
NDB   NA1751       ?            ?                   
RCSB  RCSB071841   ?            ?                   
WWPDB D_1000071841 ?            ?                   
# 
loop_
_pdbx_database_related.db_name 
_pdbx_database_related.db_id 
_pdbx_database_related.content_type 
_pdbx_database_related.details 
PDB 4ENJ unspecified . 
PDB 4ENM unspecified . 
PDB 4ENN unspecified . 
# 
_pdbx_database_status.status_code                     REL 
_pdbx_database_status.entry_id                        4ENK 
_pdbx_database_status.recvd_initial_deposition_date   2012-04-13 
_pdbx_database_status.deposit_site                    RCSB 
_pdbx_database_status.process_site                    RCSB 
_pdbx_database_status.status_code_sf                  REL 
_pdbx_database_status.status_code_mr                  ? 
_pdbx_database_status.SG_entry                        ? 
_pdbx_database_status.status_code_cs                  ? 
_pdbx_database_status.methods_development_category    ? 
_pdbx_database_status.pdb_format_compatible           Y 
_pdbx_database_status.status_code_nmr_data            ? 
# 
loop_
_audit_author.name 
_audit_author.pdbx_ordinal 
'Tubbs, J.L.'  1 
'Arvai, A.S.'  2 
'Tainer, J.A.' 3 
# 
_citation.id                        primary 
_citation.title                     
'Atl1 Regulates Choice between Global Genome and Transcription-Coupled Repair of O(6)-Alkylguanines.' 
_citation.journal_abbrev            Mol.Cell 
_citation.journal_volume            47 
_citation.page_first                50 
_citation.page_last                 60 
_citation.year                      2012 
_citation.journal_id_ASTM           MOCEFL 
_citation.country                   US 
_citation.journal_id_ISSN           1097-2765 
_citation.journal_id_CSD            2168 
_citation.book_publisher            ? 
_citation.pdbx_database_id_PubMed   22658721 
_citation.pdbx_database_id_DOI      10.1016/j.molcel.2012.04.028 
# 
loop_
_citation_author.citation_id 
_citation_author.name 
_citation_author.ordinal 
_citation_author.identifier_ORCID 
primary 'Latypov, V.F.'          1  ? 
primary 'Tubbs, J.L.'            2  ? 
primary 'Watson, A.J.'           3  ? 
primary 'Marriott, A.S.'         4  ? 
primary 'McGown, G.'             5  ? 
primary 'Thorncroft, M.'         6  ? 
primary 'Wilkinson, O.J.'        7  ? 
primary 'Senthong, P.'           8  ? 
primary 'Butt, A.'               9  ? 
primary 'Arvai, A.S.'            10 ? 
primary 'Millington, C.L.'       11 ? 
primary 'Povey, A.C.'            12 ? 
primary 'Williams, D.M.'         13 ? 
primary 'Santibanez-Koref, M.F.' 14 ? 
primary 'Tainer, J.A.'           15 ? 
primary 'Margison, G.P.'         16 ? 
# 
_cell.entry_id           4ENK 
_cell.length_a           59.501 
_cell.length_b           59.501 
_cell.length_c           236.917 
_cell.angle_alpha        90.00 
_cell.angle_beta         90.00 
_cell.angle_gamma        120.00 
_cell.Z_PDB              12 
_cell.pdbx_unique_axis   ? 
_cell.length_a_esd       ? 
_cell.length_b_esd       ? 
_cell.length_c_esd       ? 
_cell.angle_alpha_esd    ? 
_cell.angle_beta_esd     ? 
_cell.angle_gamma_esd    ? 
# 
_symmetry.entry_id                         4ENK 
_symmetry.space_group_name_H-M             'P 61 2 2' 
_symmetry.pdbx_full_space_group_name_H-M   ? 
_symmetry.cell_setting                     ? 
_symmetry.Int_Tables_number                178 
_symmetry.space_group_name_Hall            ? 
# 
loop_
_entity.id 
_entity.type 
_entity.src_method 
_entity.pdbx_description 
_entity.formula_weight 
_entity.pdbx_number_of_molecules 
_entity.pdbx_ec 
_entity.pdbx_mutation 
_entity.pdbx_fragment 
_entity.details 
1 polymer man 'Alkyltransferase-like protein 1'                           13662.412 1 ? ? ? ? 
2 polymer syn 
;DNA (5'-D(*GP*CP*CP*AP*TP*GP*(6PO)P*CP*TP*AP*GP*TP*A)-3')
;
4033.689  1 ? ? ? ? 
3 polymer syn 
;DNA (5'-D(*CP*TP*AP*CP*TP*AP*GP*CP*CP*AP*TP*GP*G)-3')
;
3951.586  1 ? ? ? ? 
4 water   nat water                                                       18.015    1 ? ? ? ? 
# 
loop_
_entity_poly.entity_id 
_entity_poly.type 
_entity_poly.nstd_linkage 
_entity_poly.nstd_monomer 
_entity_poly.pdbx_seq_one_letter_code 
_entity_poly.pdbx_seq_one_letter_code_can 
_entity_poly.pdbx_strand_id 
_entity_poly.pdbx_target_identifier 
1 'polypeptide(L)'        no no  
;MRMDEFYTKVYDAVCEIPYGKVSTYGEIARYVGMPSYARQVGQAMKHLHPETHVPWHRVINSRGTISKRDISAGEQRQKD
RLEEEGVEIYQTSLGEYKLNLPEYMWKPGSHHHHHH
;
;MRMDEFYTKVYDAVCEIPYGKVSTYGEIARYVGMPSYARQVGQAMKHLHPETHVPWHRVINSRGTISKRDISAGEQRQKD
RLEEEGVEIYQTSLGEYKLNLPEYMWKPGSHHHHHH
;
A ? 
2 polydeoxyribonucleotide no yes '(DG)(DC)(DC)(DA)(DT)(DG)(6PO)(DC)(DT)(DA)(DG)(DT)(DA)' GCCATGXCTAGTA B ? 
3 polydeoxyribonucleotide no no  '(DC)(DT)(DA)(DC)(DT)(DA)(DG)(DC)(DC)(DA)(DT)(DG)(DG)' CTACTAGCCATGG C ? 
# 
loop_
_entity_poly_seq.entity_id 
_entity_poly_seq.num 
_entity_poly_seq.mon_id 
_entity_poly_seq.hetero 
1 1   MET n 
1 2   ARG n 
1 3   MET n 
1 4   ASP n 
1 5   GLU n 
1 6   PHE n 
1 7   TYR n 
1 8   THR n 
1 9   LYS n 
1 10  VAL n 
1 11  TYR n 
1 12  ASP n 
1 13  ALA n 
1 14  VAL n 
1 15  CYS n 
1 16  GLU n 
1 17  ILE n 
1 18  PRO n 
1 19  TYR n 
1 20  GLY n 
1 21  LYS n 
1 22  VAL n 
1 23  SER n 
1 24  THR n 
1 25  TYR n 
1 26  GLY n 
1 27  GLU n 
1 28  ILE n 
1 29  ALA n 
1 30  ARG n 
1 31  TYR n 
1 32  VAL n 
1 33  GLY n 
1 34  MET n 
1 35  PRO n 
1 36  SER n 
1 37  TYR n 
1 38  ALA n 
1 39  ARG n 
1 40  GLN n 
1 41  VAL n 
1 42  GLY n 
1 43  GLN n 
1 44  ALA n 
1 45  MET n 
1 46  LYS n 
1 47  HIS n 
1 48  LEU n 
1 49  HIS n 
1 50  PRO n 
1 51  GLU n 
1 52  THR n 
1 53  HIS n 
1 54  VAL n 
1 55  PRO n 
1 56  TRP n 
1 57  HIS n 
1 58  ARG n 
1 59  VAL n 
1 60  ILE n 
1 61  ASN n 
1 62  SER n 
1 63  ARG n 
1 64  GLY n 
1 65  THR n 
1 66  ILE n 
1 67  SER n 
1 68  LYS n 
1 69  ARG n 
1 70  ASP n 
1 71  ILE n 
1 72  SER n 
1 73  ALA n 
1 74  GLY n 
1 75  GLU n 
1 76  GLN n 
1 77  ARG n 
1 78  GLN n 
1 79  LYS n 
1 80  ASP n 
1 81  ARG n 
1 82  LEU n 
1 83  GLU n 
1 84  GLU n 
1 85  GLU n 
1 86  GLY n 
1 87  VAL n 
1 88  GLU n 
1 89  ILE n 
1 90  TYR n 
1 91  GLN n 
1 92  THR n 
1 93  SER n 
1 94  LEU n 
1 95  GLY n 
1 96  GLU n 
1 97  TYR n 
1 98  LYS n 
1 99  LEU n 
1 100 ASN n 
1 101 LEU n 
1 102 PRO n 
1 103 GLU n 
1 104 TYR n 
1 105 MET n 
1 106 TRP n 
1 107 LYS n 
1 108 PRO n 
1 109 GLY n 
1 110 SER n 
1 111 HIS n 
1 112 HIS n 
1 113 HIS n 
1 114 HIS n 
1 115 HIS n 
1 116 HIS n 
2 1   DG  n 
2 2   DC  n 
2 3   DC  n 
2 4   DA  n 
2 5   DT  n 
2 6   DG  n 
2 7   6PO n 
2 8   DC  n 
2 9   DT  n 
2 10  DA  n 
2 11  DG  n 
2 12  DT  n 
2 13  DA  n 
3 1   DC  n 
3 2   DT  n 
3 3   DA  n 
3 4   DC  n 
3 5   DT  n 
3 6   DA  n 
3 7   DG  n 
3 8   DC  n 
3 9   DC  n 
3 10  DA  n 
3 11  DT  n 
3 12  DG  n 
3 13  DG  n 
# 
_entity_src_gen.entity_id                          1 
_entity_src_gen.pdbx_src_id                        1 
_entity_src_gen.pdbx_alt_source_flag               sample 
_entity_src_gen.pdbx_seq_type                      ? 
_entity_src_gen.pdbx_beg_seq_num                   ? 
_entity_src_gen.pdbx_end_seq_num                   ? 
_entity_src_gen.gene_src_common_name               'Fission yeast' 
_entity_src_gen.gene_src_genus                     ? 
_entity_src_gen.pdbx_gene_src_gene                 'atl1, SPAC1250.04c' 
_entity_src_gen.gene_src_species                   ? 
_entity_src_gen.gene_src_strain                    '972 / ATCC 24843' 
_entity_src_gen.gene_src_tissue                    ? 
_entity_src_gen.gene_src_tissue_fraction           ? 
_entity_src_gen.gene_src_details                   ? 
_entity_src_gen.pdbx_gene_src_fragment             ? 
_entity_src_gen.pdbx_gene_src_scientific_name      'Schizosaccharomyces pombe' 
_entity_src_gen.pdbx_gene_src_ncbi_taxonomy_id     284812 
_entity_src_gen.pdbx_gene_src_variant              ? 
_entity_src_gen.pdbx_gene_src_cell_line            ? 
_entity_src_gen.pdbx_gene_src_atcc                 ? 
_entity_src_gen.pdbx_gene_src_organ                ? 
_entity_src_gen.pdbx_gene_src_organelle            ? 
_entity_src_gen.pdbx_gene_src_cell                 ? 
_entity_src_gen.pdbx_gene_src_cellular_location    ? 
_entity_src_gen.host_org_common_name               ? 
_entity_src_gen.pdbx_host_org_scientific_name      'Escherichia coli' 
_entity_src_gen.pdbx_host_org_ncbi_taxonomy_id     562 
_entity_src_gen.host_org_genus                     ? 
_entity_src_gen.pdbx_host_org_gene                 ? 
_entity_src_gen.pdbx_host_org_organ                ? 
_entity_src_gen.host_org_species                   ? 
_entity_src_gen.pdbx_host_org_tissue               ? 
_entity_src_gen.pdbx_host_org_tissue_fraction      ? 
_entity_src_gen.pdbx_host_org_strain               ? 
_entity_src_gen.pdbx_host_org_variant              ? 
_entity_src_gen.pdbx_host_org_cell_line            ? 
_entity_src_gen.pdbx_host_org_atcc                 ? 
_entity_src_gen.pdbx_host_org_culture_collection   ? 
_entity_src_gen.pdbx_host_org_cell                 ? 
_entity_src_gen.pdbx_host_org_organelle            ? 
_entity_src_gen.pdbx_host_org_cellular_location    ? 
_entity_src_gen.pdbx_host_org_vector_type          ? 
_entity_src_gen.pdbx_host_org_vector               ? 
_entity_src_gen.host_org_details                   ? 
_entity_src_gen.expression_system_id               ? 
_entity_src_gen.plasmid_name                       ? 
_entity_src_gen.plasmid_details                    ? 
_entity_src_gen.pdbx_description                   ? 
# 
loop_
_pdbx_entity_src_syn.entity_id 
_pdbx_entity_src_syn.pdbx_src_id 
_pdbx_entity_src_syn.pdbx_alt_source_flag 
_pdbx_entity_src_syn.pdbx_beg_seq_num 
_pdbx_entity_src_syn.pdbx_end_seq_num 
_pdbx_entity_src_syn.organism_scientific 
_pdbx_entity_src_syn.organism_common_name 
_pdbx_entity_src_syn.ncbi_taxonomy_id 
_pdbx_entity_src_syn.details 
2 1 sample ? ? 'synthetic construct' ? 32630 ? 
3 1 sample ? ? 'synthetic construct' ? 32630 ? 
# 
loop_
_struct_ref.id 
_struct_ref.db_name 
_struct_ref.db_code 
_struct_ref.pdbx_db_accession 
_struct_ref.entity_id 
_struct_ref.pdbx_seq_one_letter_code 
_struct_ref.pdbx_align_begin 
_struct_ref.pdbx_db_isoform 
1 UNP ATL1_SCHPO Q9UTN9 1 
;MRMDEFYTKVYDAVCEIPYGKVSTYGEIARYVGMPSYARQVGQAMKHLHPETHVPWHRVINSRGTISKRDISAGEQRQKD
RLEEEGVEIYQTSLGEYKLNLPEYMWKP
;
1 ? 
2 PDB 4ENK       4ENK   2 GCCATGXCTAGTA 1 ? 
3 PDB 4ENK       4ENK   3 CTACTAGCCATGG 1 ? 
# 
loop_
_struct_ref_seq.align_id 
_struct_ref_seq.ref_id 
_struct_ref_seq.pdbx_PDB_id_code 
_struct_ref_seq.pdbx_strand_id 
_struct_ref_seq.seq_align_beg 
_struct_ref_seq.pdbx_seq_align_beg_ins_code 
_struct_ref_seq.seq_align_end 
_struct_ref_seq.pdbx_seq_align_end_ins_code 
_struct_ref_seq.pdbx_db_accession 
_struct_ref_seq.db_align_beg 
_struct_ref_seq.pdbx_db_align_beg_ins_code 
_struct_ref_seq.db_align_end 
_struct_ref_seq.pdbx_db_align_end_ins_code 
_struct_ref_seq.pdbx_auth_seq_align_beg 
_struct_ref_seq.pdbx_auth_seq_align_end 
1 1 4ENK A 1 ? 108 ? Q9UTN9 1  ? 108 ? 1  108 
2 2 4ENK B 1 ? 13  ? 4ENK   1  ? 13  ? 1  13  
3 3 4ENK C 1 ? 13  ? 4ENK   14 ? 26  ? 14 26  
# 
loop_
_struct_ref_seq_dif.align_id 
_struct_ref_seq_dif.pdbx_pdb_id_code 
_struct_ref_seq_dif.mon_id 
_struct_ref_seq_dif.pdbx_pdb_strand_id 
_struct_ref_seq_dif.seq_num 
_struct_ref_seq_dif.pdbx_pdb_ins_code 
_struct_ref_seq_dif.pdbx_seq_db_name 
_struct_ref_seq_dif.pdbx_seq_db_accession_code 
_struct_ref_seq_dif.db_mon_id 
_struct_ref_seq_dif.pdbx_seq_db_seq_num 
_struct_ref_seq_dif.details 
_struct_ref_seq_dif.pdbx_auth_seq_num 
_struct_ref_seq_dif.pdbx_ordinal 
1 4ENK GLY A 109 ? UNP Q9UTN9 ? ? 'expression tag' 109 1 
1 4ENK SER A 110 ? UNP Q9UTN9 ? ? 'expression tag' 110 2 
1 4ENK HIS A 111 ? UNP Q9UTN9 ? ? 'expression tag' 111 3 
1 4ENK HIS A 112 ? UNP Q9UTN9 ? ? 'expression tag' 112 4 
1 4ENK HIS A 113 ? UNP Q9UTN9 ? ? 'expression tag' 113 5 
1 4ENK HIS A 114 ? UNP Q9UTN9 ? ? 'expression tag' 114 6 
1 4ENK HIS A 115 ? UNP Q9UTN9 ? ? 'expression tag' 115 7 
1 4ENK HIS A 116 ? UNP Q9UTN9 ? ? 'expression tag' 116 8 
# 
loop_
_chem_comp.id 
_chem_comp.type 
_chem_comp.mon_nstd_flag 
_chem_comp.name 
_chem_comp.pdbx_synonyms 
_chem_comp.formula 
_chem_comp.formula_weight 
6PO 'DNA linking'       n '9-(2-deoxy-5-O-phosphono-beta-D-erythro-pentofuranosyl)-6-propoxy-9H-purin-2-amine' ? 'C13 H20 N5 O7 P' 
389.301 
ALA 'L-peptide linking' y ALANINE                                                                              ? 'C3 H7 N O2'      
89.093  
ARG 'L-peptide linking' y ARGININE                                                                             ? 'C6 H15 N4 O2 1'  
175.209 
ASN 'L-peptide linking' y ASPARAGINE                                                                           ? 'C4 H8 N2 O3'     
132.118 
ASP 'L-peptide linking' y 'ASPARTIC ACID'                                                                      ? 'C4 H7 N O4'      
133.103 
CYS 'L-peptide linking' y CYSTEINE                                                                             ? 'C3 H7 N O2 S'    
121.158 
DA  'DNA linking'       y "2'-DEOXYADENOSINE-5'-MONOPHOSPHATE"                                                 ? 'C10 H14 N5 O6 P' 
331.222 
DC  'DNA linking'       y "2'-DEOXYCYTIDINE-5'-MONOPHOSPHATE"                                                  ? 'C9 H14 N3 O7 P'  
307.197 
DG  'DNA linking'       y "2'-DEOXYGUANOSINE-5'-MONOPHOSPHATE"                                                 ? 'C10 H14 N5 O7 P' 
347.221 
DT  'DNA linking'       y "THYMIDINE-5'-MONOPHOSPHATE"                                                         ? 'C10 H15 N2 O8 P' 
322.208 
GLN 'L-peptide linking' y GLUTAMINE                                                                            ? 'C5 H10 N2 O3'    
146.144 
GLU 'L-peptide linking' y 'GLUTAMIC ACID'                                                                      ? 'C5 H9 N O4'      
147.129 
GLY 'peptide linking'   y GLYCINE                                                                              ? 'C2 H5 N O2'      
75.067  
HIS 'L-peptide linking' y HISTIDINE                                                                            ? 'C6 H10 N3 O2 1'  
156.162 
HOH non-polymer         . WATER                                                                                ? 'H2 O'            
18.015  
ILE 'L-peptide linking' y ISOLEUCINE                                                                           ? 'C6 H13 N O2'     
131.173 
LEU 'L-peptide linking' y LEUCINE                                                                              ? 'C6 H13 N O2'     
131.173 
LYS 'L-peptide linking' y LYSINE                                                                               ? 'C6 H15 N2 O2 1'  
147.195 
MET 'L-peptide linking' y METHIONINE                                                                           ? 'C5 H11 N O2 S'   
149.211 
PHE 'L-peptide linking' y PHENYLALANINE                                                                        ? 'C9 H11 N O2'     
165.189 
PRO 'L-peptide linking' y PROLINE                                                                              ? 'C5 H9 N O2'      
115.130 
SER 'L-peptide linking' y SERINE                                                                               ? 'C3 H7 N O3'      
105.093 
THR 'L-peptide linking' y THREONINE                                                                            ? 'C4 H9 N O3'      
119.119 
TRP 'L-peptide linking' y TRYPTOPHAN                                                                           ? 'C11 H12 N2 O2'   
204.225 
TYR 'L-peptide linking' y TYROSINE                                                                             ? 'C9 H11 N O3'     
181.189 
VAL 'L-peptide linking' y VALINE                                                                               ? 'C5 H11 N O2'     
117.146 
# 
_exptl.entry_id          4ENK 
_exptl.method            'X-RAY DIFFRACTION' 
_exptl.crystals_number   1 
# 
_exptl_crystal.id                    1 
_exptl_crystal.density_meas          ? 
_exptl_crystal.density_Matthews      2.93 
_exptl_crystal.density_percent_sol   57.99 
_exptl_crystal.description           ? 
_exptl_crystal.F_000                 ? 
_exptl_crystal.preparation           ? 
# 
_exptl_crystal_grow.crystal_id      1 
_exptl_crystal_grow.method          'VAPOR DIFFUSION, HANGING DROP' 
_exptl_crystal_grow.temp            288 
_exptl_crystal_grow.temp_details    ? 
_exptl_crystal_grow.pH              5.8 
_exptl_crystal_grow.pdbx_details    
'25% mPEG 2000, 5% sodium formate, 0.2M imidazole-malate, pH 5.8, VAPOR DIFFUSION, HANGING DROP, temperature 288K' 
_exptl_crystal_grow.pdbx_pH_range   ? 
# 
_diffrn.id                     1 
_diffrn.ambient_temp           100 
_diffrn.ambient_temp_details   ? 
_diffrn.crystal_id             1 
# 
_diffrn_detector.diffrn_id              1 
_diffrn_detector.detector               CCD 
_diffrn_detector.type                   'ADSC QUANTUM 315' 
_diffrn_detector.pdbx_collection_date   2009-02-19 
_diffrn_detector.details                ? 
# 
_diffrn_radiation.diffrn_id                        1 
_diffrn_radiation.wavelength_id                    1 
_diffrn_radiation.pdbx_monochromatic_or_laue_m_l   M 
_diffrn_radiation.monochromator                    'ML crystals' 
_diffrn_radiation.pdbx_diffrn_protocol             'SINGLE WAVELENGTH' 
_diffrn_radiation.pdbx_scattering_type             x-ray 
# 
_diffrn_radiation_wavelength.id           1 
_diffrn_radiation_wavelength.wavelength   1.1158 
_diffrn_radiation_wavelength.wt           1.0 
# 
_diffrn_source.diffrn_id                   1 
_diffrn_source.source                      SYNCHROTRON 
_diffrn_source.type                        'ALS BEAMLINE 12.3.1' 
_diffrn_source.pdbx_synchrotron_site       ALS 
_diffrn_source.pdbx_synchrotron_beamline   12.3.1 
_diffrn_source.pdbx_wavelength             ? 
_diffrn_source.pdbx_wavelength_list        1.1158 
# 
_reflns.entry_id                     4ENK 
_reflns.observed_criterion_sigma_I   0 
_reflns.observed_criterion_sigma_F   0 
_reflns.d_resolution_low             50.0 
_reflns.d_resolution_high            3.0445 
_reflns.number_obs                   5247 
_reflns.number_all                   5247 
_reflns.percent_possible_obs         97.6 
_reflns.pdbx_Rmerge_I_obs            ? 
_reflns.pdbx_Rsym_value              ? 
_reflns.pdbx_netI_over_sigmaI        ? 
_reflns.B_iso_Wilson_estimate        ? 
_reflns.pdbx_redundancy              ? 
_reflns.R_free_details               ? 
_reflns.limit_h_max                  ? 
_reflns.limit_h_min                  ? 
_reflns.limit_k_max                  ? 
_reflns.limit_k_min                  ? 
_reflns.limit_l_max                  ? 
_reflns.limit_l_min                  ? 
_reflns.observed_criterion_F_max     ? 
_reflns.observed_criterion_F_min     ? 
_reflns.pdbx_chi_squared             ? 
_reflns.pdbx_scaling_rejects         ? 
_reflns.pdbx_ordinal                 1 
_reflns.pdbx_diffrn_id               1 
# 
_reflns_shell.d_res_high             3.0445 
_reflns_shell.d_res_low              3.16 
_reflns_shell.percent_possible_all   82.3 
_reflns_shell.Rmerge_I_obs           ? 
_reflns_shell.pdbx_Rsym_value        ? 
_reflns_shell.meanI_over_sigI_obs    ? 
_reflns_shell.pdbx_redundancy        ? 
_reflns_shell.percent_possible_obs   ? 
_reflns_shell.number_unique_all      ? 
_reflns_shell.number_measured_all    ? 
_reflns_shell.number_measured_obs    ? 
_reflns_shell.number_unique_obs      ? 
_reflns_shell.pdbx_chi_squared       ? 
_reflns_shell.pdbx_ordinal           1 
_reflns_shell.pdbx_diffrn_id         1 
# 
_refine.entry_id                                 4ENK 
_refine.ls_number_reflns_obs                     4797 
_refine.ls_number_reflns_all                     4797 
_refine.pdbx_ls_sigma_I                          ? 
_refine.pdbx_ls_sigma_F                          0.17 
_refine.pdbx_data_cutoff_high_absF               ? 
_refine.pdbx_data_cutoff_low_absF                ? 
_refine.pdbx_data_cutoff_high_rms_absF           ? 
_refine.ls_d_res_low                             34.879 
_refine.ls_d_res_high                            3.0445 
_refine.ls_percent_reflns_obs                    90.19 
_refine.ls_R_factor_obs                          0.2544 
_refine.ls_R_factor_all                          0.2544 
_refine.ls_R_factor_R_work                       0.2499 
_refine.ls_R_factor_R_free                       0.2952 
_refine.ls_R_factor_R_free_error                 ? 
_refine.ls_R_factor_R_free_error_details         ? 
_refine.ls_percent_reflns_R_free                 10.09 
_refine.ls_number_reflns_R_free                  484 
_refine.ls_number_parameters                     ? 
_refine.ls_number_restraints                     ? 
_refine.occupancy_min                            ? 
_refine.occupancy_max                            ? 
_refine.correlation_coeff_Fo_to_Fc               ? 
_refine.correlation_coeff_Fo_to_Fc_free          ? 
_refine.B_iso_mean                               ? 
_refine.aniso_B[1][1]                            24.9246 
_refine.aniso_B[2][2]                            24.9246 
_refine.aniso_B[3][3]                            -49.8492 
_refine.aniso_B[1][2]                            -0.0000 
_refine.aniso_B[1][3]                            -0.0000 
_refine.aniso_B[2][3]                            -0.0000 
_refine.solvent_model_details                    'FLAT BULK SOLVENT MODEL' 
_refine.solvent_model_param_ksol                 0.239 
_refine.solvent_model_param_bsol                 66.536 
_refine.pdbx_solvent_vdw_probe_radii             1.11 
_refine.pdbx_solvent_ion_probe_radii             ? 
_refine.pdbx_solvent_shrinkage_radii             0.90 
_refine.pdbx_ls_cross_valid_method               ? 
_refine.details                                  ? 
_refine.pdbx_starting_model                      'PDB ENTRY 3GVA' 
_refine.pdbx_method_to_determine_struct          'MOLECULAR REPLACEMENT' 
_refine.pdbx_isotropic_thermal_model             ? 
_refine.pdbx_stereochemistry_target_values       ML 
_refine.pdbx_stereochem_target_val_spec_case     ? 
_refine.pdbx_R_Free_selection_details            RANDOM 
_refine.pdbx_overall_ESU_R                       ? 
_refine.pdbx_overall_ESU_R_Free                  ? 
_refine.overall_SU_ML                            0.28 
_refine.pdbx_overall_phase_error                 38.20 
_refine.overall_SU_B                             ? 
_refine.overall_SU_R_Cruickshank_DPI             ? 
_refine.ls_redundancy_reflns_obs                 ? 
_refine.B_iso_min                                ? 
_refine.B_iso_max                                ? 
_refine.overall_SU_R_free                        ? 
_refine.ls_wR_factor_R_free                      ? 
_refine.ls_wR_factor_R_work                      ? 
_refine.overall_FOM_free_R_set                   ? 
_refine.overall_FOM_work_R_set                   ? 
_refine.pdbx_diffrn_id                           1 
_refine.pdbx_refine_id                           'X-RAY DIFFRACTION' 
_refine.pdbx_TLS_residual_ADP_flag               ? 
_refine.pdbx_overall_SU_R_free_Cruickshank_DPI   ? 
_refine.pdbx_overall_SU_R_Blow_DPI               ? 
_refine.pdbx_overall_SU_R_free_Blow_DPI          ? 
# 
_refine_hist.pdbx_refine_id                   'X-RAY DIFFRACTION' 
_refine_hist.cycle_id                         LAST 
_refine_hist.pdbx_number_atoms_protein        890 
_refine_hist.pdbx_number_atoms_nucleic_acid   530 
_refine_hist.pdbx_number_atoms_ligand         0 
_refine_hist.number_atoms_solvent             1 
_refine_hist.number_atoms_total               1421 
_refine_hist.d_res_high                       3.0445 
_refine_hist.d_res_low                        34.879 
# 
loop_
_refine_ls_restr.type 
_refine_ls_restr.dev_ideal 
_refine_ls_restr.dev_ideal_target 
_refine_ls_restr.weight 
_refine_ls_restr.number 
_refine_ls_restr.pdbx_restraint_function 
_refine_ls_restr.pdbx_refine_id 
f_bond_d           0.010  ? ? 1516 ? 'X-RAY DIFFRACTION' 
f_angle_d          1.651  ? ? 2158 ? 'X-RAY DIFFRACTION' 
f_dihedral_angle_d 27.221 ? ? 619  ? 'X-RAY DIFFRACTION' 
f_chiral_restr     0.088  ? ? 227  ? 'X-RAY DIFFRACTION' 
f_plane_restr      0.008  ? ? 188  ? 'X-RAY DIFFRACTION' 
# 
loop_
_refine_ls_shell.pdbx_total_number_of_bins_used 
_refine_ls_shell.d_res_high 
_refine_ls_shell.d_res_low 
_refine_ls_shell.number_reflns_R_work 
_refine_ls_shell.R_factor_R_work 
_refine_ls_shell.percent_reflns_obs 
_refine_ls_shell.R_factor_R_free 
_refine_ls_shell.R_factor_R_free_error 
_refine_ls_shell.percent_reflns_R_free 
_refine_ls_shell.number_reflns_R_free 
_refine_ls_shell.number_reflns_all 
_refine_ls_shell.R_factor_all 
_refine_ls_shell.number_reflns_obs 
_refine_ls_shell.redundancy_reflns_obs 
_refine_ls_shell.pdbx_refine_id 
. 3.0445 3.4847  1163 0.3183 76.00 0.4325 . . 131 . . . . 'X-RAY DIFFRACTION' 
. 3.4847 4.3890  1467 0.2605 95.00 0.3347 . . 167 . . . . 'X-RAY DIFFRACTION' 
. 4.3890 34.8812 1683 0.2325 99.00 0.2623 . . 186 . . . . 'X-RAY DIFFRACTION' 
# 
_struct.entry_id                  4ENK 
_struct.title                     'Crystal structure of S. pombe Atl1 in complex with damaged DNA containing O6-propylguanine' 
_struct.pdbx_model_details        ? 
_struct.pdbx_CASP_flag            ? 
_struct.pdbx_model_type_details   ? 
# 
_struct_keywords.entry_id        4ENK 
_struct_keywords.pdbx_keywords   'DNA BINDING PROTEIN/DNA' 
_struct_keywords.text            
;Alkyltransferase, DNA repair, nucleotide excision repair, NER, base repair, DNA, DNA Damage, Guanine, Alkylation, DNA BINDING PROTEIN-DNA complex
;
# 
loop_
_struct_asym.id 
_struct_asym.pdbx_blank_PDB_chainid_flag 
_struct_asym.pdbx_modified 
_struct_asym.entity_id 
_struct_asym.details 
A N N 1 ? 
B N N 2 ? 
C N N 3 ? 
D N N 4 ? 
# 
_struct_biol.id        1 
_struct_biol.details   ? 
# 
loop_
_struct_conf.conf_type_id 
_struct_conf.id 
_struct_conf.pdbx_PDB_helix_id 
_struct_conf.beg_label_comp_id 
_struct_conf.beg_label_asym_id 
_struct_conf.beg_label_seq_id 
_struct_conf.pdbx_beg_PDB_ins_code 
_struct_conf.end_label_comp_id 
_struct_conf.end_label_asym_id 
_struct_conf.end_label_seq_id 
_struct_conf.pdbx_end_PDB_ins_code 
_struct_conf.beg_auth_comp_id 
_struct_conf.beg_auth_asym_id 
_struct_conf.beg_auth_seq_id 
_struct_conf.end_auth_comp_id 
_struct_conf.end_auth_asym_id 
_struct_conf.end_auth_seq_id 
_struct_conf.pdbx_PDB_helix_class 
_struct_conf.details 
_struct_conf.pdbx_PDB_helix_length 
HELX_P HELX_P1 1 ARG A 2   ? ILE A 17  ? ARG A 2   ILE A 17  1 ? 16 
HELX_P HELX_P2 2 TYR A 25  ? VAL A 32  ? TYR A 25  VAL A 32  1 ? 8  
HELX_P HELX_P3 3 ALA A 38  ? HIS A 47  ? ALA A 38  HIS A 47  1 ? 10 
HELX_P HELX_P4 4 GLU A 75  ? GLU A 84  ? GLU A 75  GLU A 84  1 ? 10 
HELX_P HELX_P5 5 ASN A 100 ? MET A 105 ? ASN A 100 MET A 105 1 ? 6  
# 
_struct_conf_type.id          HELX_P 
_struct_conf_type.criteria    ? 
_struct_conf_type.reference   ? 
# 
loop_
_struct_conn.id 
_struct_conn.conn_type_id 
_struct_conn.pdbx_leaving_atom_flag 
_struct_conn.pdbx_PDB_id 
_struct_conn.ptnr1_label_asym_id 
_struct_conn.ptnr1_label_comp_id 
_struct_conn.ptnr1_label_seq_id 
_struct_conn.ptnr1_label_atom_id 
_struct_conn.pdbx_ptnr1_label_alt_id 
_struct_conn.pdbx_ptnr1_PDB_ins_code 
_struct_conn.pdbx_ptnr1_standard_comp_id 
_struct_conn.ptnr1_symmetry 
_struct_conn.ptnr2_label_asym_id 
_struct_conn.ptnr2_label_comp_id 
_struct_conn.ptnr2_label_seq_id 
_struct_conn.ptnr2_label_atom_id 
_struct_conn.pdbx_ptnr2_label_alt_id 
_struct_conn.pdbx_ptnr2_PDB_ins_code 
_struct_conn.ptnr1_auth_asym_id 
_struct_conn.ptnr1_auth_comp_id 
_struct_conn.ptnr1_auth_seq_id 
_struct_conn.ptnr2_auth_asym_id 
_struct_conn.ptnr2_auth_comp_id 
_struct_conn.ptnr2_auth_seq_id 
_struct_conn.ptnr2_symmetry 
_struct_conn.pdbx_ptnr3_label_atom_id 
_struct_conn.pdbx_ptnr3_label_seq_id 
_struct_conn.pdbx_ptnr3_label_comp_id 
_struct_conn.pdbx_ptnr3_label_asym_id 
_struct_conn.pdbx_ptnr3_label_alt_id 
_struct_conn.pdbx_ptnr3_PDB_ins_code 
_struct_conn.details 
_struct_conn.pdbx_dist_value 
_struct_conn.pdbx_value_order 
_struct_conn.pdbx_role 
covale1  covale both ? B DG 6  "O3'" ? ? ? 1_555 B 6PO 7  P  ? ? B DG 6  B 6PO 7  1_555 ? ? ? ? ? ? ?            1.600 ? ? 
hydrog1  hydrog ?    ? B DC 2  N4    ? ? ? 1_555 C DG  12 O6 ? ? B DC 2  C DG  25 1_555 ? ? ? ? ? ? 'DC-DG PAIR' ?     ? ? 
hydrog2  hydrog ?    ? B DC 2  N3    ? ? ? 1_555 C DG  13 N1 ? ? B DC 2  C DG  26 1_555 ? ? ? ? ? ? WATSON-CRICK ?     ? ? 
hydrog3  hydrog ?    ? B DC 2  N4    ? ? ? 1_555 C DG  13 O6 ? ? B DC 2  C DG  26 1_555 ? ? ? ? ? ? WATSON-CRICK ?     ? ? 
hydrog4  hydrog ?    ? B DC 2  O2    ? ? ? 1_555 C DG  13 N2 ? ? B DC 2  C DG  26 1_555 ? ? ? ? ? ? WATSON-CRICK ?     ? ? 
hydrog5  hydrog ?    ? B DC 3  N3    ? ? ? 1_555 C DG  12 N1 ? ? B DC 3  C DG  25 1_555 ? ? ? ? ? ? WATSON-CRICK ?     ? ? 
hydrog6  hydrog ?    ? B DC 3  N4    ? ? ? 1_555 C DG  12 O6 ? ? B DC 3  C DG  25 1_555 ? ? ? ? ? ? WATSON-CRICK ?     ? ? 
hydrog7  hydrog ?    ? B DC 3  O2    ? ? ? 1_555 C DG  12 N2 ? ? B DC 3  C DG  25 1_555 ? ? ? ? ? ? WATSON-CRICK ?     ? ? 
hydrog8  hydrog ?    ? B DA 4  N1    ? ? ? 1_555 C DT  11 N3 ? ? B DA 4  C DT  24 1_555 ? ? ? ? ? ? WATSON-CRICK ?     ? ? 
hydrog9  hydrog ?    ? B DA 4  N6    ? ? ? 1_555 C DT  11 O4 ? ? B DA 4  C DT  24 1_555 ? ? ? ? ? ? WATSON-CRICK ?     ? ? 
hydrog10 hydrog ?    ? B DT 5  N3    ? ? ? 1_555 C DA  10 N1 ? ? B DT 5  C DA  23 1_555 ? ? ? ? ? ? WATSON-CRICK ?     ? ? 
hydrog11 hydrog ?    ? B DT 5  O4    ? ? ? 1_555 C DA  10 N6 ? ? B DT 5  C DA  23 1_555 ? ? ? ? ? ? WATSON-CRICK ?     ? ? 
hydrog12 hydrog ?    ? B DG 6  N1    ? ? ? 1_555 C DC  9  N3 ? ? B DG 6  C DC  22 1_555 ? ? ? ? ? ? WATSON-CRICK ?     ? ? 
hydrog13 hydrog ?    ? B DG 6  N2    ? ? ? 1_555 C DC  9  O2 ? ? B DG 6  C DC  22 1_555 ? ? ? ? ? ? WATSON-CRICK ?     ? ? 
hydrog14 hydrog ?    ? B DG 6  O6    ? ? ? 1_555 C DC  9  N4 ? ? B DG 6  C DC  22 1_555 ? ? ? ? ? ? WATSON-CRICK ?     ? ? 
hydrog15 hydrog ?    ? B DC 8  N3    ? ? ? 1_555 C DG  7  N1 ? ? B DC 8  C DG  20 1_555 ? ? ? ? ? ? WATSON-CRICK ?     ? ? 
hydrog16 hydrog ?    ? B DC 8  N4    ? ? ? 1_555 C DG  7  O6 ? ? B DC 8  C DG  20 1_555 ? ? ? ? ? ? WATSON-CRICK ?     ? ? 
hydrog17 hydrog ?    ? B DC 8  O2    ? ? ? 1_555 C DG  7  N2 ? ? B DC 8  C DG  20 1_555 ? ? ? ? ? ? WATSON-CRICK ?     ? ? 
hydrog18 hydrog ?    ? B DT 9  O4    ? ? ? 1_555 C DA  6  N6 ? ? B DT 9  C DA  19 1_555 ? ? ? ? ? ? 'DT-DA PAIR' ?     ? ? 
hydrog19 hydrog ?    ? B DA 10 N1    ? ? ? 1_555 C DT  5  N3 ? ? B DA 10 C DT  18 1_555 ? ? ? ? ? ? WATSON-CRICK ?     ? ? 
hydrog20 hydrog ?    ? B DA 10 N6    ? ? ? 1_555 C DT  5  O4 ? ? B DA 10 C DT  18 1_555 ? ? ? ? ? ? WATSON-CRICK ?     ? ? 
hydrog21 hydrog ?    ? B DG 11 N1    ? ? ? 1_555 C DA  3  N1 ? ? B DG 11 C DA  16 1_555 ? ? ? ? ? ? TYPE_8_PAIR  ?     ? ? 
hydrog22 hydrog ?    ? B DG 11 O6    ? ? ? 1_555 C DA  3  N6 ? ? B DG 11 C DA  16 1_555 ? ? ? ? ? ? TYPE_8_PAIR  ?     ? ? 
hydrog23 hydrog ?    ? B DG 11 N1    ? ? ? 1_555 C DC  4  N3 ? ? B DG 11 C DC  17 1_555 ? ? ? ? ? ? WATSON-CRICK ?     ? ? 
hydrog24 hydrog ?    ? B DG 11 N2    ? ? ? 1_555 C DC  4  O2 ? ? B DG 11 C DC  17 1_555 ? ? ? ? ? ? WATSON-CRICK ?     ? ? 
hydrog25 hydrog ?    ? B DG 11 O6    ? ? ? 1_555 C DC  4  N4 ? ? B DG 11 C DC  17 1_555 ? ? ? ? ? ? WATSON-CRICK ?     ? ? 
hydrog26 hydrog ?    ? B DT 12 N3    ? ? ? 1_555 C DA  3  N1 ? ? B DT 12 C DA  16 1_555 ? ? ? ? ? ? WATSON-CRICK ?     ? ? 
hydrog27 hydrog ?    ? B DT 12 O4    ? ? ? 1_555 C DA  3  N6 ? ? B DT 12 C DA  16 1_555 ? ? ? ? ? ? WATSON-CRICK ?     ? ? 
hydrog28 hydrog ?    ? B DA 13 N1    ? ? ? 1_555 C DT  2  N3 ? ? B DA 13 C DT  15 1_555 ? ? ? ? ? ? WATSON-CRICK ?     ? ? 
hydrog29 hydrog ?    ? B DA 13 N6    ? ? ? 1_555 C DT  2  O4 ? ? B DA 13 C DT  15 1_555 ? ? ? ? ? ? WATSON-CRICK ?     ? ? 
# 
loop_
_struct_conn_type.id 
_struct_conn_type.criteria 
_struct_conn_type.reference 
covale ? ? 
hydrog ? ? 
# 
_struct_sheet.id               A 
_struct_sheet.type             ? 
_struct_sheet.number_strands   2 
_struct_sheet.details          ? 
# 
_struct_sheet_order.sheet_id     A 
_struct_sheet_order.range_id_1   1 
_struct_sheet_order.range_id_2   2 
_struct_sheet_order.offset       ? 
_struct_sheet_order.sense        parallel 
# 
loop_
_struct_sheet_range.sheet_id 
_struct_sheet_range.id 
_struct_sheet_range.beg_label_comp_id 
_struct_sheet_range.beg_label_asym_id 
_struct_sheet_range.beg_label_seq_id 
_struct_sheet_range.pdbx_beg_PDB_ins_code 
_struct_sheet_range.end_label_comp_id 
_struct_sheet_range.end_label_asym_id 
_struct_sheet_range.end_label_seq_id 
_struct_sheet_range.pdbx_end_PDB_ins_code 
_struct_sheet_range.beg_auth_comp_id 
_struct_sheet_range.beg_auth_asym_id 
_struct_sheet_range.beg_auth_seq_id 
_struct_sheet_range.end_auth_comp_id 
_struct_sheet_range.end_auth_asym_id 
_struct_sheet_range.end_auth_seq_id 
A 1 SER A 23 ? THR A 24 ? SER A 23 THR A 24 
A 2 VAL A 59 ? ILE A 60 ? VAL A 59 ILE A 60 
# 
_pdbx_struct_sheet_hbond.sheet_id                A 
_pdbx_struct_sheet_hbond.range_id_1              1 
_pdbx_struct_sheet_hbond.range_id_2              2 
_pdbx_struct_sheet_hbond.range_1_label_atom_id   N 
_pdbx_struct_sheet_hbond.range_1_label_comp_id   SER 
_pdbx_struct_sheet_hbond.range_1_label_asym_id   A 
_pdbx_struct_sheet_hbond.range_1_label_seq_id    23 
_pdbx_struct_sheet_hbond.range_1_PDB_ins_code    ? 
_pdbx_struct_sheet_hbond.range_1_auth_atom_id    N 
_pdbx_struct_sheet_hbond.range_1_auth_comp_id    SER 
_pdbx_struct_sheet_hbond.range_1_auth_asym_id    A 
_pdbx_struct_sheet_hbond.range_1_auth_seq_id     23 
_pdbx_struct_sheet_hbond.range_2_label_atom_id   O 
_pdbx_struct_sheet_hbond.range_2_label_comp_id   ILE 
_pdbx_struct_sheet_hbond.range_2_label_asym_id   A 
_pdbx_struct_sheet_hbond.range_2_label_seq_id    60 
_pdbx_struct_sheet_hbond.range_2_PDB_ins_code    ? 
_pdbx_struct_sheet_hbond.range_2_auth_atom_id    O 
_pdbx_struct_sheet_hbond.range_2_auth_comp_id    ILE 
_pdbx_struct_sheet_hbond.range_2_auth_asym_id    A 
_pdbx_struct_sheet_hbond.range_2_auth_seq_id     60 
# 
_atom_sites.entry_id                    4ENK 
_atom_sites.fract_transf_matrix[1][1]   -0.01350556 
_atom_sites.fract_transf_matrix[1][2]   -0.01345359 
_atom_sites.fract_transf_matrix[1][3]   -0.00363191 
_atom_sites.fract_transf_matrix[2][1]   -0.00873404 
_atom_sites.fract_transf_matrix[2][2]   -0.00919380 
_atom_sites.fract_transf_matrix[2][3]   0.01468957 
_atom_sites.fract_transf_matrix[3][1]   -0.00298993 
_atom_sites.fract_transf_matrix[3][2]   0.00297820 
_atom_sites.fract_transf_matrix[3][3]   0.00008624 
_atom_sites.fract_transf_vector[1]      0.301532 
_atom_sites.fract_transf_vector[2]      -0.399432 
_atom_sites.fract_transf_vector[3]      0.008730 
# 
loop_
_atom_type.symbol 
C 
N 
O 
P 
S 
# 
loop_
_atom_site.group_PDB 
_atom_site.id 
_atom_site.type_symbol 
_atom_site.label_atom_id 
_atom_site.label_alt_id 
_atom_site.label_comp_id 
_atom_site.label_asym_id 
_atom_site.label_entity_id 
_atom_site.label_seq_id 
_atom_site.pdbx_PDB_ins_code 
_atom_site.Cartn_x 
_atom_site.Cartn_y 
_atom_site.Cartn_z 
_atom_site.occupancy 
_atom_site.B_iso_or_equiv 
_atom_site.pdbx_formal_charge 
_atom_site.auth_seq_id 
_atom_site.auth_comp_id 
_atom_site.auth_asym_id 
_atom_site.auth_atom_id 
_atom_site.pdbx_PDB_model_num 
ATOM   1    N N     . MET A 1 1   ? -18.412 10.731  -9.405  1.00 143.78 ? 1   MET A N     1 
ATOM   2    C CA    . MET A 1 1   ? -18.074 10.283  -8.051  1.00 151.49 ? 1   MET A CA    1 
ATOM   3    C C     . MET A 1 1   ? -17.148 11.268  -7.321  1.00 150.21 ? 1   MET A C     1 
ATOM   4    O O     . MET A 1 1   ? -15.932 11.307  -7.572  1.00 149.34 ? 1   MET A O     1 
ATOM   5    C CB    . MET A 1 1   ? -17.458 8.877   -8.066  1.00 150.32 ? 1   MET A CB    1 
ATOM   6    C CG    . MET A 1 1   ? -17.103 8.341   -6.686  1.00 145.85 ? 1   MET A CG    1 
ATOM   7    S SD    . MET A 1 1   ? -15.806 7.091   -6.785  1.00 151.25 ? 1   MET A SD    1 
ATOM   8    C CE    . MET A 1 1   ? -16.741 5.731   -7.490  1.00 157.06 ? 1   MET A CE    1 
ATOM   9    N N     . ARG A 1 2   ? -17.741 12.057  -6.420  1.00 134.34 ? 2   ARG A N     1 
ATOM   10   C CA    . ARG A 1 2   ? -17.031 13.131  -5.729  1.00 130.34 ? 2   ARG A CA    1 
ATOM   11   C C     . ARG A 1 2   ? -15.949 12.535  -4.848  1.00 123.66 ? 2   ARG A C     1 
ATOM   12   O O     . ARG A 1 2   ? -16.048 11.376  -4.440  1.00 118.90 ? 2   ARG A O     1 
ATOM   13   C CB    . ARG A 1 2   ? -17.993 14.009  -4.904  1.00 133.22 ? 2   ARG A CB    1 
ATOM   14   C CG    . ARG A 1 2   ? -18.680 13.274  -3.749  1.00 130.79 ? 2   ARG A CG    1 
ATOM   15   C CD    . ARG A 1 2   ? -19.547 14.180  -2.916  1.00 125.99 ? 2   ARG A CD    1 
ATOM   16   N NE    . ARG A 1 2   ? -20.918 13.680  -2.893  1.00 130.10 ? 2   ARG A NE    1 
ATOM   17   C CZ    . ARG A 1 2   ? -21.334 12.630  -2.186  1.00 130.84 ? 2   ARG A CZ    1 
ATOM   18   N NH1   . ARG A 1 2   ? -20.485 11.949  -1.428  1.00 123.83 ? 2   ARG A NH1   1 
ATOM   19   N NH2   . ARG A 1 2   ? -22.611 12.262  -2.241  1.00 132.93 ? 2   ARG A NH2   1 
ATOM   20   N N     . MET A 1 3   ? -14.913 13.316  -4.560  1.00 120.07 ? 3   MET A N     1 
ATOM   21   C CA    . MET A 1 3   ? -13.754 12.754  -3.875  1.00 122.55 ? 3   MET A CA    1 
ATOM   22   C C     . MET A 1 3   ? -14.110 11.887  -2.653  1.00 120.48 ? 3   MET A C     1 
ATOM   23   O O     . MET A 1 3   ? -14.283 10.684  -2.807  1.00 120.79 ? 3   MET A O     1 
ATOM   24   C CB    . MET A 1 3   ? -12.682 13.810  -3.587  1.00 124.40 ? 3   MET A CB    1 
ATOM   25   C CG    . MET A 1 3   ? -11.295 13.420  -4.180  1.00 127.17 ? 3   MET A CG    1 
ATOM   26   S SD    . MET A 1 3   ? -11.344 11.990  -5.323  1.00 127.22 ? 3   MET A SD    1 
ATOM   27   C CE    . MET A 1 3   ? -9.662  11.873  -5.879  1.00 117.15 ? 3   MET A CE    1 
ATOM   28   N N     . ASP A 1 4   ? -14.206 12.484  -1.467  1.00 122.78 ? 4   ASP A N     1 
ATOM   29   C CA    . ASP A 1 4   ? -14.622 11.781  -0.240  1.00 121.33 ? 4   ASP A CA    1 
ATOM   30   C C     . ASP A 1 4   ? -15.216 10.384  -0.442  1.00 119.60 ? 4   ASP A C     1 
ATOM   31   O O     . ASP A 1 4   ? -14.904 9.481   0.326   1.00 120.91 ? 4   ASP A O     1 
ATOM   32   C CB    . ASP A 1 4   ? -15.625 12.624  0.553   1.00 125.31 ? 4   ASP A CB    1 
ATOM   33   C CG    . ASP A 1 4   ? -16.855 13.002  -0.278  1.00 122.48 ? 4   ASP A CG    1 
ATOM   34   O OD1   . ASP A 1 4   ? -17.857 12.254  -0.252  1.00 121.98 ? 4   ASP A OD1   1 
ATOM   35   O OD2   . ASP A 1 4   ? -16.801 14.038  -0.972  1.00 118.71 ? 4   ASP A OD2   1 
ATOM   36   N N     . GLU A 1 5   ? -16.109 10.229  -1.422  1.00 129.62 ? 5   GLU A N     1 
ATOM   37   C CA    . GLU A 1 5   ? -16.661 8.924   -1.790  1.00 132.42 ? 5   GLU A CA    1 
ATOM   38   C C     . GLU A 1 5   ? -15.543 7.950   -2.065  1.00 126.26 ? 5   GLU A C     1 
ATOM   39   O O     . GLU A 1 5   ? -15.356 6.953   -1.374  1.00 122.02 ? 5   GLU A O     1 
ATOM   40   C CB    . GLU A 1 5   ? -17.456 9.038   -3.084  1.00 134.13 ? 5   GLU A CB    1 
ATOM   41   C CG    . GLU A 1 5   ? -18.654 9.905   -3.000  1.00 134.29 ? 5   GLU A CG    1 
ATOM   42   C CD    . GLU A 1 5   ? -19.638 9.598   -4.089  1.00 140.29 ? 5   GLU A CD    1 
ATOM   43   O OE1   . GLU A 1 5   ? -20.452 8.669   -3.900  1.00 142.58 ? 5   GLU A OE1   1 
ATOM   44   O OE2   . GLU A 1 5   ? -19.590 10.277  -5.135  1.00 144.80 ? 5   GLU A OE2   1 
ATOM   45   N N     . PHE A 1 6   ? -14.830 8.259   -3.132  1.00 113.53 ? 6   PHE A N     1 
ATOM   46   C CA    . PHE A 1 6   ? -13.660 7.529   -3.522  1.00 118.04 ? 6   PHE A CA    1 
ATOM   47   C C     . PHE A 1 6   ? -12.791 7.262   -2.302  1.00 118.70 ? 6   PHE A C     1 
ATOM   48   O O     . PHE A 1 6   ? -12.380 6.120   -2.043  1.00 113.99 ? 6   PHE A O     1 
ATOM   49   C CB    . PHE A 1 6   ? -12.894 8.357   -4.533  1.00 117.56 ? 6   PHE A CB    1 
ATOM   50   C CG    . PHE A 1 6   ? -11.526 7.842   -4.812  1.00 116.43 ? 6   PHE A CG    1 
ATOM   51   C CD1   . PHE A 1 6   ? -11.353 6.713   -5.582  1.00 114.70 ? 6   PHE A CD1   1 
ATOM   52   C CD2   . PHE A 1 6   ? -10.403 8.495   -4.321  1.00 118.65 ? 6   PHE A CD2   1 
ATOM   53   C CE1   . PHE A 1 6   ? -10.086 6.237   -5.857  1.00 121.42 ? 6   PHE A CE1   1 
ATOM   54   C CE2   . PHE A 1 6   ? -9.121  8.019   -4.593  1.00 113.07 ? 6   PHE A CE2   1 
ATOM   55   C CZ    . PHE A 1 6   ? -8.965  6.892   -5.363  1.00 118.39 ? 6   PHE A CZ    1 
ATOM   56   N N     . TYR A 1 7   ? -12.524 8.310   -1.534  1.00 124.19 ? 7   TYR A N     1 
ATOM   57   C CA    . TYR A 1 7   ? -11.656 8.143   -0.385  1.00 120.15 ? 7   TYR A CA    1 
ATOM   58   C C     . TYR A 1 7   ? -12.177 6.994   0.474   1.00 118.45 ? 7   TYR A C     1 
ATOM   59   O O     . TYR A 1 7   ? -11.433 6.080   0.780   1.00 117.83 ? 7   TYR A O     1 
ATOM   60   C CB    . TYR A 1 7   ? -11.456 9.472   0.371   1.00 122.53 ? 7   TYR A CB    1 
ATOM   61   C CG    . TYR A 1 7   ? -10.314 10.318  -0.194  1.00 124.21 ? 7   TYR A CG    1 
ATOM   62   C CD1   . TYR A 1 7   ? -10.463 11.020  -1.390  1.00 127.50 ? 7   TYR A CD1   1 
ATOM   63   C CD2   . TYR A 1 7   ? -9.076  10.397  0.454   1.00 122.34 ? 7   TYR A CD2   1 
ATOM   64   C CE1   . TYR A 1 7   ? -9.406  11.790  -1.928  1.00 126.38 ? 7   TYR A CE1   1 
ATOM   65   C CE2   . TYR A 1 7   ? -8.020  11.166  -0.076  1.00 119.10 ? 7   TYR A CE2   1 
ATOM   66   C CZ    . TYR A 1 7   ? -8.189  11.852  -1.262  1.00 121.67 ? 7   TYR A CZ    1 
ATOM   67   O OH    . TYR A 1 7   ? -7.146  12.607  -1.769  1.00 120.09 ? 7   TYR A OH    1 
ATOM   68   N N     . THR A 1 8   ? -13.463 7.006   0.808   1.00 119.98 ? 8   THR A N     1 
ATOM   69   C CA    . THR A 1 8   ? -14.062 5.888   1.544   1.00 122.22 ? 8   THR A CA    1 
ATOM   70   C C     . THR A 1 8   ? -13.866 4.536   0.825   1.00 123.50 ? 8   THR A C     1 
ATOM   71   O O     . THR A 1 8   ? -13.327 3.584   1.392   1.00 120.54 ? 8   THR A O     1 
ATOM   72   C CB    . THR A 1 8   ? -15.574 6.126   1.822   1.00 117.06 ? 8   THR A CB    1 
ATOM   73   O OG1   . THR A 1 8   ? -15.729 7.153   2.812   1.00 116.86 ? 8   THR A OG1   1 
ATOM   74   C CG2   . THR A 1 8   ? -16.240 4.843   2.315   1.00 121.39 ? 8   THR A CG2   1 
ATOM   75   N N     . LYS A 1 9   ? -14.311 4.471   -0.425  1.00 138.88 ? 9   LYS A N     1 
ATOM   76   C CA    . LYS A 1 9   ? -14.293 3.234   -1.200  1.00 135.82 ? 9   LYS A CA    1 
ATOM   77   C C     . LYS A 1 9   ? -12.956 2.525   -1.069  1.00 136.02 ? 9   LYS A C     1 
ATOM   78   O O     . LYS A 1 9   ? -12.892 1.321   -0.820  1.00 136.64 ? 9   LYS A O     1 
ATOM   79   C CB    . LYS A 1 9   ? -14.604 3.539   -2.669  1.00 137.06 ? 9   LYS A CB    1 
ATOM   80   C CG    . LYS A 1 9   ? -16.031 4.037   -2.886  1.00 140.76 ? 9   LYS A CG    1 
ATOM   81   C CD    . LYS A 1 9   ? -16.374 4.175   -4.365  1.00 143.52 ? 9   LYS A CD    1 
ATOM   82   C CE    . LYS A 1 9   ? -15.848 3.006   -5.216  1.00 147.54 ? 9   LYS A CE    1 
ATOM   83   N NZ    . LYS A 1 9   ? -16.473 1.664   -4.967  1.00 143.60 ? 9   LYS A NZ    1 
ATOM   84   N N     . VAL A 1 10  ? -11.882 3.288   -1.234  1.00 110.85 ? 10  VAL A N     1 
ATOM   85   C CA    . VAL A 1 10  ? -10.532 2.748   -1.099  1.00 109.38 ? 10  VAL A CA    1 
ATOM   86   C C     . VAL A 1 10  ? -10.315 2.137   0.282   1.00 113.77 ? 10  VAL A C     1 
ATOM   87   O O     . VAL A 1 10  ? -9.863  0.994   0.412   1.00 112.27 ? 10  VAL A O     1 
ATOM   88   C CB    . VAL A 1 10  ? -9.473  3.849   -1.257  1.00 103.34 ? 10  VAL A CB    1 
ATOM   89   C CG1   . VAL A 1 10  ? -8.093  3.299   -0.993  1.00 101.64 ? 10  VAL A CG1   1 
ATOM   90   C CG2   . VAL A 1 10  ? -9.558  4.513   -2.622  1.00 99.64  ? 10  VAL A CG2   1 
ATOM   91   N N     . TYR A 1 11  ? -10.607 2.924   1.315   1.00 135.22 ? 11  TYR A N     1 
ATOM   92   C CA    . TYR A 1 11  ? -10.428 2.480   2.694   1.00 135.81 ? 11  TYR A CA    1 
ATOM   93   C C     . TYR A 1 11  ? -11.167 1.166   2.963   1.00 139.58 ? 11  TYR A C     1 
ATOM   94   O O     . TYR A 1 11  ? -10.551 0.209   3.450   1.00 141.53 ? 11  TYR A O     1 
ATOM   95   C CB    . TYR A 1 11  ? -10.858 3.559   3.703   1.00 133.54 ? 11  TYR A CB    1 
ATOM   96   C CG    . TYR A 1 11  ? -10.023 4.831   3.682   1.00 131.73 ? 11  TYR A CG    1 
ATOM   97   C CD1   . TYR A 1 11  ? -10.534 6.009   3.138   1.00 135.56 ? 11  TYR A CD1   1 
ATOM   98   C CD2   . TYR A 1 11  ? -8.731  4.868   4.215   1.00 126.09 ? 11  TYR A CD2   1 
ATOM   99   C CE1   . TYR A 1 11  ? -9.773  7.181   3.108   1.00 134.79 ? 11  TYR A CE1   1 
ATOM   100  C CE2   . TYR A 1 11  ? -7.972  6.042   4.185   1.00 123.51 ? 11  TYR A CE2   1 
ATOM   101  C CZ    . TYR A 1 11  ? -8.494  7.192   3.640   1.00 129.62 ? 11  TYR A CZ    1 
ATOM   102  O OH    . TYR A 1 11  ? -7.738  8.350   3.616   1.00 131.73 ? 11  TYR A OH    1 
ATOM   103  N N     . ASP A 1 12  ? -12.471 1.127   2.661   1.00 141.51 ? 12  ASP A N     1 
ATOM   104  C CA    . ASP A 1 12  ? -13.267 -0.088  2.785   1.00 140.31 ? 12  ASP A CA    1 
ATOM   105  C C     . ASP A 1 12  ? -12.417 -1.228  2.256   1.00 148.62 ? 12  ASP A C     1 
ATOM   106  O O     . ASP A 1 12  ? -12.281 -2.268  2.896   1.00 150.47 ? 12  ASP A O     1 
ATOM   107  C CB    . ASP A 1 12  ? -14.560 0.019   1.967   1.00 143.81 ? 12  ASP A CB    1 
ATOM   108  C CG    . ASP A 1 12  ? -15.616 0.926   2.611   1.00 144.03 ? 12  ASP A CG    1 
ATOM   109  O OD1   . ASP A 1 12  ? -15.719 1.006   3.855   1.00 139.26 ? 12  ASP A OD1   1 
ATOM   110  O OD2   . ASP A 1 12  ? -16.364 1.546   1.832   1.00 136.32 ? 12  ASP A OD2   1 
ATOM   111  N N     . ALA A 1 13  ? -11.799 -0.991  1.102   1.00 133.16 ? 13  ALA A N     1 
ATOM   112  C CA    . ALA A 1 13  ? -10.988 -1.994  0.436   1.00 125.42 ? 13  ALA A CA    1 
ATOM   113  C C     . ALA A 1 13  ? -9.744  -2.429  1.208   1.00 125.19 ? 13  ALA A C     1 
ATOM   114  O O     . ALA A 1 13  ? -9.535  -3.615  1.400   1.00 135.56 ? 13  ALA A O     1 
ATOM   115  C CB    . ALA A 1 13  ? -10.648 -1.547  -0.979  1.00 119.98 ? 13  ALA A CB    1 
ATOM   116  N N     . VAL A 1 14  ? -8.912  -1.502  1.668   1.00 117.69 ? 14  VAL A N     1 
ATOM   117  C CA    . VAL A 1 14  ? -7.666  -1.925  2.331   1.00 119.96 ? 14  VAL A CA    1 
ATOM   118  C C     . VAL A 1 14  ? -7.938  -2.613  3.661   1.00 121.52 ? 14  VAL A C     1 
ATOM   119  O O     . VAL A 1 14  ? -7.020  -3.166  4.263   1.00 120.57 ? 14  VAL A O     1 
ATOM   120  C CB    . VAL A 1 14  ? -6.637  -0.790  2.524   1.00 113.53 ? 14  VAL A CB    1 
ATOM   121  C CG1   . VAL A 1 14  ? -5.441  -1.274  3.314   1.00 112.96 ? 14  VAL A CG1   1 
ATOM   122  C CG2   . VAL A 1 14  ? -6.194  -0.272  1.189   1.00 110.18 ? 14  VAL A CG2   1 
ATOM   123  N N     . CYS A 1 15  ? -9.188  -2.562  4.129   1.00 138.36 ? 15  CYS A N     1 
ATOM   124  C CA    . CYS A 1 15  ? -9.585  -3.373  5.276   1.00 140.25 ? 15  CYS A CA    1 
ATOM   125  C C     . CYS A 1 15  ? -9.867  -4.783  4.775   1.00 143.69 ? 15  CYS A C     1 
ATOM   126  O O     . CYS A 1 15  ? -9.709  -5.763  5.509   1.00 142.10 ? 15  CYS A O     1 
ATOM   127  C CB    . CYS A 1 15  ? -10.784 -2.777  6.032   1.00 139.57 ? 15  CYS A CB    1 
ATOM   128  S SG    . CYS A 1 15  ? -10.384 -1.328  7.068   1.00 127.47 ? 15  CYS A SG    1 
ATOM   129  N N     . GLU A 1 16  ? -10.234 -4.879  3.496   1.00 158.10 ? 16  GLU A N     1 
ATOM   130  C CA    . GLU A 1 16  ? -10.446 -6.183  2.845   1.00 157.43 ? 16  GLU A CA    1 
ATOM   131  C C     . GLU A 1 16  ? -9.201  -7.081  2.797   1.00 152.38 ? 16  GLU A C     1 
ATOM   132  O O     . GLU A 1 16  ? -9.317  -8.292  3.005   1.00 155.40 ? 16  GLU A O     1 
ATOM   133  C CB    . GLU A 1 16  ? -11.014 -6.045  1.419   1.00 157.86 ? 16  GLU A CB    1 
ATOM   134  C CG    . GLU A 1 16  ? -12.453 -5.514  1.328   1.00 147.92 ? 16  GLU A CG    1 
ATOM   135  C CD    . GLU A 1 16  ? -13.091 -5.769  -0.042  1.00 147.39 ? 16  GLU A CD    1 
ATOM   136  O OE1   . GLU A 1 16  ? -12.896 -6.863  -0.620  1.00 143.96 ? 16  GLU A OE1   1 
ATOM   137  O OE2   . GLU A 1 16  ? -13.790 -4.867  -0.553  1.00 153.63 ? 16  GLU A OE2   1 
ATOM   138  N N     . ILE A 1 17  ? -8.028  -6.503  2.522   1.00 149.92 ? 17  ILE A N     1 
ATOM   139  C CA    . ILE A 1 17  ? -6.787  -7.296  2.458   1.00 155.41 ? 17  ILE A CA    1 
ATOM   140  C C     . ILE A 1 17  ? -6.545  -8.083  3.742   1.00 153.75 ? 17  ILE A C     1 
ATOM   141  O O     . ILE A 1 17  ? -6.787  -7.591  4.846   1.00 155.09 ? 17  ILE A O     1 
ATOM   142  C CB    . ILE A 1 17  ? -5.533  -6.436  2.219   1.00 150.71 ? 17  ILE A CB    1 
ATOM   143  C CG1   . ILE A 1 17  ? -5.772  -5.394  1.126   1.00 148.44 ? 17  ILE A CG1   1 
ATOM   144  C CG2   . ILE A 1 17  ? -4.308  -7.320  1.930   1.00 148.06 ? 17  ILE A CG2   1 
ATOM   145  C CD1   . ILE A 1 17  ? -4.554  -4.508  0.903   1.00 142.14 ? 17  ILE A CD1   1 
ATOM   146  N N     . PRO A 1 18  ? -6.092  -9.324  3.587   1.00 149.99 ? 18  PRO A N     1 
ATOM   147  C CA    . PRO A 1 18  ? -5.739  -10.244 4.671   1.00 152.45 ? 18  PRO A CA    1 
ATOM   148  C C     . PRO A 1 18  ? -4.321  -10.044 5.177   1.00 150.98 ? 18  PRO A C     1 
ATOM   149  O O     . PRO A 1 18  ? -3.443  -9.565  4.457   1.00 149.42 ? 18  PRO A O     1 
ATOM   150  C CB    . PRO A 1 18  ? -5.808  -11.628 4.002   1.00 153.22 ? 18  PRO A CB    1 
ATOM   151  C CG    . PRO A 1 18  ? -6.583  -11.420 2.750   1.00 157.26 ? 18  PRO A CG    1 
ATOM   152  C CD    . PRO A 1 18  ? -6.229  -10.028 2.308   1.00 153.48 ? 18  PRO A CD    1 
ATOM   153  N N     . TYR A 1 19  ? -4.105  -10.453 6.421   1.00 162.22 ? 19  TYR A N     1 
ATOM   154  C CA    . TYR A 1 19  ? -2.789  -10.404 7.033   1.00 164.58 ? 19  TYR A CA    1 
ATOM   155  C C     . TYR A 1 19  ? -1.768  -11.083 6.119   1.00 167.68 ? 19  TYR A C     1 
ATOM   156  O O     . TYR A 1 19  ? -2.078  -12.095 5.471   1.00 167.69 ? 19  TYR A O     1 
ATOM   157  C CB    . TYR A 1 19  ? -2.828  -11.113 8.388   1.00 166.76 ? 19  TYR A CB    1 
ATOM   158  C CG    . TYR A 1 19  ? -1.527  -11.057 9.168   1.00 168.95 ? 19  TYR A CG    1 
ATOM   159  C CD1   . TYR A 1 19  ? -0.530  -12.017 8.969   1.00 169.79 ? 19  TYR A CD1   1 
ATOM   160  C CD2   . TYR A 1 19  ? -1.302  -10.043 10.106  1.00 168.78 ? 19  TYR A CD2   1 
ATOM   161  C CE1   . TYR A 1 19  ? 0.667   -11.972 9.673   1.00 168.60 ? 19  TYR A CE1   1 
ATOM   162  C CE2   . TYR A 1 19  ? -0.117  -9.975  10.823  1.00 169.67 ? 19  TYR A CE2   1 
ATOM   163  C CZ    . TYR A 1 19  ? 0.869   -10.959 10.612  1.00 168.93 ? 19  TYR A CZ    1 
ATOM   164  O OH    . TYR A 1 19  ? 2.058   -10.910 11.316  1.00 167.23 ? 19  TYR A OH    1 
ATOM   165  N N     . GLY A 1 20  ? -0.554  -10.533 6.073   1.00 175.20 ? 20  GLY A N     1 
ATOM   166  C CA    . GLY A 1 20  ? 0.522   -11.137 5.312   1.00 174.22 ? 20  GLY A CA    1 
ATOM   167  C C     . GLY A 1 20  ? 0.364   -10.785 3.843   1.00 177.33 ? 20  GLY A C     1 
ATOM   168  O O     . GLY A 1 20  ? 1.327   -10.384 3.199   1.00 179.86 ? 20  GLY A O     1 
ATOM   169  N N     . LYS A 1 21  ? -0.849  -10.919 3.306   1.00 159.46 ? 21  LYS A N     1 
ATOM   170  C CA    . LYS A 1 21  ? -1.091  -10.628 1.887   1.00 154.46 ? 21  LYS A CA    1 
ATOM   171  C C     . LYS A 1 21  ? -1.104  -9.119  1.645   1.00 152.13 ? 21  LYS A C     1 
ATOM   172  O O     . LYS A 1 21  ? -1.119  -8.365  2.608   1.00 152.77 ? 21  LYS A O     1 
ATOM   173  C CB    . LYS A 1 21  ? -2.379  -11.306 1.401   1.00 156.67 ? 21  LYS A CB    1 
ATOM   174  C CG    . LYS A 1 21  ? -2.248  -12.831 1.257   1.00 155.89 ? 21  LYS A CG    1 
ATOM   175  C CD    . LYS A 1 21  ? -1.093  -13.158 0.308   1.00 153.89 ? 21  LYS A CD    1 
ATOM   176  C CE    . LYS A 1 21  ? -1.258  -14.530 -0.331  1.00 153.32 ? 21  LYS A CE    1 
ATOM   177  N NZ    . LYS A 1 21  ? -0.600  -14.662 -1.668  1.00 147.29 ? 21  LYS A NZ    1 
ATOM   178  N N     . VAL A 1 22  ? -1.082  -8.678  0.381   1.00 149.23 ? 22  VAL A N     1 
ATOM   179  C CA    . VAL A 1 22  ? -0.874  -7.245  0.050   1.00 144.03 ? 22  VAL A CA    1 
ATOM   180  C C     . VAL A 1 22  ? -1.360  -6.827  -1.365  1.00 140.77 ? 22  VAL A C     1 
ATOM   181  O O     . VAL A 1 22  ? -1.677  -7.676  -2.199  1.00 144.54 ? 22  VAL A O     1 
ATOM   182  C CB    . VAL A 1 22  ? 0.603   -6.833  0.186   1.00 139.58 ? 22  VAL A CB    1 
ATOM   183  C CG1   . VAL A 1 22  ? 1.245   -7.484  1.417   1.00 135.77 ? 22  VAL A CG1   1 
ATOM   184  C CG2   . VAL A 1 22  ? 1.379   -7.211  -1.067  1.00 142.83 ? 22  VAL A CG2   1 
ATOM   185  N N     . SER A 1 23  ? -1.399  -5.524  -1.654  1.00 125.17 ? 23  SER A N     1 
ATOM   186  C CA    . SER A 1 23  ? -1.780  -5.070  -2.999  1.00 123.24 ? 23  SER A CA    1 
ATOM   187  C C     . SER A 1 23  ? -1.000  -3.828  -3.424  1.00 117.42 ? 23  SER A C     1 
ATOM   188  O O     . SER A 1 23  ? -0.157  -3.336  -2.676  1.00 115.84 ? 23  SER A O     1 
ATOM   189  C CB    . SER A 1 23  ? -3.291  -4.839  -3.107  1.00 114.38 ? 23  SER A CB    1 
ATOM   190  O OG    . SER A 1 23  ? -3.735  -5.052  -4.436  1.00 106.94 ? 23  SER A OG    1 
ATOM   191  N N     . THR A 1 24  ? -1.264  -3.334  -4.630  1.00 110.34 ? 24  THR A N     1 
ATOM   192  C CA    . THR A 1 24  ? -0.583  -2.129  -5.099  1.00 111.70 ? 24  THR A CA    1 
ATOM   193  C C     . THR A 1 24  ? -1.525  -0.966  -5.371  1.00 113.46 ? 24  THR A C     1 
ATOM   194  O O     . THR A 1 24  ? -2.743  -1.121  -5.380  1.00 113.44 ? 24  THR A O     1 
ATOM   195  C CB    . THR A 1 24  ? 0.309   -2.367  -6.337  1.00 115.15 ? 24  THR A CB    1 
ATOM   196  O OG1   . THR A 1 24  ? -0.497  -2.721  -7.468  1.00 110.36 ? 24  THR A OG1   1 
ATOM   197  C CG2   . THR A 1 24  ? 1.324   -3.455  -6.052  1.00 111.34 ? 24  THR A CG2   1 
ATOM   198  N N     . TYR A 1 25  ? -0.953  0.212   -5.578  1.00 127.64 ? 25  TYR A N     1 
ATOM   199  C CA    . TYR A 1 25  ? -1.763  1.377   -5.867  1.00 125.84 ? 25  TYR A CA    1 
ATOM   200  C C     . TYR A 1 25  ? -2.505  1.131   -7.153  1.00 127.56 ? 25  TYR A C     1 
ATOM   201  O O     . TYR A 1 25  ? -3.710  1.325   -7.238  1.00 128.16 ? 25  TYR A O     1 
ATOM   202  C CB    . TYR A 1 25  ? -0.896  2.616   -6.016  1.00 124.99 ? 25  TYR A CB    1 
ATOM   203  C CG    . TYR A 1 25  ? -0.034  2.866   -4.828  1.00 124.22 ? 25  TYR A CG    1 
ATOM   204  C CD1   . TYR A 1 25  ? 1.338   2.914   -4.946  1.00 126.73 ? 25  TYR A CD1   1 
ATOM   205  C CD2   . TYR A 1 25  ? -0.582  3.004   -3.571  1.00 127.51 ? 25  TYR A CD2   1 
ATOM   206  C CE1   . TYR A 1 25  ? 2.144   3.135   -3.845  1.00 129.97 ? 25  TYR A CE1   1 
ATOM   207  C CE2   . TYR A 1 25  ? 0.225   3.219   -2.470  1.00 131.50 ? 25  TYR A CE2   1 
ATOM   208  C CZ    . TYR A 1 25  ? 1.580   3.283   -2.616  1.00 131.92 ? 25  TYR A CZ    1 
ATOM   209  O OH    . TYR A 1 25  ? 2.368   3.494   -1.510  1.00 135.73 ? 25  TYR A OH    1 
ATOM   210  N N     . GLY A 1 26  ? -1.773  0.681   -8.159  1.00 118.74 ? 26  GLY A N     1 
ATOM   211  C CA    . GLY A 1 26  ? -2.392  0.318   -9.410  1.00 117.41 ? 26  GLY A CA    1 
ATOM   212  C C     . GLY A 1 26  ? -3.662  -0.449  -9.133  1.00 120.95 ? 26  GLY A C     1 
ATOM   213  O O     . GLY A 1 26  ? -4.737  -0.074  -9.561  1.00 124.55 ? 26  GLY A O     1 
ATOM   214  N N     . GLU A 1 27  ? -3.541  -1.530  -8.385  1.00 135.39 ? 27  GLU A N     1 
ATOM   215  C CA    . GLU A 1 27  ? -4.622  -2.497  -8.301  1.00 135.92 ? 27  GLU A CA    1 
ATOM   216  C C     . GLU A 1 27  ? -5.872  -1.991  -7.610  1.00 129.45 ? 27  GLU A C     1 
ATOM   217  O O     . GLU A 1 27  ? -6.969  -2.143  -8.127  1.00 132.25 ? 27  GLU A O     1 
ATOM   218  C CB    . GLU A 1 27  ? -4.129  -3.786  -7.649  1.00 137.56 ? 27  GLU A CB    1 
ATOM   219  C CG    . GLU A 1 27  ? -3.731  -4.838  -8.661  1.00 141.54 ? 27  GLU A CG    1 
ATOM   220  C CD    . GLU A 1 27  ? -4.891  -5.263  -9.565  1.00 148.83 ? 27  GLU A CD    1 
ATOM   221  O OE1   . GLU A 1 27  ? -6.030  -4.758  -9.375  1.00 135.93 ? 27  GLU A OE1   1 
ATOM   222  O OE2   . GLU A 1 27  ? -4.655  -6.115  -10.459 1.00 154.15 ? 27  GLU A OE2   1 
ATOM   223  N N     . ILE A 1 28  ? -5.715  -1.405  -6.436  1.00 106.71 ? 28  ILE A N     1 
ATOM   224  C CA    . ILE A 1 28  ? -6.864  -0.825  -5.751  1.00 115.90 ? 28  ILE A CA    1 
ATOM   225  C C     . ILE A 1 28  ? -7.542  0.233   -6.622  1.00 112.52 ? 28  ILE A C     1 
ATOM   226  O O     . ILE A 1 28  ? -8.760  0.371   -6.611  1.00 108.69 ? 28  ILE A O     1 
ATOM   227  C CB    . ILE A 1 28  ? -6.456  -0.184  -4.436  1.00 116.79 ? 28  ILE A CB    1 
ATOM   228  C CG1   . ILE A 1 28  ? -5.204  -0.882  -3.903  1.00 115.83 ? 28  ILE A CG1   1 
ATOM   229  C CG2   . ILE A 1 28  ? -7.600  -0.286  -3.447  1.00 110.17 ? 28  ILE A CG2   1 
ATOM   230  C CD1   . ILE A 1 28  ? -5.481  -2.255  -3.340  1.00 114.09 ? 28  ILE A CD1   1 
ATOM   231  N N     . ALA A 1 29  ? -6.736  0.961   -7.386  1.00 131.78 ? 29  ALA A N     1 
ATOM   232  C CA    . ALA A 1 29  ? -7.226  1.977   -8.297  1.00 131.96 ? 29  ALA A CA    1 
ATOM   233  C C     . ALA A 1 29  ? -8.273  1.450   -9.266  1.00 135.09 ? 29  ALA A C     1 
ATOM   234  O O     . ALA A 1 29  ? -9.237  2.136   -9.593  1.00 135.48 ? 29  ALA A O     1 
ATOM   235  C CB    . ALA A 1 29  ? -6.072  2.578   -9.061  1.00 135.69 ? 29  ALA A CB    1 
ATOM   236  N N     . ARG A 1 30  ? -8.089  0.242   -9.763  1.00 131.67 ? 30  ARG A N     1 
ATOM   237  C CA    . ARG A 1 30  ? -9.089  -0.274  -10.678 1.00 136.08 ? 30  ARG A CA    1 
ATOM   238  C C     . ARG A 1 30  ? -10.173 -1.009  -9.915  1.00 133.43 ? 30  ARG A C     1 
ATOM   239  O O     . ARG A 1 30  ? -11.345 -0.944  -10.290 1.00 129.36 ? 30  ARG A O     1 
ATOM   240  C CB    . ARG A 1 30  ? -8.455  -1.175  -11.726 1.00 129.18 ? 30  ARG A CB    1 
ATOM   241  C CG    . ARG A 1 30  ? -7.385  -2.054  -11.187 1.00 135.30 ? 30  ARG A CG    1 
ATOM   242  C CD    . ARG A 1 30  ? -6.738  -2.876  -12.272 1.00 144.04 ? 30  ARG A CD    1 
ATOM   243  N NE    . ARG A 1 30  ? -5.412  -3.326  -11.861 1.00 146.24 ? 30  ARG A NE    1 
ATOM   244  C CZ    . ARG A 1 30  ? -4.272  -2.797  -12.295 1.00 147.16 ? 30  ARG A CZ    1 
ATOM   245  N NH1   . ARG A 1 30  ? -4.304  -1.820  -13.189 1.00 139.86 ? 30  ARG A NH1   1 
ATOM   246  N NH2   . ARG A 1 30  ? -3.104  -3.260  -11.850 1.00 145.53 ? 30  ARG A NH2   1 
ATOM   247  N N     . TYR A 1 31  ? -9.783  -1.695  -8.840  1.00 128.17 ? 31  TYR A N     1 
ATOM   248  C CA    . TYR A 1 31  ? -10.745 -2.460  -8.045  1.00 132.89 ? 31  TYR A CA    1 
ATOM   249  C C     . TYR A 1 31  ? -12.008 -1.654  -7.818  1.00 132.01 ? 31  TYR A C     1 
ATOM   250  O O     . TYR A 1 31  ? -13.112 -2.109  -8.106  1.00 133.23 ? 31  TYR A O     1 
ATOM   251  C CB    . TYR A 1 31  ? -10.155 -2.936  -6.709  1.00 135.47 ? 31  TYR A CB    1 
ATOM   252  C CG    . TYR A 1 31  ? -11.141 -3.721  -5.860  1.00 140.88 ? 31  TYR A CG    1 
ATOM   253  C CD1   . TYR A 1 31  ? -12.436 -3.236  -5.624  1.00 143.23 ? 31  TYR A CD1   1 
ATOM   254  C CD2   . TYR A 1 31  ? -10.787 -4.946  -5.301  1.00 139.31 ? 31  TYR A CD2   1 
ATOM   255  C CE1   . TYR A 1 31  ? -13.349 -3.955  -4.861  1.00 147.11 ? 31  TYR A CE1   1 
ATOM   256  C CE2   . TYR A 1 31  ? -11.690 -5.672  -4.530  1.00 144.04 ? 31  TYR A CE2   1 
ATOM   257  C CZ    . TYR A 1 31  ? -12.970 -5.177  -4.312  1.00 147.44 ? 31  TYR A CZ    1 
ATOM   258  O OH    . TYR A 1 31  ? -13.874 -5.888  -3.543  1.00 150.49 ? 31  TYR A OH    1 
ATOM   259  N N     . VAL A 1 32  ? -11.844 -0.444  -7.310  1.00 121.41 ? 32  VAL A N     1 
ATOM   260  C CA    . VAL A 1 32  ? -12.992 0.400   -7.056  1.00 121.31 ? 32  VAL A CA    1 
ATOM   261  C C     . VAL A 1 32  ? -13.520 1.008   -8.344  1.00 119.44 ? 32  VAL A C     1 
ATOM   262  O O     . VAL A 1 32  ? -14.388 1.866   -8.316  1.00 121.99 ? 32  VAL A O     1 
ATOM   263  C CB    . VAL A 1 32  ? -12.658 1.509   -6.085  1.00 120.53 ? 32  VAL A CB    1 
ATOM   264  C CG1   . VAL A 1 32  ? -12.694 0.968   -4.677  1.00 122.83 ? 32  VAL A CG1   1 
ATOM   265  C CG2   . VAL A 1 32  ? -11.288 2.080   -6.404  1.00 116.50 ? 32  VAL A CG2   1 
ATOM   266  N N     . GLY A 1 33  ? -12.988 0.568   -9.478  1.00 123.49 ? 33  GLY A N     1 
ATOM   267  C CA    . GLY A 1 33  ? -13.503 0.993   -10.765 1.00 122.15 ? 33  GLY A CA    1 
ATOM   268  C C     . GLY A 1 33  ? -12.994 2.341   -11.241 1.00 123.45 ? 33  GLY A C     1 
ATOM   269  O O     . GLY A 1 33  ? -13.646 2.980   -12.058 1.00 120.04 ? 33  GLY A O     1 
ATOM   270  N N     . MET A 1 34  ? -11.819 2.759   -10.769 1.00 134.92 ? 34  MET A N     1 
ATOM   271  C CA    . MET A 1 34  ? -11.271 4.071   -11.136 1.00 133.29 ? 34  MET A CA    1 
ATOM   272  C C     . MET A 1 34  ? -9.819  4.035   -11.654 1.00 132.39 ? 34  MET A C     1 
ATOM   273  O O     . MET A 1 34  ? -9.029  4.939   -11.380 1.00 133.77 ? 34  MET A O     1 
ATOM   274  C CB    . MET A 1 34  ? -11.344 5.028   -9.946  1.00 130.97 ? 34  MET A CB    1 
ATOM   275  C CG    . MET A 1 34  ? -12.744 5.485   -9.559  1.00 135.05 ? 34  MET A CG    1 
ATOM   276  S SD    . MET A 1 34  ? -13.365 6.800   -10.627 1.00 150.36 ? 34  MET A SD    1 
ATOM   277  C CE    . MET A 1 34  ? -11.884 7.811   -10.798 1.00 137.51 ? 34  MET A CE    1 
ATOM   278  N N     . PRO A 1 35  ? -9.493  3.042   -12.480 1.00 118.93 ? 35  PRO A N     1 
ATOM   279  C CA    . PRO A 1 35  ? -8.142  2.625   -12.875 1.00 120.14 ? 35  PRO A CA    1 
ATOM   280  C C     . PRO A 1 35  ? -7.099  3.738   -13.031 1.00 119.83 ? 35  PRO A C     1 
ATOM   281  O O     . PRO A 1 35  ? -5.947  3.552   -12.640 1.00 117.06 ? 35  PRO A O     1 
ATOM   282  C CB    . PRO A 1 35  ? -8.379  1.942   -14.226 1.00 121.45 ? 35  PRO A CB    1 
ATOM   283  C CG    . PRO A 1 35  ? -9.662  2.446   -14.686 1.00 126.78 ? 35  PRO A CG    1 
ATOM   284  C CD    . PRO A 1 35  ? -10.486 2.605   -13.468 1.00 123.16 ? 35  PRO A CD    1 
ATOM   285  N N     . SER A 1 36  ? -7.491  4.883   -13.569 1.00 112.08 ? 36  SER A N     1 
ATOM   286  C CA    . SER A 1 36  ? -6.519  5.917   -13.876 1.00 110.34 ? 36  SER A CA    1 
ATOM   287  C C     . SER A 1 36  ? -6.115  6.686   -12.641 1.00 108.35 ? 36  SER A C     1 
ATOM   288  O O     . SER A 1 36  ? -5.766  7.857   -12.735 1.00 108.43 ? 36  SER A O     1 
ATOM   289  C CB    . SER A 1 36  ? -7.088  6.880   -14.914 1.00 108.32 ? 36  SER A CB    1 
ATOM   290  O OG    . SER A 1 36  ? -8.430  7.204   -14.618 1.00 108.51 ? 36  SER A OG    1 
ATOM   291  N N     . TYR A 1 37  ? -6.132  6.035   -11.485 1.00 114.13 ? 37  TYR A N     1 
ATOM   292  C CA    . TYR A 1 37  ? -6.143  6.797   -10.251 1.00 112.13 ? 37  TYR A CA    1 
ATOM   293  C C     . TYR A 1 37  ? -5.281  6.311   -9.105  1.00 112.70 ? 37  TYR A C     1 
ATOM   294  O O     . TYR A 1 37  ? -5.615  6.576   -7.958  1.00 111.72 ? 37  TYR A O     1 
ATOM   295  C CB    . TYR A 1 37  ? -7.569  6.864   -9.730  1.00 119.05 ? 37  TYR A CB    1 
ATOM   296  C CG    . TYR A 1 37  ? -8.317  8.073   -10.201 1.00 119.90 ? 37  TYR A CG    1 
ATOM   297  C CD1   . TYR A 1 37  ? -8.547  8.286   -11.559 1.00 121.37 ? 37  TYR A CD1   1 
ATOM   298  C CD2   . TYR A 1 37  ? -8.820  8.994   -9.296  1.00 120.50 ? 37  TYR A CD2   1 
ATOM   299  C CE1   . TYR A 1 37  ? -9.223  9.385   -11.992 1.00 118.45 ? 37  TYR A CE1   1 
ATOM   300  C CE2   . TYR A 1 37  ? -9.527  10.089  -9.734  1.00 122.65 ? 37  TYR A CE2   1 
ATOM   301  C CZ    . TYR A 1 37  ? -9.724  10.281  -11.076 1.00 119.36 ? 37  TYR A CZ    1 
ATOM   302  O OH    . TYR A 1 37  ? -10.411 11.395  -11.505 1.00 118.71 ? 37  TYR A OH    1 
ATOM   303  N N     . ALA A 1 38  ? -4.191  5.603   -9.372  1.00 114.97 ? 38  ALA A N     1 
ATOM   304  C CA    . ALA A 1 38  ? -3.377  5.125   -8.262  1.00 114.94 ? 38  ALA A CA    1 
ATOM   305  C C     . ALA A 1 38  ? -2.740  6.329   -7.608  1.00 112.34 ? 38  ALA A C     1 
ATOM   306  O O     . ALA A 1 38  ? -2.581  6.386   -6.389  1.00 110.95 ? 38  ALA A O     1 
ATOM   307  C CB    . ALA A 1 38  ? -2.331  4.155   -8.729  1.00 117.48 ? 38  ALA A CB    1 
ATOM   308  N N     . ARG A 1 39  ? -2.346  7.276   -8.446  1.00 105.75 ? 39  ARG A N     1 
ATOM   309  C CA    . ARG A 1 39  ? -1.723  8.490   -7.977  1.00 104.95 ? 39  ARG A CA    1 
ATOM   310  C C     . ARG A 1 39  ? -2.486  8.914   -6.743  1.00 105.66 ? 39  ARG A C     1 
ATOM   311  O O     . ARG A 1 39  ? -1.905  9.109   -5.679  1.00 108.86 ? 39  ARG A O     1 
ATOM   312  C CB    . ARG A 1 39  ? -1.789  9.539   -9.077  1.00 102.10 ? 39  ARG A CB    1 
ATOM   313  C CG    . ARG A 1 39  ? -0.624  10.483  -9.121  1.00 106.75 ? 39  ARG A CG    1 
ATOM   314  C CD    . ARG A 1 39  ? 0.704   9.751   -8.978  1.00 110.37 ? 39  ARG A CD    1 
ATOM   315  N NE    . ARG A 1 39  ? 1.862   10.568  -9.334  1.00 105.69 ? 39  ARG A NE    1 
ATOM   316  C CZ    . ARG A 1 39  ? 1.998   11.220  -10.486 1.00 106.64 ? 39  ARG A CZ    1 
ATOM   317  N NH1   . ARG A 1 39  ? 3.092   11.920  -10.725 1.00 104.85 ? 39  ARG A NH1   1 
ATOM   318  N NH2   . ARG A 1 39  ? 1.042   11.180  -11.399 1.00 104.02 ? 39  ARG A NH2   1 
ATOM   319  N N     . GLN A 1 40  ? -3.807  8.976   -6.891  1.00 104.87 ? 40  GLN A N     1 
ATOM   320  C CA    . GLN A 1 40  ? -4.728  9.433   -5.850  1.00 103.18 ? 40  GLN A CA    1 
ATOM   321  C C     . GLN A 1 40  ? -4.921  8.419   -4.746  1.00 103.13 ? 40  GLN A C     1 
ATOM   322  O O     . GLN A 1 40  ? -5.659  8.665   -3.798  1.00 105.83 ? 40  GLN A O     1 
ATOM   323  C CB    . GLN A 1 40  ? -6.086  9.762   -6.455  1.00 102.10 ? 40  GLN A CB    1 
ATOM   324  C CG    . GLN A 1 40  ? -6.116  11.065  -7.215  1.00 104.80 ? 40  GLN A CG    1 
ATOM   325  C CD    . GLN A 1 40  ? -5.750  10.901  -8.667  1.00 105.52 ? 40  GLN A CD    1 
ATOM   326  O OE1   . GLN A 1 40  ? -4.815  10.197  -8.995  1.00 106.96 ? 40  GLN A OE1   1 
ATOM   327  N NE2   . GLN A 1 40  ? -6.491  11.548  -9.545  1.00 111.99 ? 40  GLN A NE2   1 
ATOM   328  N N     . VAL A 1 41  ? -4.253  7.282   -4.865  1.00 110.98 ? 41  VAL A N     1 
ATOM   329  C CA    . VAL A 1 41  ? -4.351  6.263   -3.847  1.00 111.31 ? 41  VAL A CA    1 
ATOM   330  C C     . VAL A 1 41  ? -3.207  6.420   -2.878  1.00 114.26 ? 41  VAL A C     1 
ATOM   331  O O     . VAL A 1 41  ? -3.383  6.283   -1.677  1.00 118.58 ? 41  VAL A O     1 
ATOM   332  C CB    . VAL A 1 41  ? -4.302  4.880   -4.450  1.00 113.66 ? 41  VAL A CB    1 
ATOM   333  C CG1   . VAL A 1 41  ? -4.734  3.871   -3.421  1.00 112.61 ? 41  VAL A CG1   1 
ATOM   334  C CG2   . VAL A 1 41  ? -5.218  4.810   -5.631  1.00 115.84 ? 41  VAL A CG2   1 
ATOM   335  N N     . GLY A 1 42  ? -2.025  6.700   -3.397  1.00 109.11 ? 42  GLY A N     1 
ATOM   336  C CA    . GLY A 1 42  ? -0.948  7.088   -2.518  1.00 112.44 ? 42  GLY A CA    1 
ATOM   337  C C     . GLY A 1 42  ? -1.558  8.224   -1.738  1.00 116.40 ? 42  GLY A C     1 
ATOM   338  O O     . GLY A 1 42  ? -1.585  8.203   -0.510  1.00 115.02 ? 42  GLY A O     1 
ATOM   339  N N     . GLN A 1 43  ? -2.082  9.197   -2.481  1.00 130.93 ? 43  GLN A N     1 
ATOM   340  C CA    . GLN A 1 43  ? -2.758  10.373  -1.940  1.00 123.86 ? 43  GLN A CA    1 
ATOM   341  C C     . GLN A 1 43  ? -3.673  10.043  -0.770  1.00 125.10 ? 43  GLN A C     1 
ATOM   342  O O     . GLN A 1 43  ? -3.685  10.738  0.245   1.00 126.38 ? 43  GLN A O     1 
ATOM   343  C CB    . GLN A 1 43  ? -3.563  11.018  -3.054  1.00 123.56 ? 43  GLN A CB    1 
ATOM   344  C CG    . GLN A 1 43  ? -3.176  12.445  -3.370  1.00 137.77 ? 43  GLN A CG    1 
ATOM   345  C CD    . GLN A 1 43  ? -1.744  12.781  -2.951  1.00 140.63 ? 43  GLN A CD    1 
ATOM   346  O OE1   . GLN A 1 43  ? -0.777  12.229  -3.493  1.00 131.75 ? 43  GLN A OE1   1 
ATOM   347  N NE2   . GLN A 1 43  ? -1.606  13.706  -1.986  1.00 140.32 ? 43  GLN A NE2   1 
ATOM   348  N N     . ALA A 1 44  ? -4.420  8.961   -0.900  1.00 100.51 ? 44  ALA A N     1 
ATOM   349  C CA    . ALA A 1 44  ? -5.342  8.581   0.148   1.00 100.45 ? 44  ALA A CA    1 
ATOM   350  C C     . ALA A 1 44  ? -4.637  8.026   1.376   1.00 102.05 ? 44  ALA A C     1 
ATOM   351  O O     . ALA A 1 44  ? -5.104  8.183   2.504   1.00 102.37 ? 44  ALA A O     1 
ATOM   352  C CB    . ALA A 1 44  ? -6.302  7.577   -0.395  1.00 96.52  ? 44  ALA A CB    1 
ATOM   353  N N     . MET A 1 45  ? -3.492  7.393   1.148   1.00 113.99 ? 45  MET A N     1 
ATOM   354  C CA    . MET A 1 45  ? -2.771  6.695   2.204   1.00 114.14 ? 45  MET A CA    1 
ATOM   355  C C     . MET A 1 45  ? -1.989  7.703   3.000   1.00 113.59 ? 45  MET A C     1 
ATOM   356  O O     . MET A 1 45  ? -1.800  7.559   4.204   1.00 113.02 ? 45  MET A O     1 
ATOM   357  C CB    . MET A 1 45  ? -1.861  5.637   1.604   1.00 116.62 ? 45  MET A CB    1 
ATOM   358  C CG    . MET A 1 45  ? -2.630  4.605   0.820   1.00 113.91 ? 45  MET A CG    1 
ATOM   359  S SD    . MET A 1 45  ? -3.550  3.476   1.881   1.00 120.15 ? 45  MET A SD    1 
ATOM   360  C CE    . MET A 1 45  ? -5.101  4.339   2.080   1.00 118.77 ? 45  MET A CE    1 
ATOM   361  N N     . LYS A 1 46  ? -1.566  8.751   2.312   1.00 121.70 ? 46  LYS A N     1 
ATOM   362  C CA    . LYS A 1 46  ? -0.951  9.879   2.974   1.00 123.06 ? 46  LYS A CA    1 
ATOM   363  C C     . LYS A 1 46  ? -1.961  10.577  3.902   1.00 125.94 ? 46  LYS A C     1 
ATOM   364  O O     . LYS A 1 46  ? -1.603  10.948  5.024   1.00 127.21 ? 46  LYS A O     1 
ATOM   365  C CB    . LYS A 1 46  ? -0.348  10.832  1.941   1.00 121.72 ? 46  LYS A CB    1 
ATOM   366  C CG    . LYS A 1 46  ? 0.600   11.851  2.523   1.00 123.29 ? 46  LYS A CG    1 
ATOM   367  C CD    . LYS A 1 46  ? 1.455   12.503  1.436   1.00 132.69 ? 46  LYS A CD    1 
ATOM   368  C CE    . LYS A 1 46  ? 0.639   13.399  0.502   1.00 139.72 ? 46  LYS A CE    1 
ATOM   369  N NZ    . LYS A 1 46  ? 1.440   13.831  -0.691  1.00 139.12 ? 46  LYS A NZ    1 
ATOM   370  N N     . HIS A 1 47  ? -3.221  10.702  3.467   1.00 121.50 ? 47  HIS A N     1 
ATOM   371  C CA    A HIS A 1 47  ? -4.233  11.422  4.234   0.50 119.12 ? 47  HIS A CA    1 
ATOM   372  C CA    B HIS A 1 47  ? -4.233  11.431  4.247   0.50 119.21 ? 47  HIS A CA    1 
ATOM   373  C C     . HIS A 1 47  ? -4.644  10.715  5.533   1.00 119.36 ? 47  HIS A C     1 
ATOM   374  O O     . HIS A 1 47  ? -5.419  11.238  6.323   1.00 122.22 ? 47  HIS A O     1 
ATOM   375  C CB    A HIS A 1 47  ? -5.450  11.722  3.351   0.50 119.03 ? 47  HIS A CB    1 
ATOM   376  C CB    B HIS A 1 47  ? -5.486  11.744  3.416   0.50 119.12 ? 47  HIS A CB    1 
ATOM   377  C CG    A HIS A 1 47  ? -5.161  12.640  2.201   0.50 119.00 ? 47  HIS A CG    1 
ATOM   378  C CG    B HIS A 1 47  ? -6.466  12.626  4.125   0.50 119.43 ? 47  HIS A CG    1 
ATOM   379  N ND1   A HIS A 1 47  ? -3.870  12.923  1.782   0.50 118.54 ? 47  HIS A ND1   1 
ATOM   380  N ND1   B HIS A 1 47  ? -7.619  12.141  4.712   0.50 118.89 ? 47  HIS A ND1   1 
ATOM   381  C CD2   A HIS A 1 47  ? -5.972  13.348  1.392   0.50 118.85 ? 47  HIS A CD2   1 
ATOM   382  C CD2   B HIS A 1 47  ? -6.439  13.950  4.402   0.50 118.91 ? 47  HIS A CD2   1 
ATOM   383  C CE1   A HIS A 1 47  ? -3.914  13.756  0.765   0.50 116.80 ? 47  HIS A CE1   1 
ATOM   384  C CE1   B HIS A 1 47  ? -8.275  13.136  5.277   0.50 118.86 ? 47  HIS A CE1   1 
ATOM   385  N NE2   A HIS A 1 47  ? -5.186  14.031  0.498   0.50 116.64 ? 47  HIS A NE2   1 
ATOM   386  N NE2   B HIS A 1 47  ? -7.573  14.248  5.112   0.50 117.00 ? 47  HIS A NE2   1 
ATOM   387  N N     . LEU A 1 48  ? -4.106  9.529   5.748   1.00 118.55 ? 48  LEU A N     1 
ATOM   388  C CA    . LEU A 1 48  ? -4.385  8.746   6.951   1.00 124.49 ? 48  LEU A CA    1 
ATOM   389  C C     . LEU A 1 48  ? -3.754  9.228   8.254   1.00 130.71 ? 48  LEU A C     1 
ATOM   390  O O     . LEU A 1 48  ? -2.554  9.547   8.308   1.00 128.10 ? 48  LEU A O     1 
ATOM   391  C CB    . LEU A 1 48  ? -3.860  7.334   6.752   1.00 127.50 ? 48  LEU A CB    1 
ATOM   392  C CG    . LEU A 1 48  ? -4.480  6.589   5.595   1.00 122.13 ? 48  LEU A CG    1 
ATOM   393  C CD1   . LEU A 1 48  ? -3.638  5.408   5.227   1.00 121.06 ? 48  LEU A CD1   1 
ATOM   394  C CD2   . LEU A 1 48  ? -5.836  6.149   6.032   1.00 123.95 ? 48  LEU A CD2   1 
ATOM   395  N N     . HIS A 1 49  ? -4.550  9.185   9.321   1.00 146.61 ? 49  HIS A N     1 
ATOM   396  C CA    . HIS A 1 49  ? -4.041  9.403   10.673  1.00 149.72 ? 49  HIS A CA    1 
ATOM   397  C C     . HIS A 1 49  ? -3.347  8.145   11.227  1.00 144.44 ? 49  HIS A C     1 
ATOM   398  O O     . HIS A 1 49  ? -3.989  7.110   11.420  1.00 147.67 ? 49  HIS A O     1 
ATOM   399  C CB    . HIS A 1 49  ? -5.190  9.845   11.583  1.00 150.14 ? 49  HIS A CB    1 
ATOM   400  C CG    . HIS A 1 49  ? -5.726  11.205  11.256  1.00 143.94 ? 49  HIS A CG    1 
ATOM   401  N ND1   . HIS A 1 49  ? -7.070  11.455  11.050  1.00 153.51 ? 49  HIS A ND1   1 
ATOM   402  C CD2   . HIS A 1 49  ? -5.098  12.394  11.104  1.00 141.53 ? 49  HIS A CD2   1 
ATOM   403  C CE1   . HIS A 1 49  ? -7.243  12.740  10.791  1.00 153.16 ? 49  HIS A CE1   1 
ATOM   404  N NE2   . HIS A 1 49  ? -6.061  13.331  10.812  1.00 151.42 ? 49  HIS A NE2   1 
ATOM   405  N N     . PRO A 1 50  ? -2.037  8.257   11.518  1.00 128.00 ? 50  PRO A N     1 
ATOM   406  C CA    . PRO A 1 50  ? -1.086  7.217   11.969  1.00 128.75 ? 50  PRO A CA    1 
ATOM   407  C C     . PRO A 1 50  ? -1.639  6.105   12.875  1.00 127.31 ? 50  PRO A C     1 
ATOM   408  O O     . PRO A 1 50  ? -1.442  4.927   12.577  1.00 131.74 ? 50  PRO A O     1 
ATOM   409  C CB    . PRO A 1 50  ? -0.014  8.025   12.704  1.00 123.54 ? 50  PRO A CB    1 
ATOM   410  C CG    . PRO A 1 50  ? -0.010  9.345   11.969  1.00 130.43 ? 50  PRO A CG    1 
ATOM   411  C CD    . PRO A 1 50  ? -1.400  9.583   11.434  1.00 126.45 ? 50  PRO A CD    1 
ATOM   412  N N     . GLU A 1 51  ? -2.281  6.464   13.976  1.00 129.70 ? 51  GLU A N     1 
ATOM   413  C CA    . GLU A 1 51  ? -2.991  5.484   14.785  1.00 131.57 ? 51  GLU A CA    1 
ATOM   414  C C     . GLU A 1 51  ? -4.305  5.146   14.079  1.00 135.20 ? 51  GLU A C     1 
ATOM   415  O O     . GLU A 1 51  ? -5.392  5.251   14.666  1.00 135.53 ? 51  GLU A O     1 
ATOM   416  C CB    . GLU A 1 51  ? -3.260  6.049   16.185  1.00 132.89 ? 51  GLU A CB    1 
ATOM   417  C CG    . GLU A 1 51  ? -2.666  7.460   16.399  1.00 136.77 ? 51  GLU A CG    1 
ATOM   418  C CD    . GLU A 1 51  ? -3.422  8.564   15.615  1.00 129.80 ? 51  GLU A CD    1 
ATOM   419  O OE1   . GLU A 1 51  ? -4.671  8.515   15.614  1.00 126.27 ? 51  GLU A OE1   1 
ATOM   420  O OE2   . GLU A 1 51  ? -2.787  9.469   15.007  1.00 119.30 ? 51  GLU A OE2   1 
ATOM   421  N N     . THR A 1 52  ? -4.208  4.766   12.808  1.00 129.13 ? 52  THR A N     1 
ATOM   422  C CA    . THR A 1 52  ? -5.368  4.272   12.090  1.00 127.75 ? 52  THR A CA    1 
ATOM   423  C C     . THR A 1 52  ? -5.378  2.763   12.214  1.00 131.02 ? 52  THR A C     1 
ATOM   424  O O     . THR A 1 52  ? -4.330  2.102   12.406  1.00 129.83 ? 52  THR A O     1 
ATOM   425  C CB    . THR A 1 52  ? -5.390  4.681   10.588  1.00 124.79 ? 52  THR A CB    1 
ATOM   426  O OG1   . THR A 1 52  ? -6.205  3.756   9.851   1.00 119.86 ? 52  THR A OG1   1 
ATOM   427  C CG2   . THR A 1 52  ? -3.963  4.701   10.007  1.00 126.03 ? 52  THR A CG2   1 
ATOM   428  N N     . HIS A 1 53  ? -6.577  2.216   12.100  1.00 146.16 ? 53  HIS A N     1 
ATOM   429  C CA    . HIS A 1 53  ? -6.754  0.790   12.277  1.00 152.58 ? 53  HIS A CA    1 
ATOM   430  C C     . HIS A 1 53  ? -6.915  0.117   10.913  1.00 149.19 ? 53  HIS A C     1 
ATOM   431  O O     . HIS A 1 53  ? -7.725  -0.785  10.696  1.00 146.99 ? 53  HIS A O     1 
ATOM   432  C CB    . HIS A 1 53  ? -7.874  0.556   13.287  1.00 152.01 ? 53  HIS A CB    1 
ATOM   433  C CG    . HIS A 1 53  ? -7.455  0.887   14.680  1.00 158.96 ? 53  HIS A CG    1 
ATOM   434  N ND1   . HIS A 1 53  ? -6.288  1.598   14.937  1.00 161.18 ? 53  HIS A ND1   1 
ATOM   435  C CD2   . HIS A 1 53  ? -7.985  0.603   15.898  1.00 160.18 ? 53  HIS A CD2   1 
ATOM   436  C CE1   . HIS A 1 53  ? -6.140  1.741   16.242  1.00 158.80 ? 53  HIS A CE1   1 
ATOM   437  N NE2   . HIS A 1 53  ? -7.151  1.151   16.844  1.00 161.07 ? 53  HIS A NE2   1 
ATOM   438  N N     . VAL A 1 54  ? -6.062  0.566   10.005  1.00 122.83 ? 54  VAL A N     1 
ATOM   439  C CA    . VAL A 1 54  ? -6.169  0.238   8.607   1.00 120.02 ? 54  VAL A CA    1 
ATOM   440  C C     . VAL A 1 54  ? -4.777  -0.084  8.131   1.00 117.18 ? 54  VAL A C     1 
ATOM   441  O O     . VAL A 1 54  ? -3.801  0.536   8.572   1.00 112.73 ? 54  VAL A O     1 
ATOM   442  C CB    . VAL A 1 54  ? -6.764  1.418   7.825   1.00 123.12 ? 54  VAL A CB    1 
ATOM   443  C CG1   . VAL A 1 54  ? -5.745  2.014   6.861   1.00 121.97 ? 54  VAL A CG1   1 
ATOM   444  C CG2   . VAL A 1 54  ? -8.017  1.002   7.096   1.00 119.27 ? 54  VAL A CG2   1 
ATOM   445  N N     . PRO A 1 55  ? -4.696  -1.085  7.245   1.00 129.75 ? 55  PRO A N     1 
ATOM   446  C CA    . PRO A 1 55  ? -3.500  -1.780  6.751   1.00 128.46 ? 55  PRO A CA    1 
ATOM   447  C C     . PRO A 1 55  ? -2.745  -0.892  5.788   1.00 123.62 ? 55  PRO A C     1 
ATOM   448  O O     . PRO A 1 55  ? -2.266  -1.366  4.764   1.00 120.74 ? 55  PRO A O     1 
ATOM   449  C CB    . PRO A 1 55  ? -4.078  -3.012  6.029   1.00 126.71 ? 55  PRO A CB    1 
ATOM   450  C CG    . PRO A 1 55  ? -5.483  -3.145  6.565   1.00 129.41 ? 55  PRO A CG    1 
ATOM   451  C CD    . PRO A 1 55  ? -5.932  -1.739  6.784   1.00 127.92 ? 55  PRO A CD    1 
ATOM   452  N N     . TRP A 1 56  ? -2.660  0.391   6.127   1.00 127.55 ? 56  TRP A N     1 
ATOM   453  C CA    . TRP A 1 56  ? -2.008  1.367   5.277   1.00 126.71 ? 56  TRP A CA    1 
ATOM   454  C C     . TRP A 1 56  ? -0.687  0.853   4.733   1.00 126.52 ? 56  TRP A C     1 
ATOM   455  O O     . TRP A 1 56  ? -0.224  1.337   3.703   1.00 125.26 ? 56  TRP A O     1 
ATOM   456  C CB    . TRP A 1 56  ? -1.794  2.678   6.036   1.00 128.33 ? 56  TRP A CB    1 
ATOM   457  C CG    . TRP A 1 56  ? -0.924  2.547   7.235   1.00 130.75 ? 56  TRP A CG    1 
ATOM   458  C CD1   . TRP A 1 56  ? -1.328  2.300   8.526   1.00 134.13 ? 56  TRP A CD1   1 
ATOM   459  C CD2   . TRP A 1 56  ? 0.507   2.659   7.277   1.00 134.84 ? 56  TRP A CD2   1 
ATOM   460  N NE1   . TRP A 1 56  ? -0.232  2.256   9.364   1.00 140.97 ? 56  TRP A NE1   1 
ATOM   461  C CE2   . TRP A 1 56  ? 0.909   2.473   8.620   1.00 140.02 ? 56  TRP A CE2   1 
ATOM   462  C CE3   . TRP A 1 56  ? 1.494   2.909   6.306   1.00 132.88 ? 56  TRP A CE3   1 
ATOM   463  C CZ2   . TRP A 1 56  ? 2.258   2.509   9.017   1.00 136.80 ? 56  TRP A CZ2   1 
ATOM   464  C CZ3   . TRP A 1 56  ? 2.839   2.946   6.708   1.00 128.69 ? 56  TRP A CZ3   1 
ATOM   465  C CH2   . TRP A 1 56  ? 3.199   2.756   8.046   1.00 129.34 ? 56  TRP A CH2   1 
ATOM   466  N N     . HIS A 1 57  ? -0.099  -0.131  5.422   1.00 145.02 ? 57  HIS A N     1 
ATOM   467  C CA    . HIS A 1 57  ? 1.232   -0.667  5.082   1.00 144.88 ? 57  HIS A CA    1 
ATOM   468  C C     . HIS A 1 57  ? 1.206   -1.730  3.992   1.00 140.79 ? 57  HIS A C     1 
ATOM   469  O O     . HIS A 1 57  ? 2.240   -2.071  3.407   1.00 140.63 ? 57  HIS A O     1 
ATOM   470  C CB    . HIS A 1 57  ? 1.933   -1.232  6.321   1.00 144.53 ? 57  HIS A CB    1 
ATOM   471  C CG    . HIS A 1 57  ? 1.079   -2.142  7.155   1.00 146.55 ? 57  HIS A CG    1 
ATOM   472  N ND1   . HIS A 1 57  ? -0.297  -2.196  7.054   1.00 143.81 ? 57  HIS A ND1   1 
ATOM   473  C CD2   . HIS A 1 57  ? 1.420   -3.028  8.123   1.00 151.28 ? 57  HIS A CD2   1 
ATOM   474  C CE1   . HIS A 1 57  ? -0.766  -3.072  7.926   1.00 146.68 ? 57  HIS A CE1   1 
ATOM   475  N NE2   . HIS A 1 57  ? 0.254   -3.595  8.580   1.00 152.55 ? 57  HIS A NE2   1 
ATOM   476  N N     . ARG A 1 58  ? 0.017   -2.258  3.727   1.00 119.46 ? 58  ARG A N     1 
ATOM   477  C CA    . ARG A 1 58  ? -0.136  -3.377  2.797   1.00 115.86 ? 58  ARG A CA    1 
ATOM   478  C C     . ARG A 1 58  ? -0.368  -2.937  1.355   1.00 115.02 ? 58  ARG A C     1 
ATOM   479  O O     . ARG A 1 58  ? -1.079  -3.604  0.605   1.00 116.52 ? 58  ARG A O     1 
ATOM   480  C CB    . ARG A 1 58  ? -1.303  -4.252  3.238   1.00 116.22 ? 58  ARG A CB    1 
ATOM   481  C CG    . ARG A 1 58  ? -1.313  -4.502  4.728   1.00 120.09 ? 58  ARG A CG    1 
ATOM   482  C CD    . ARG A 1 58  ? -1.386  -5.975  5.008   1.00 129.86 ? 58  ARG A CD    1 
ATOM   483  N NE    . ARG A 1 58  ? -2.723  -6.364  5.430   1.00 134.86 ? 58  ARG A NE    1 
ATOM   484  C CZ    . ARG A 1 58  ? -3.076  -6.507  6.703   1.00 137.54 ? 58  ARG A CZ    1 
ATOM   485  N NH1   . ARG A 1 58  ? -2.177  -6.300  7.668   1.00 132.74 ? 58  ARG A NH1   1 
ATOM   486  N NH2   . ARG A 1 58  ? -4.320  -6.860  7.013   1.00 136.70 ? 58  ARG A NH2   1 
ATOM   487  N N     . VAL A 1 59  ? 0.244   -1.823  0.973   1.00 120.23 ? 59  VAL A N     1 
ATOM   488  C CA    . VAL A 1 59  ? 0.012   -1.236  -0.340  1.00 120.21 ? 59  VAL A CA    1 
ATOM   489  C C     . VAL A 1 59  ? 1.240   -0.553  -0.871  1.00 120.85 ? 59  VAL A C     1 
ATOM   490  O O     . VAL A 1 59  ? 1.683   0.472   -0.334  1.00 121.71 ? 59  VAL A O     1 
ATOM   491  C CB    . VAL A 1 59  ? -1.105  -0.181  -0.329  1.00 117.85 ? 59  VAL A CB    1 
ATOM   492  C CG1   . VAL A 1 59  ? -1.476  0.226   -1.772  1.00 119.81 ? 59  VAL A CG1   1 
ATOM   493  C CG2   . VAL A 1 59  ? -2.334  -0.691  0.402   1.00 117.76 ? 59  VAL A CG2   1 
ATOM   494  N N     . ILE A 1 60  ? 1.754   -1.109  -1.959  1.00 120.12 ? 60  ILE A N     1 
ATOM   495  C CA    . ILE A 1 60  ? 3.041   -0.701  -2.489  1.00 122.24 ? 60  ILE A CA    1 
ATOM   496  C C     . ILE A 1 60  ? 2.844   -0.440  -3.972  1.00 121.51 ? 60  ILE A C     1 
ATOM   497  O O     . ILE A 1 60  ? 1.757   -0.670  -4.494  1.00 121.34 ? 60  ILE A O     1 
ATOM   498  C CB    . ILE A 1 60  ? 4.040   -1.822  -2.308  1.00 113.10 ? 60  ILE A CB    1 
ATOM   499  C CG1   . ILE A 1 60  ? 3.623   -2.966  -3.220  1.00 118.32 ? 60  ILE A CG1   1 
ATOM   500  C CG2   . ILE A 1 60  ? 4.030   -2.293  -0.882  1.00 109.97 ? 60  ILE A CG2   1 
ATOM   501  C CD1   . ILE A 1 60  ? 4.267   -4.299  -2.929  1.00 127.78 ? 60  ILE A CD1   1 
ATOM   502  N N     . ASN A 1 61  ? 3.880   0.027   -4.661  1.00 115.70 ? 61  ASN A N     1 
ATOM   503  C CA    . ASN A 1 61  ? 3.756   0.274   -6.095  1.00 116.79 ? 61  ASN A CA    1 
ATOM   504  C C     . ASN A 1 61  ? 3.671   -1.047  -6.875  1.00 119.68 ? 61  ASN A C     1 
ATOM   505  O O     . ASN A 1 61  ? 3.728   -2.125  -6.279  1.00 115.20 ? 61  ASN A O     1 
ATOM   506  C CB    . ASN A 1 61  ? 4.929   1.124   -6.595  1.00 119.79 ? 61  ASN A CB    1 
ATOM   507  C CG    . ASN A 1 61  ? 6.286   0.578   -6.139  1.00 120.40 ? 61  ASN A CG    1 
ATOM   508  O OD1   . ASN A 1 61  ? 6.617   -0.573  -6.406  1.00 115.67 ? 61  ASN A OD1   1 
ATOM   509  N ND2   . ASN A 1 61  ? 7.079   1.415   -5.474  1.00 121.27 ? 61  ASN A ND2   1 
ATOM   510  N N     . SER A 1 62  ? 3.551   -0.964  -8.199  1.00 139.05 ? 62  SER A N     1 
ATOM   511  C CA    . SER A 1 62  ? 3.517   -2.166  -9.029  1.00 135.10 ? 62  SER A CA    1 
ATOM   512  C C     . SER A 1 62  ? 4.903   -2.844  -9.094  1.00 139.76 ? 62  SER A C     1 
ATOM   513  O O     . SER A 1 62  ? 5.017   -4.065  -9.275  1.00 137.59 ? 62  SER A O     1 
ATOM   514  C CB    . SER A 1 62  ? 3.031   -1.839  -10.441 1.00 137.07 ? 62  SER A CB    1 
ATOM   515  O OG    . SER A 1 62  ? 4.039   -1.190  -11.193 1.00 134.02 ? 62  SER A OG    1 
ATOM   516  N N     . ARG A 1 63  ? 5.961   -2.044  -8.990  1.00 136.17 ? 63  ARG A N     1 
ATOM   517  C CA    . ARG A 1 63  ? 7.324   -2.581  -8.960  1.00 135.75 ? 63  ARG A CA    1 
ATOM   518  C C     . ARG A 1 63  ? 7.532   -3.460  -7.750  1.00 129.83 ? 63  ARG A C     1 
ATOM   519  O O     . ARG A 1 63  ? 8.597   -4.024  -7.592  1.00 131.07 ? 63  ARG A O     1 
ATOM   520  C CB    . ARG A 1 63  ? 8.362   -1.458  -8.891  1.00 140.31 ? 63  ARG A CB    1 
ATOM   521  C CG    . ARG A 1 63  ? 8.708   -0.852  -10.216 1.00 143.61 ? 63  ARG A CG    1 
ATOM   522  C CD    . ARG A 1 63  ? 9.423   0.454   -10.026 1.00 147.53 ? 63  ARG A CD    1 
ATOM   523  N NE    . ARG A 1 63  ? 10.428  0.365   -8.967  1.00 151.24 ? 63  ARG A NE    1 
ATOM   524  C CZ    . ARG A 1 63  ? 10.623  1.310   -8.051  1.00 155.12 ? 63  ARG A CZ    1 
ATOM   525  N NH1   . ARG A 1 63  ? 9.871   2.410   -8.060  1.00 149.35 ? 63  ARG A NH1   1 
ATOM   526  N NH2   . ARG A 1 63  ? 11.561  1.154   -7.122  1.00 153.06 ? 63  ARG A NH2   1 
ATOM   527  N N     . GLY A 1 64  ? 6.542   -3.537  -6.871  1.00 112.20 ? 64  GLY A N     1 
ATOM   528  C CA    . GLY A 1 64  ? 6.688   -4.301  -5.647  1.00 108.43 ? 64  GLY A CA    1 
ATOM   529  C C     . GLY A 1 64  ? 7.771   -3.776  -4.726  1.00 111.78 ? 64  GLY A C     1 
ATOM   530  O O     . GLY A 1 64  ? 8.362   -4.545  -3.978  1.00 117.95 ? 64  GLY A O     1 
ATOM   531  N N     . THR A 1 65  ? 8.042   -2.474  -4.792  1.00 140.80 ? 65  THR A N     1 
ATOM   532  C CA    . THR A 1 65  ? 8.916   -1.802  -3.820  1.00 141.44 ? 65  THR A CA    1 
ATOM   533  C C     . THR A 1 65  ? 8.119   -1.002  -2.793  1.00 144.21 ? 65  THR A C     1 
ATOM   534  O O     . THR A 1 65  ? 6.893   -0.878  -2.885  1.00 141.46 ? 65  THR A O     1 
ATOM   535  C CB    . THR A 1 65  ? 9.873   -0.798  -4.503  1.00 143.22 ? 65  THR A CB    1 
ATOM   536  O OG1   . THR A 1 65  ? 9.093   0.149   -5.255  1.00 147.33 ? 65  THR A OG1   1 
ATOM   537  C CG2   . THR A 1 65  ? 10.845  -1.535  -5.395  1.00 141.77 ? 65  THR A CG2   1 
ATOM   538  N N     . ILE A 1 66  ? 8.822   -0.464  -1.804  1.00 147.46 ? 66  ILE A N     1 
ATOM   539  C CA    . ILE A 1 66  ? 8.210   0.492   -0.905  1.00 146.77 ? 66  ILE A CA    1 
ATOM   540  C C     . ILE A 1 66  ? 8.464   1.842   -1.554  1.00 151.45 ? 66  ILE A C     1 
ATOM   541  O O     . ILE A 1 66  ? 9.529   2.054   -2.149  1.00 147.77 ? 66  ILE A O     1 
ATOM   542  C CB    . ILE A 1 66  ? 8.821   0.432   0.501   1.00 144.92 ? 66  ILE A CB    1 
ATOM   543  C CG1   . ILE A 1 66  ? 8.770   -0.997  1.040   1.00 148.11 ? 66  ILE A CG1   1 
ATOM   544  C CG2   . ILE A 1 66  ? 8.108   1.399   1.452   1.00 149.51 ? 66  ILE A CG2   1 
ATOM   545  C CD1   . ILE A 1 66  ? 8.386   -1.096  2.506   1.00 149.77 ? 66  ILE A CD1   1 
ATOM   546  N N     . SER A 1 67  ? 7.482   2.738   -1.459  1.00 119.14 ? 67  SER A N     1 
ATOM   547  C CA    . SER A 1 67  ? 7.568   4.039   -2.093  1.00 112.07 ? 67  SER A CA    1 
ATOM   548  C C     . SER A 1 67  ? 8.243   5.007   -1.140  1.00 116.46 ? 67  SER A C     1 
ATOM   549  O O     . SER A 1 67  ? 8.366   4.726   0.056   1.00 116.76 ? 67  SER A O     1 
ATOM   550  C CB    . SER A 1 67  ? 6.171   4.510   -2.476  1.00 116.62 ? 67  SER A CB    1 
ATOM   551  O OG    . SER A 1 67  ? 5.390   3.405   -2.888  1.00 111.03 ? 67  SER A OG    1 
ATOM   552  N N     . LYS A 1 68  ? 8.675   6.145   -1.675  1.00 150.08 ? 68  LYS A N     1 
ATOM   553  C CA    . LYS A 1 68  ? 9.507   7.093   -0.923  1.00 156.60 ? 68  LYS A CA    1 
ATOM   554  C C     . LYS A 1 68  ? 8.810   7.899   0.179   1.00 158.73 ? 68  LYS A C     1 
ATOM   555  O O     . LYS A 1 68  ? 9.218   7.826   1.347   1.00 159.06 ? 68  LYS A O     1 
ATOM   556  C CB    . LYS A 1 68  ? 10.251  8.042   -1.862  1.00 159.65 ? 68  LYS A CB    1 
ATOM   557  C CG    . LYS A 1 68  ? 11.575  8.540   -1.278  1.00 159.35 ? 68  LYS A CG    1 
ATOM   558  C CD    . LYS A 1 68  ? 12.165  7.574   -0.223  1.00 164.14 ? 68  LYS A CD    1 
ATOM   559  C CE    . LYS A 1 68  ? 12.679  6.252   -0.814  1.00 158.69 ? 68  LYS A CE    1 
ATOM   560  N NZ    . LYS A 1 68  ? 13.202  5.297   0.228   1.00 150.48 ? 68  LYS A NZ    1 
ATOM   561  N N     . ARG A 1 69  ? 7.813   8.706   -0.184  1.00 146.70 ? 69  ARG A N     1 
ATOM   562  C CA    . ARG A 1 69  ? 6.976   9.306   0.842   1.00 146.71 ? 69  ARG A CA    1 
ATOM   563  C C     . ARG A 1 69  ? 7.575   10.621  1.362   1.00 150.74 ? 69  ARG A C     1 
ATOM   564  O O     . ARG A 1 69  ? 6.830   11.525  1.770   1.00 152.03 ? 69  ARG A O     1 
ATOM   565  C CB    . ARG A 1 69  ? 6.821   8.297   1.989   1.00 141.63 ? 69  ARG A CB    1 
ATOM   566  C CG    . ARG A 1 69  ? 5.900   8.670   3.121   1.00 147.74 ? 69  ARG A CG    1 
ATOM   567  C CD    . ARG A 1 69  ? 6.131   7.684   4.263   1.00 145.47 ? 69  ARG A CD    1 
ATOM   568  N NE    . ARG A 1 69  ? 5.393   6.425   4.114   1.00 140.10 ? 69  ARG A NE    1 
ATOM   569  C CZ    . ARG A 1 69  ? 5.500   5.573   3.095   1.00 132.47 ? 69  ARG A CZ    1 
ATOM   570  N NH1   . ARG A 1 69  ? 6.299   5.834   2.079   1.00 132.20 ? 69  ARG A NH1   1 
ATOM   571  N NH2   . ARG A 1 69  ? 4.780   4.461   3.088   1.00 128.18 ? 69  ARG A NH2   1 
ATOM   572  N N     . ASP A 1 70  ? 8.908   10.721  1.338   1.00 153.08 ? 70  ASP A N     1 
ATOM   573  C CA    . ASP A 1 70  ? 9.651   11.858  1.896   1.00 155.13 ? 70  ASP A CA    1 
ATOM   574  C C     . ASP A 1 70  ? 9.183   12.294  3.303   1.00 155.73 ? 70  ASP A C     1 
ATOM   575  O O     . ASP A 1 70  ? 9.661   11.737  4.306   1.00 150.17 ? 70  ASP A O     1 
ATOM   576  C CB    . ASP A 1 70  ? 9.733   13.029  0.886   1.00 159.06 ? 70  ASP A CB    1 
ATOM   577  C CG    . ASP A 1 70  ? 8.386   13.749  0.664   1.00 157.53 ? 70  ASP A CG    1 
ATOM   578  O OD1   . ASP A 1 70  ? 8.247   14.882  1.183   1.00 150.72 ? 70  ASP A OD1   1 
ATOM   579  O OD2   . ASP A 1 70  ? 7.492   13.228  -0.054  1.00 157.05 ? 70  ASP A OD2   1 
ATOM   580  N N     . ILE A 1 71  ? 8.253   13.262  3.363   1.00 175.70 ? 71  ILE A N     1 
ATOM   581  C CA    . ILE A 1 71  ? 7.812   13.881  4.626   1.00 175.73 ? 71  ILE A CA    1 
ATOM   582  C C     . ILE A 1 71  ? 7.457   12.862  5.719   1.00 175.17 ? 71  ILE A C     1 
ATOM   583  O O     . ILE A 1 71  ? 6.816   13.203  6.707   1.00 175.85 ? 71  ILE A O     1 
ATOM   584  C CB    . ILE A 1 71  ? 6.606   14.893  4.446   1.00 181.74 ? 71  ILE A CB    1 
ATOM   585  C CG1   . ILE A 1 71  ? 6.174   14.996  2.980   1.00 180.78 ? 71  ILE A CG1   1 
ATOM   586  C CG2   . ILE A 1 71  ? 6.910   16.283  5.068   1.00 176.81 ? 71  ILE A CG2   1 
ATOM   587  C CD1   . ILE A 1 71  ? 4.919   14.227  2.687   1.00 177.79 ? 71  ILE A CD1   1 
ATOM   588  N N     . SER A 1 72  ? 7.855   11.611  5.540   1.00 134.47 ? 72  SER A N     1 
ATOM   589  C CA    . SER A 1 72  ? 7.802   10.643  6.619   1.00 131.76 ? 72  SER A CA    1 
ATOM   590  C C     . SER A 1 72  ? 8.960   9.691   6.437   1.00 133.54 ? 72  SER A C     1 
ATOM   591  O O     . SER A 1 72  ? 8.777   8.504   6.199   1.00 130.32 ? 72  SER A O     1 
ATOM   592  C CB    . SER A 1 72  ? 6.469   9.899   6.649   1.00 131.24 ? 72  SER A CB    1 
ATOM   593  O OG    . SER A 1 72  ? 5.455   10.679  7.270   1.00 132.37 ? 72  SER A OG    1 
ATOM   594  N N     . ALA A 1 73  ? 10.153  10.276  6.510   1.00 149.26 ? 73  ALA A N     1 
ATOM   595  C CA    . ALA A 1 73  ? 11.423  9.558   6.574   1.00 146.10 ? 73  ALA A CA    1 
ATOM   596  C C     . ALA A 1 73  ? 11.221  8.116   7.043   1.00 143.60 ? 73  ALA A C     1 
ATOM   597  O O     . ALA A 1 73  ? 11.677  7.165   6.400   1.00 145.63 ? 73  ALA A O     1 
ATOM   598  C CB    . ALA A 1 73  ? 12.367  10.284  7.485   1.00 142.63 ? 73  ALA A CB    1 
ATOM   599  N N     . GLY A 1 74  ? 10.529  7.956   8.163   1.00 129.53 ? 74  GLY A N     1 
ATOM   600  C CA    . GLY A 1 74  ? 10.129  6.641   8.617   1.00 126.64 ? 74  GLY A CA    1 
ATOM   601  C C     . GLY A 1 74  ? 9.111   6.015   7.670   1.00 130.74 ? 74  GLY A C     1 
ATOM   602  O O     . GLY A 1 74  ? 8.150   5.396   8.108   1.00 130.08 ? 74  GLY A O     1 
ATOM   603  N N     . GLU A 1 75  ? 9.283   6.213   6.367   1.00 160.35 ? 75  GLU A N     1 
ATOM   604  C CA    . GLU A 1 75  ? 8.590   5.392   5.374   1.00 159.68 ? 75  GLU A CA    1 
ATOM   605  C C     . GLU A 1 75  ? 8.966   3.971   5.739   1.00 159.49 ? 75  GLU A C     1 
ATOM   606  O O     . GLU A 1 75  ? 8.169   3.030   5.655   1.00 155.08 ? 75  GLU A O     1 
ATOM   607  C CB    . GLU A 1 75  ? 9.106   5.721   3.970   1.00 161.82 ? 75  GLU A CB    1 
ATOM   608  C CG    . GLU A 1 75  ? 10.643  5.675   3.825   1.00 159.62 ? 75  GLU A CG    1 
ATOM   609  C CD    . GLU A 1 75  ? 11.170  4.265   3.619   1.00 160.17 ? 75  GLU A CD    1 
ATOM   610  O OE1   . GLU A 1 75  ? 10.419  3.289   3.853   1.00 158.35 ? 75  GLU A OE1   1 
ATOM   611  O OE2   . GLU A 1 75  ? 12.350  4.125   3.234   1.00 164.99 ? 75  GLU A OE2   1 
ATOM   612  N N     . GLN A 1 76  ? 10.227  3.844   6.142   1.00 144.88 ? 76  GLN A N     1 
ATOM   613  C CA    . GLN A 1 76  ? 10.749  2.652   6.772   1.00 137.70 ? 76  GLN A CA    1 
ATOM   614  C C     . GLN A 1 76  ? 9.684   2.016   7.671   1.00 142.85 ? 76  GLN A C     1 
ATOM   615  O O     . GLN A 1 76  ? 9.540   0.790   7.686   1.00 143.66 ? 76  GLN A O     1 
ATOM   616  C CB    . GLN A 1 76  ? 11.980  3.031   7.588   1.00 133.25 ? 76  GLN A CB    1 
ATOM   617  C CG    . GLN A 1 76  ? 12.707  1.865   8.227   1.00 146.97 ? 76  GLN A CG    1 
ATOM   618  C CD    . GLN A 1 76  ? 14.158  1.743   7.739   1.00 154.69 ? 76  GLN A CD    1 
ATOM   619  O OE1   . GLN A 1 76  ? 14.946  0.919   8.237   1.00 146.46 ? 76  GLN A OE1   1 
ATOM   620  N NE2   . GLN A 1 76  ? 14.513  2.574   6.752   1.00 154.34 ? 76  GLN A NE2   1 
ATOM   621  N N     . ARG A 1 77  ? 8.934   2.848   8.402   1.00 133.97 ? 77  ARG A N     1 
ATOM   622  C CA    . ARG A 1 77  ? 7.851   2.367   9.264   1.00 127.11 ? 77  ARG A CA    1 
ATOM   623  C C     . ARG A 1 77  ? 7.049   1.268   8.576   1.00 128.86 ? 77  ARG A C     1 
ATOM   624  O O     . ARG A 1 77  ? 6.658   0.274   9.203   1.00 129.87 ? 77  ARG A O     1 
ATOM   625  C CB    . ARG A 1 77  ? 6.927   3.520   9.701   1.00 137.71 ? 77  ARG A CB    1 
ATOM   626  C CG    . ARG A 1 77  ? 5.809   3.113   10.688  1.00 140.46 ? 77  ARG A CG    1 
ATOM   627  C CD    . ARG A 1 77  ? 5.319   4.282   11.543  1.00 130.59 ? 77  ARG A CD    1 
ATOM   628  N NE    . ARG A 1 77  ? 4.607   5.298   10.772  1.00 135.25 ? 77  ARG A NE    1 
ATOM   629  C CZ    . ARG A 1 77  ? 3.289   5.517   10.850  1.00 142.54 ? 77  ARG A CZ    1 
ATOM   630  N NH1   . ARG A 1 77  ? 2.536   4.781   11.667  1.00 138.81 ? 77  ARG A NH1   1 
ATOM   631  N NH2   . ARG A 1 77  ? 2.710   6.472   10.116  1.00 138.21 ? 77  ARG A NH2   1 
ATOM   632  N N     . GLN A 1 78  ? 6.845   1.441   7.276   1.00 124.25 ? 78  GLN A N     1 
ATOM   633  C CA    . GLN A 1 78  ? 5.986   0.556   6.495   1.00 128.41 ? 78  GLN A CA    1 
ATOM   634  C C     . GLN A 1 78  ? 6.583   -0.839  6.401   1.00 130.20 ? 78  GLN A C     1 
ATOM   635  O O     . GLN A 1 78  ? 5.864   -1.841  6.453   1.00 131.32 ? 78  GLN A O     1 
ATOM   636  C CB    . GLN A 1 78  ? 5.740   1.162   5.107   1.00 130.07 ? 78  GLN A CB    1 
ATOM   637  C CG    . GLN A 1 78  ? 5.647   0.207   3.935   1.00 126.22 ? 78  GLN A CG    1 
ATOM   638  C CD    . GLN A 1 78  ? 4.636   0.669   2.895   1.00 122.28 ? 78  GLN A CD    1 
ATOM   639  O OE1   . GLN A 1 78  ? 4.949   1.443   1.984   1.00 119.55 ? 78  GLN A OE1   1 
ATOM   640  N NE2   . GLN A 1 78  ? 3.413   0.189   3.030   1.00 119.73 ? 78  GLN A NE2   1 
ATOM   641  N N     . LYS A 1 79  ? 7.903   -0.893  6.262   1.00 151.24 ? 79  LYS A N     1 
ATOM   642  C CA    . LYS A 1 79  ? 8.620   -2.153  6.218   1.00 155.65 ? 79  LYS A CA    1 
ATOM   643  C C     . LYS A 1 79  ? 8.268   -3.006  7.427   1.00 158.36 ? 79  LYS A C     1 
ATOM   644  O O     . LYS A 1 79  ? 7.488   -3.953  7.324   1.00 156.44 ? 79  LYS A O     1 
ATOM   645  C CB    . LYS A 1 79  ? 10.141  -1.912  6.196   1.00 161.46 ? 79  LYS A CB    1 
ATOM   646  C CG    . LYS A 1 79  ? 10.992  -3.192  6.389   1.00 163.88 ? 79  LYS A CG    1 
ATOM   647  C CD    . LYS A 1 79  ? 12.354  -2.900  7.037   1.00 166.59 ? 79  LYS A CD    1 
ATOM   648  C CE    . LYS A 1 79  ? 13.168  -4.189  7.292   1.00 173.35 ? 79  LYS A CE    1 
ATOM   649  N NZ    . LYS A 1 79  ? 14.456  -4.002  8.056   1.00 173.02 ? 79  LYS A NZ    1 
ATOM   650  N N     . ASP A 1 80  ? 8.844   -2.647  8.573   1.00 161.66 ? 80  ASP A N     1 
ATOM   651  C CA    . ASP A 1 80  ? 8.838   -3.519  9.747   1.00 164.21 ? 80  ASP A CA    1 
ATOM   652  C C     . ASP A 1 80  ? 7.438   -3.900  10.191  1.00 163.72 ? 80  ASP A C     1 
ATOM   653  O O     . ASP A 1 80  ? 7.225   -4.948  10.816  1.00 163.91 ? 80  ASP A O     1 
ATOM   654  C CB    . ASP A 1 80  ? 9.662   -2.913  10.887  1.00 168.62 ? 80  ASP A CB    1 
ATOM   655  C CG    . ASP A 1 80  ? 11.171  -3.119  10.680  1.00 179.94 ? 80  ASP A CG    1 
ATOM   656  O OD1   . ASP A 1 80  ? 11.847  -2.163  10.207  1.00 179.96 ? 80  ASP A OD1   1 
ATOM   657  O OD2   . ASP A 1 80  ? 11.682  -4.244  10.966  1.00 178.53 ? 80  ASP A OD2   1 
ATOM   658  N N     . ARG A 1 81  ? 6.483   -3.046  9.843   1.00 169.92 ? 81  ARG A N     1 
ATOM   659  C CA    . ARG A 1 81  ? 5.082   -3.354  10.059  1.00 169.22 ? 81  ARG A CA    1 
ATOM   660  C C     . ARG A 1 81  ? 4.722   -4.605  9.248   1.00 169.14 ? 81  ARG A C     1 
ATOM   661  O O     . ARG A 1 81  ? 3.682   -5.216  9.467   1.00 171.23 ? 81  ARG A O     1 
ATOM   662  C CB    . ARG A 1 81  ? 4.204   -2.155  9.672   1.00 167.80 ? 81  ARG A CB    1 
ATOM   663  C CG    . ARG A 1 81  ? 4.200   -0.985  10.690  1.00 168.91 ? 81  ARG A CG    1 
ATOM   664  C CD    . ARG A 1 81  ? 3.136   -1.189  11.780  1.00 173.27 ? 81  ARG A CD    1 
ATOM   665  N NE    . ARG A 1 81  ? 2.252   -0.029  11.974  1.00 173.54 ? 81  ARG A NE    1 
ATOM   666  C CZ    . ARG A 1 81  ? 0.930   -0.048  11.776  1.00 174.64 ? 81  ARG A CZ    1 
ATOM   667  N NH1   . ARG A 1 81  ? 0.335   -1.157  11.337  1.00 171.22 ? 81  ARG A NH1   1 
ATOM   668  N NH2   . ARG A 1 81  ? 0.198   1.051   11.982  1.00 168.95 ? 81  ARG A NH2   1 
ATOM   669  N N     . LEU A 1 82  ? 5.613   -5.007  8.348   1.00 143.21 ? 82  LEU A N     1 
ATOM   670  C CA    . LEU A 1 82  ? 5.319   -6.085  7.415   1.00 142.89 ? 82  LEU A CA    1 
ATOM   671  C C     . LEU A 1 82  ? 6.134   -7.335  7.695   1.00 148.49 ? 82  LEU A C     1 
ATOM   672  O O     . LEU A 1 82  ? 5.709   -8.449  7.375   1.00 150.46 ? 82  LEU A O     1 
ATOM   673  C CB    . LEU A 1 82  ? 5.544   -5.616  5.982   1.00 139.22 ? 82  LEU A CB    1 
ATOM   674  C CG    . LEU A 1 82  ? 4.361   -4.972  5.254   1.00 143.74 ? 82  LEU A CG    1 
ATOM   675  C CD1   . LEU A 1 82  ? 4.841   -4.321  3.948   1.00 136.68 ? 82  LEU A CD1   1 
ATOM   676  C CD2   . LEU A 1 82  ? 3.241   -5.981  4.982   1.00 138.45 ? 82  LEU A CD2   1 
ATOM   677  N N     . GLU A 1 83  ? 7.316   -7.150  8.279   1.00 158.68 ? 83  GLU A N     1 
ATOM   678  C CA    . GLU A 1 83  ? 8.086   -8.274  8.808   1.00 153.03 ? 83  GLU A CA    1 
ATOM   679  C C     . GLU A 1 83  ? 7.282   -8.812  10.002  1.00 154.41 ? 83  GLU A C     1 
ATOM   680  O O     . GLU A 1 83  ? 7.292   -10.006 10.303  1.00 154.41 ? 83  GLU A O     1 
ATOM   681  C CB    . GLU A 1 83  ? 9.496   -7.829  9.212   1.00 152.59 ? 83  GLU A CB    1 
ATOM   682  C CG    . GLU A 1 83  ? 10.427  -7.584  8.021   1.00 156.44 ? 83  GLU A CG    1 
ATOM   683  C CD    . GLU A 1 83  ? 11.927  -7.681  8.373   1.00 161.78 ? 83  GLU A CD    1 
ATOM   684  O OE1   . GLU A 1 83  ? 12.697  -8.261  7.548   1.00 151.60 ? 83  GLU A OE1   1 
ATOM   685  O OE2   . GLU A 1 83  ? 12.339  -7.165  9.449   1.00 162.60 ? 83  GLU A OE2   1 
ATOM   686  N N     . GLU A 1 84  ? 6.543   -7.908  10.647  1.00 175.41 ? 84  GLU A N     1 
ATOM   687  C CA    . GLU A 1 84  ? 5.526   -8.275  11.624  1.00 174.24 ? 84  GLU A CA    1 
ATOM   688  C C     . GLU A 1 84  ? 4.345   -8.887  10.863  1.00 176.43 ? 84  GLU A C     1 
ATOM   689  O O     . GLU A 1 84  ? 3.190   -8.685  11.241  1.00 177.44 ? 84  GLU A O     1 
ATOM   690  C CB    . GLU A 1 84  ? 5.044   -7.024  12.373  1.00 175.50 ? 84  GLU A CB    1 
ATOM   691  C CG    . GLU A 1 84  ? 5.958   -6.469  13.472  1.00 177.26 ? 84  GLU A CG    1 
ATOM   692  C CD    . GLU A 1 84  ? 5.273   -5.348  14.283  1.00 187.39 ? 84  GLU A CD    1 
ATOM   693  O OE1   . GLU A 1 84  ? 4.874   -4.308  13.693  1.00 184.30 ? 84  GLU A OE1   1 
ATOM   694  O OE2   . GLU A 1 84  ? 5.108   -5.512  15.518  1.00 189.59 ? 84  GLU A OE2   1 
ATOM   695  N N     . GLU A 1 85  ? 4.630   -9.605  9.774   1.00 186.30 ? 85  GLU A N     1 
ATOM   696  C CA    . GLU A 1 85  ? 3.589   -10.227 8.946   1.00 186.95 ? 85  GLU A CA    1 
ATOM   697  C C     . GLU A 1 85  ? 4.126   -11.497 8.267   1.00 186.19 ? 85  GLU A C     1 
ATOM   698  O O     . GLU A 1 85  ? 3.363   -12.266 7.672   1.00 184.86 ? 85  GLU A O     1 
ATOM   699  C CB    . GLU A 1 85  ? 3.033   -9.240  7.905   1.00 183.01 ? 85  GLU A CB    1 
ATOM   700  C CG    . GLU A 1 85  ? 2.668   -7.865  8.502   1.00 184.11 ? 85  GLU A CG    1 
ATOM   701  C CD    . GLU A 1 85  ? 1.196   -7.424  8.263   1.00 189.17 ? 85  GLU A CD    1 
ATOM   702  O OE1   . GLU A 1 85  ? 0.423   -8.183  7.629   1.00 192.43 ? 85  GLU A OE1   1 
ATOM   703  O OE2   . GLU A 1 85  ? 0.804   -6.310  8.708   1.00 181.45 ? 85  GLU A OE2   1 
ATOM   704  N N     . GLY A 1 86  ? 5.441   -11.711 8.365   1.00 159.80 ? 86  GLY A N     1 
ATOM   705  C CA    . GLY A 1 86  ? 6.078   -12.921 7.862   1.00 163.78 ? 86  GLY A CA    1 
ATOM   706  C C     . GLY A 1 86  ? 6.624   -12.776 6.456   1.00 164.00 ? 86  GLY A C     1 
ATOM   707  O O     . GLY A 1 86  ? 6.846   -13.771 5.752   1.00 161.40 ? 86  GLY A O     1 
ATOM   708  N N     . VAL A 1 87  ? 6.830   -11.530 6.046   1.00 169.78 ? 87  VAL A N     1 
ATOM   709  C CA    . VAL A 1 87  ? 7.250   -11.265 4.685   1.00 170.34 ? 87  VAL A CA    1 
ATOM   710  C C     . VAL A 1 87  ? 8.739   -10.948 4.668   1.00 167.19 ? 87  VAL A C     1 
ATOM   711  O O     . VAL A 1 87  ? 9.193   -10.031 5.365   1.00 168.46 ? 87  VAL A O     1 
ATOM   712  C CB    . VAL A 1 87  ? 6.423   -10.127 4.033   1.00 166.51 ? 87  VAL A CB    1 
ATOM   713  C CG1   . VAL A 1 87  ? 6.650   -10.131 2.517   1.00 165.04 ? 87  VAL A CG1   1 
ATOM   714  C CG2   . VAL A 1 87  ? 4.923   -10.273 4.347   1.00 161.92 ? 87  VAL A CG2   1 
ATOM   715  N N     . GLU A 1 88  ? 9.499   -11.719 3.896   1.00 144.09 ? 88  GLU A N     1 
ATOM   716  C CA    . GLU A 1 88  ? 10.934  -11.498 3.816   1.00 145.49 ? 88  GLU A CA    1 
ATOM   717  C C     . GLU A 1 88  ? 11.227  -10.358 2.847   1.00 140.09 ? 88  GLU A C     1 
ATOM   718  O O     . GLU A 1 88  ? 10.669  -10.306 1.749   1.00 135.12 ? 88  GLU A O     1 
ATOM   719  C CB    . GLU A 1 88  ? 11.639  -12.770 3.358   1.00 152.54 ? 88  GLU A CB    1 
ATOM   720  C CG    . GLU A 1 88  ? 11.089  -13.334 2.059   1.00 158.01 ? 88  GLU A CG    1 
ATOM   721  C CD    . GLU A 1 88  ? 11.771  -14.618 1.610   1.00 152.61 ? 88  GLU A CD    1 
ATOM   722  O OE1   . GLU A 1 88  ? 11.824  -15.579 2.410   1.00 156.44 ? 88  GLU A OE1   1 
ATOM   723  O OE2   . GLU A 1 88  ? 12.237  -14.659 0.445   1.00 146.30 ? 88  GLU A OE2   1 
ATOM   724  N N     . ILE A 1 89  ? 12.083  -9.432  3.269   1.00 124.81 ? 89  ILE A N     1 
ATOM   725  C CA    . ILE A 1 89  ? 12.313  -8.191  2.534   1.00 125.58 ? 89  ILE A CA    1 
ATOM   726  C C     . ILE A 1 89  ? 13.814  -7.923  2.402   1.00 122.58 ? 89  ILE A C     1 
ATOM   727  O O     . ILE A 1 89  ? 14.555  -8.028  3.383   1.00 118.12 ? 89  ILE A O     1 
ATOM   728  C CB    . ILE A 1 89  ? 11.661  -6.982  3.255   1.00 134.21 ? 89  ILE A CB    1 
ATOM   729  C CG1   . ILE A 1 89  ? 10.315  -7.372  3.902   1.00 132.17 ? 89  ILE A CG1   1 
ATOM   730  C CG2   . ILE A 1 89  ? 11.567  -5.776  2.313   1.00 128.55 ? 89  ILE A CG2   1 
ATOM   731  C CD1   . ILE A 1 89  ? 9.298   -7.908  2.960   1.00 127.60 ? 89  ILE A CD1   1 
ATOM   732  N N     . TYR A 1 90  ? 14.254  -7.583  1.193   1.00 127.11 ? 90  TYR A N     1 
ATOM   733  C CA    . TYR A 1 90  ? 15.665  -7.307  0.928   1.00 131.06 ? 90  TYR A CA    1 
ATOM   734  C C     . TYR A 1 90  ? 15.808  -5.977  0.220   1.00 134.79 ? 90  TYR A C     1 
ATOM   735  O O     . TYR A 1 90  ? 14.934  -5.112  0.297   1.00 139.94 ? 90  TYR A O     1 
ATOM   736  C CB    . TYR A 1 90  ? 16.253  -8.391  0.034   1.00 132.17 ? 90  TYR A CB    1 
ATOM   737  C CG    . TYR A 1 90  ? 15.415  -8.617  -1.206  1.00 133.88 ? 90  TYR A CG    1 
ATOM   738  C CD1   . TYR A 1 90  ? 14.175  -9.256  -1.113  1.00 132.69 ? 90  TYR A CD1   1 
ATOM   739  C CD2   . TYR A 1 90  ? 15.855  -8.212  -2.464  1.00 130.93 ? 90  TYR A CD2   1 
ATOM   740  C CE1   . TYR A 1 90  ? 13.389  -9.483  -2.226  1.00 127.84 ? 90  TYR A CE1   1 
ATOM   741  C CE2   . TYR A 1 90  ? 15.076  -8.440  -3.595  1.00 130.60 ? 90  TYR A CE2   1 
ATOM   742  C CZ    . TYR A 1 90  ? 13.842  -9.076  -3.467  1.00 129.78 ? 90  TYR A CZ    1 
ATOM   743  O OH    . TYR A 1 90  ? 13.058  -9.313  -4.576  1.00 126.73 ? 90  TYR A OH    1 
ATOM   744  N N     . GLN A 1 91  ? 16.909  -5.830  -0.500  1.00 138.53 ? 91  GLN A N     1 
ATOM   745  C CA    . GLN A 1 91  ? 17.132  -4.638  -1.301  1.00 142.73 ? 91  GLN A CA    1 
ATOM   746  C C     . GLN A 1 91  ? 18.035  -4.906  -2.488  1.00 145.64 ? 91  GLN A C     1 
ATOM   747  O O     . GLN A 1 91  ? 18.138  -6.025  -3.003  1.00 145.08 ? 91  GLN A O     1 
ATOM   748  C CB    . GLN A 1 91  ? 17.762  -3.529  -0.450  1.00 146.75 ? 91  GLN A CB    1 
ATOM   749  C CG    . GLN A 1 91  ? 19.054  -3.917  0.248   1.00 144.44 ? 91  GLN A CG    1 
ATOM   750  C CD    . GLN A 1 91  ? 19.029  -3.513  1.708   1.00 145.23 ? 91  GLN A CD    1 
ATOM   751  O OE1   . GLN A 1 91  ? 20.070  -3.307  2.340   1.00 141.55 ? 91  GLN A OE1   1 
ATOM   752  N NE2   . GLN A 1 91  ? 17.819  -3.392  2.256   1.00 151.74 ? 91  GLN A NE2   1 
ATOM   753  N N     . THR A 1 92  ? 18.668  -3.834  -2.935  1.00 166.85 ? 92  THR A N     1 
ATOM   754  C CA    . THR A 1 92  ? 19.723  -3.915  -3.927  1.00 170.61 ? 92  THR A CA    1 
ATOM   755  C C     . THR A 1 92  ? 20.840  -3.058  -3.370  1.00 171.73 ? 92  THR A C     1 
ATOM   756  O O     . THR A 1 92  ? 20.738  -2.584  -2.225  1.00 170.37 ? 92  THR A O     1 
ATOM   757  C CB    . THR A 1 92  ? 19.255  -3.321  -5.256  1.00 170.11 ? 92  THR A CB    1 
ATOM   758  O OG1   . THR A 1 92  ? 17.934  -2.770  -5.091  1.00 159.11 ? 92  THR A OG1   1 
ATOM   759  C CG2   . THR A 1 92  ? 19.256  -4.393  -6.353  1.00 164.93 ? 92  THR A CG2   1 
ATOM   760  N N     . SER A 1 93  ? 21.908  -2.862  -4.146  1.00 188.15 ? 93  SER A N     1 
ATOM   761  C CA    . SER A 1 93  ? 22.885  -1.839  -3.778  1.00 187.49 ? 93  SER A CA    1 
ATOM   762  C C     . SER A 1 93  ? 22.298  -0.517  -4.225  1.00 187.19 ? 93  SER A C     1 
ATOM   763  O O     . SER A 1 93  ? 22.929  0.537   -4.098  1.00 185.69 ? 93  SER A O     1 
ATOM   764  C CB    . SER A 1 93  ? 24.278  -2.087  -4.376  1.00 180.36 ? 93  SER A CB    1 
ATOM   765  O OG    . SER A 1 93  ? 25.005  -2.968  -3.537  1.00 184.48 ? 93  SER A OG    1 
ATOM   766  N N     . LEU A 1 94  ? 21.087  -0.602  -4.783  1.00 149.15 ? 94  LEU A N     1 
ATOM   767  C CA    . LEU A 1 94  ? 20.226  0.564   -4.931  1.00 149.35 ? 94  LEU A CA    1 
ATOM   768  C C     . LEU A 1 94  ? 19.544  0.765   -3.584  1.00 149.71 ? 94  LEU A C     1 
ATOM   769  O O     . LEU A 1 94  ? 18.883  1.785   -3.349  1.00 144.14 ? 94  LEU A O     1 
ATOM   770  C CB    . LEU A 1 94  ? 19.183  0.382   -6.050  1.00 150.00 ? 94  LEU A CB    1 
ATOM   771  C CG    . LEU A 1 94  ? 19.674  0.276   -7.496  1.00 142.61 ? 94  LEU A CG    1 
ATOM   772  C CD1   . LEU A 1 94  ? 18.529  0.505   -8.473  1.00 137.64 ? 94  LEU A CD1   1 
ATOM   773  C CD2   . LEU A 1 94  ? 20.809  1.252   -7.780  1.00 134.96 ? 94  LEU A CD2   1 
ATOM   774  N N     . GLY A 1 95  ? 19.717  -0.231  -2.709  1.00 172.36 ? 95  GLY A N     1 
ATOM   775  C CA    . GLY A 1 95  ? 19.270  -0.160  -1.328  1.00 174.77 ? 95  GLY A CA    1 
ATOM   776  C C     . GLY A 1 95  ? 17.793  0.158   -1.142  1.00 174.65 ? 95  GLY A C     1 
ATOM   777  O O     . GLY A 1 95  ? 17.382  0.723   -0.117  1.00 173.08 ? 95  GLY A O     1 
ATOM   778  N N     . GLU A 1 96  ? 16.982  -0.171  -2.138  1.00 171.04 ? 96  GLU A N     1 
ATOM   779  C CA    . GLU A 1 96  ? 15.537  -0.064  -1.961  1.00 170.12 ? 96  GLU A CA    1 
ATOM   780  C C     . GLU A 1 96  ? 15.038  -1.188  -1.062  1.00 170.70 ? 96  GLU A C     1 
ATOM   781  O O     . GLU A 1 96  ? 15.813  -1.816  -0.334  1.00 170.70 ? 96  GLU A O     1 
ATOM   782  C CB    . GLU A 1 96  ? 14.838  -0.159  -3.309  1.00 169.73 ? 96  GLU A CB    1 
ATOM   783  C CG    . GLU A 1 96  ? 15.361  0.807   -4.351  1.00 173.81 ? 96  GLU A CG    1 
ATOM   784  C CD    . GLU A 1 96  ? 14.426  0.922   -5.540  1.00 175.30 ? 96  GLU A CD    1 
ATOM   785  O OE1   . GLU A 1 96  ? 14.798  1.596   -6.522  1.00 178.96 ? 96  GLU A OE1   1 
ATOM   786  O OE2   . GLU A 1 96  ? 13.313  0.349   -5.489  1.00 171.95 ? 96  GLU A OE2   1 
ATOM   787  N N     . TYR A 1 97  ? 13.740  -1.448  -1.132  1.00 169.27 ? 97  TYR A N     1 
ATOM   788  C CA    . TYR A 1 97  ? 13.166  -2.645  -0.529  1.00 169.74 ? 97  TYR A CA    1 
ATOM   789  C C     . TYR A 1 97  ? 12.359  -3.302  -1.642  1.00 166.65 ? 97  TYR A C     1 
ATOM   790  O O     . TYR A 1 97  ? 11.859  -2.608  -2.526  1.00 166.29 ? 97  TYR A O     1 
ATOM   791  C CB    . TYR A 1 97  ? 12.293  -2.301  0.684   1.00 172.27 ? 97  TYR A CB    1 
ATOM   792  C CG    . TYR A 1 97  ? 13.103  -1.796  1.887   1.00 179.86 ? 97  TYR A CG    1 
ATOM   793  C CD1   . TYR A 1 97  ? 13.460  -2.662  2.945   1.00 181.02 ? 97  TYR A CD1   1 
ATOM   794  C CD2   . TYR A 1 97  ? 13.528  -0.458  1.965   1.00 180.86 ? 97  TYR A CD2   1 
ATOM   795  C CE1   . TYR A 1 97  ? 14.213  -2.202  4.047   1.00 181.78 ? 97  TYR A CE1   1 
ATOM   796  C CE2   . TYR A 1 97  ? 14.280  0.007   3.071   1.00 182.60 ? 97  TYR A CE2   1 
ATOM   797  C CZ    . TYR A 1 97  ? 14.621  -0.868  4.101   1.00 182.95 ? 97  TYR A CZ    1 
ATOM   798  O OH    . TYR A 1 97  ? 15.359  -0.399  5.179   1.00 182.24 ? 97  TYR A OH    1 
ATOM   799  N N     . LYS A 1 98  ? 12.258  -4.626  -1.632  1.00 143.07 ? 98  LYS A N     1 
ATOM   800  C CA    . LYS A 1 98  ? 11.620  -5.348  -2.733  1.00 138.38 ? 98  LYS A CA    1 
ATOM   801  C C     . LYS A 1 98  ? 10.963  -6.581  -2.165  1.00 137.74 ? 98  LYS A C     1 
ATOM   802  O O     . LYS A 1 98  ? 11.182  -6.902  -0.998  1.00 141.74 ? 98  LYS A O     1 
ATOM   803  C CB    . LYS A 1 98  ? 12.650  -5.704  -3.827  1.00 141.90 ? 98  LYS A CB    1 
ATOM   804  C CG    . LYS A 1 98  ? 12.041  -6.311  -5.097  1.00 140.93 ? 98  LYS A CG    1 
ATOM   805  C CD    . LYS A 1 98  ? 12.659  -5.702  -6.375  1.00 139.70 ? 98  LYS A CD    1 
ATOM   806  C CE    . LYS A 1 98  ? 12.381  -6.558  -7.610  1.00 146.21 ? 98  LYS A CE    1 
ATOM   807  N NZ    . LYS A 1 98  ? 13.103  -7.885  -7.571  1.00 148.56 ? 98  LYS A NZ    1 
ATOM   808  N N     . LEU A 1 99  ? 10.139  -7.252  -2.963  1.00 132.57 ? 99  LEU A N     1 
ATOM   809  C CA    . LEU A 1 99  ? 9.620   -8.540  -2.537  1.00 141.26 ? 99  LEU A CA    1 
ATOM   810  C C     . LEU A 1 99  ? 9.070   -9.415  -3.668  1.00 142.21 ? 99  LEU A C     1 
ATOM   811  O O     . LEU A 1 99  ? 8.701   -8.926  -4.757  1.00 134.26 ? 99  LEU A O     1 
ATOM   812  C CB    . LEU A 1 99  ? 8.535   -8.361  -1.494  1.00 133.53 ? 99  LEU A CB    1 
ATOM   813  C CG    . LEU A 1 99  ? 7.226   -8.424  -2.257  1.00 135.94 ? 99  LEU A CG    1 
ATOM   814  C CD1   . LEU A 1 99  ? 6.356   -9.544  -1.723  1.00 137.68 ? 99  LEU A CD1   1 
ATOM   815  C CD2   . LEU A 1 99  ? 6.518   -7.075  -2.216  1.00 141.81 ? 99  LEU A CD2   1 
ATOM   816  N N     . ASN A 1 100 ? 9.024   -10.718 -3.377  1.00 162.76 ? 100 ASN A N     1 
ATOM   817  C CA    . ASN A 1 100 ? 8.366   -11.693 -4.239  1.00 161.42 ? 100 ASN A CA    1 
ATOM   818  C C     . ASN A 1 100 ? 6.890   -11.342 -4.423  1.00 157.20 ? 100 ASN A C     1 
ATOM   819  O O     . ASN A 1 100 ? 6.030   -11.826 -3.686  1.00 156.45 ? 100 ASN A O     1 
ATOM   820  C CB    . ASN A 1 100 ? 8.497   -13.096 -3.648  1.00 166.84 ? 100 ASN A CB    1 
ATOM   821  C CG    . ASN A 1 100 ? 8.084   -14.180 -4.623  1.00 167.73 ? 100 ASN A CG    1 
ATOM   822  O OD1   . ASN A 1 100 ? 6.973   -14.150 -5.165  1.00 162.17 ? 100 ASN A OD1   1 
ATOM   823  N ND2   . ASN A 1 100 ? 8.990   -15.140 -4.869  1.00 165.55 ? 100 ASN A ND2   1 
ATOM   824  N N     . LEU A 1 101 ? 6.607   -10.507 -5.418  1.00 146.35 ? 101 LEU A N     1 
ATOM   825  C CA    . LEU A 1 101 ? 5.258   -10.017 -5.656  1.00 146.59 ? 101 LEU A CA    1 
ATOM   826  C C     . LEU A 1 101 ? 4.241   -11.169 -5.803  1.00 148.54 ? 101 LEU A C     1 
ATOM   827  O O     . LEU A 1 101 ? 3.445   -11.409 -4.888  1.00 147.40 ? 101 LEU A O     1 
ATOM   828  C CB    . LEU A 1 101 ? 5.246   -9.037  -6.836  1.00 143.37 ? 101 LEU A CB    1 
ATOM   829  C CG    . LEU A 1 101 ? 4.267   -7.865  -6.678  1.00 150.56 ? 101 LEU A CG    1 
ATOM   830  C CD1   . LEU A 1 101 ? 3.396   -7.965  -5.410  1.00 146.96 ? 101 LEU A CD1   1 
ATOM   831  C CD2   . LEU A 1 101 ? 5.016   -6.539  -6.709  1.00 143.02 ? 101 LEU A CD2   1 
ATOM   832  N N     . PRO A 1 102 ? 4.277   -11.904 -6.930  1.00 148.79 ? 102 PRO A N     1 
ATOM   833  C CA    . PRO A 1 102 ? 3.201   -12.880 -7.162  1.00 149.01 ? 102 PRO A CA    1 
ATOM   834  C C     . PRO A 1 102 ? 3.002   -13.912 -6.044  1.00 145.84 ? 102 PRO A C     1 
ATOM   835  O O     . PRO A 1 102 ? 2.005   -14.650 -6.059  1.00 145.10 ? 102 PRO A O     1 
ATOM   836  C CB    . PRO A 1 102 ? 3.602   -13.543 -8.492  1.00 146.77 ? 102 PRO A CB    1 
ATOM   837  C CG    . PRO A 1 102 ? 5.017   -13.241 -8.659  1.00 142.08 ? 102 PRO A CG    1 
ATOM   838  C CD    . PRO A 1 102 ? 5.245   -11.911 -8.039  1.00 146.98 ? 102 PRO A CD    1 
ATOM   839  N N     . GLU A 1 103 ? 3.926   -13.940 -5.086  1.00 150.68 ? 103 GLU A N     1 
ATOM   840  C CA    . GLU A 1 103 ? 3.744   -14.757 -3.897  1.00 154.18 ? 103 GLU A CA    1 
ATOM   841  C C     . GLU A 1 103 ? 2.681   -14.106 -3.019  1.00 152.79 ? 103 GLU A C     1 
ATOM   842  O O     . GLU A 1 103 ? 1.503   -14.490 -3.047  1.00 148.39 ? 103 GLU A O     1 
ATOM   843  C CB    . GLU A 1 103 ? 5.051   -14.913 -3.108  1.00 153.09 ? 103 GLU A CB    1 
ATOM   844  C CG    . GLU A 1 103 ? 4.895   -15.776 -1.854  1.00 154.43 ? 103 GLU A CG    1 
ATOM   845  C CD    . GLU A 1 103 ? 6.185   -15.942 -1.057  1.00 162.11 ? 103 GLU A CD    1 
ATOM   846  O OE1   . GLU A 1 103 ? 7.270   -16.153 -1.657  1.00 162.63 ? 103 GLU A OE1   1 
ATOM   847  O OE2   . GLU A 1 103 ? 6.112   -15.859 0.191   1.00 160.96 ? 103 GLU A OE2   1 
ATOM   848  N N     . TYR A 1 104 ? 3.126   -13.111 -2.252  1.00 150.33 ? 104 TYR A N     1 
ATOM   849  C CA    . TYR A 1 104 ? 2.303   -12.399 -1.294  1.00 149.66 ? 104 TYR A CA    1 
ATOM   850  C C     . TYR A 1 104 ? 1.233   -11.528 -1.997  1.00 153.92 ? 104 TYR A C     1 
ATOM   851  O O     . TYR A 1 104 ? 0.293   -11.038 -1.356  1.00 150.51 ? 104 TYR A O     1 
ATOM   852  C CB    . TYR A 1 104 ? 3.195   -11.511 -0.401  1.00 149.40 ? 104 TYR A CB    1 
ATOM   853  C CG    . TYR A 1 104 ? 4.357   -12.174 0.340   1.00 152.20 ? 104 TYR A CG    1 
ATOM   854  C CD1   . TYR A 1 104 ? 5.660   -12.140 -0.176  1.00 153.90 ? 104 TYR A CD1   1 
ATOM   855  C CD2   . TYR A 1 104 ? 4.165   -12.776 1.587   1.00 154.12 ? 104 TYR A CD2   1 
ATOM   856  C CE1   . TYR A 1 104 ? 6.733   -12.726 0.516   1.00 156.54 ? 104 TYR A CE1   1 
ATOM   857  C CE2   . TYR A 1 104 ? 5.226   -13.377 2.274   1.00 155.83 ? 104 TYR A CE2   1 
ATOM   858  C CZ    . TYR A 1 104 ? 6.507   -13.340 1.740   1.00 157.81 ? 104 TYR A CZ    1 
ATOM   859  O OH    . TYR A 1 104 ? 7.552   -13.928 2.430   1.00 155.22 ? 104 TYR A OH    1 
ATOM   860  N N     . MET A 1 105 ? 1.364   -11.326 -3.306  1.00 129.84 ? 105 MET A N     1 
ATOM   861  C CA    . MET A 1 105 ? 0.408   -10.474 -4.021  1.00 122.58 ? 105 MET A CA    1 
ATOM   862  C C     . MET A 1 105 ? -1.035  -10.898 -3.755  1.00 123.79 ? 105 MET A C     1 
ATOM   863  O O     . MET A 1 105 ? -1.401  -12.058 -3.909  1.00 126.50 ? 105 MET A O     1 
ATOM   864  C CB    . MET A 1 105 ? 0.668   -10.500 -5.532  1.00 124.32 ? 105 MET A CB    1 
ATOM   865  C CG    . MET A 1 105 ? 0.146   -9.291  -6.329  1.00 131.13 ? 105 MET A CG    1 
ATOM   866  S SD    . MET A 1 105 ? -1.286  -8.347  -5.714  1.00 122.18 ? 105 MET A SD    1 
ATOM   867  C CE    . MET A 1 105 ? -1.547  -7.275  -7.102  1.00 108.77 ? 105 MET A CE    1 
ATOM   868  N N     . TRP A 1 106 ? -1.861  -9.944  -3.363  1.00 172.24 ? 106 TRP A N     1 
ATOM   869  C CA    . TRP A 1 106 ? -3.255  -10.242 -3.072  1.00 176.11 ? 106 TRP A CA    1 
ATOM   870  C C     . TRP A 1 106 ? -4.135  -10.467 -4.309  1.00 176.55 ? 106 TRP A C     1 
ATOM   871  O O     . TRP A 1 106 ? -4.509  -9.535  -5.030  1.00 171.66 ? 106 TRP A O     1 
ATOM   872  C CB    . TRP A 1 106 ? -3.877  -9.220  -2.132  1.00 173.26 ? 106 TRP A CB    1 
ATOM   873  C CG    . TRP A 1 106 ? -5.155  -9.728  -1.635  1.00 179.51 ? 106 TRP A CG    1 
ATOM   874  C CD1   . TRP A 1 106 ? -5.347  -10.850 -0.884  1.00 180.55 ? 106 TRP A CD1   1 
ATOM   875  C CD2   . TRP A 1 106 ? -6.453  -9.159  -1.864  1.00 179.38 ? 106 TRP A CD2   1 
ATOM   876  N NE1   . TRP A 1 106 ? -6.682  -11.005 -0.629  1.00 187.56 ? 106 TRP A NE1   1 
ATOM   877  C CE2   . TRP A 1 106 ? -7.384  -9.980  -1.209  1.00 181.19 ? 106 TRP A CE2   1 
ATOM   878  C CE3   . TRP A 1 106 ? -6.908  -8.034  -2.553  1.00 179.87 ? 106 TRP A CE3   1 
ATOM   879  C CZ2   . TRP A 1 106 ? -8.760  -9.718  -1.217  1.00 177.50 ? 106 TRP A CZ2   1 
ATOM   880  C CZ3   . TRP A 1 106 ? -8.271  -7.767  -2.564  1.00 182.12 ? 106 TRP A CZ3   1 
ATOM   881  C CH2   . TRP A 1 106 ? -9.189  -8.613  -1.901  1.00 178.67 ? 106 TRP A CH2   1 
ATOM   882  N N     . LYS A 1 107 ? -4.451  -11.738 -4.521  1.00 167.47 ? 107 LYS A N     1 
ATOM   883  C CA    . LYS A 1 107 ? -5.239  -12.194 -5.647  1.00 167.24 ? 107 LYS A CA    1 
ATOM   884  C C     . LYS A 1 107 ? -6.675  -12.482 -5.165  1.00 168.69 ? 107 LYS A C     1 
ATOM   885  O O     . LYS A 1 107 ? -6.928  -13.498 -4.507  1.00 168.34 ? 107 LYS A O     1 
ATOM   886  C CB    . LYS A 1 107 ? -4.565  -13.451 -6.206  1.00 166.87 ? 107 LYS A CB    1 
ATOM   887  C CG    . LYS A 1 107 ? -3.025  -13.429 -6.102  1.00 163.37 ? 107 LYS A CG    1 
ATOM   888  C CD    . LYS A 1 107 ? -2.420  -14.783 -6.519  1.00 167.67 ? 107 LYS A CD    1 
ATOM   889  C CE    . LYS A 1 107 ? -0.878  -14.825 -6.391  1.00 160.31 ? 107 LYS A CE    1 
ATOM   890  N NZ    . LYS A 1 107 ? -0.139  -13.957 -7.386  1.00 158.22 ? 107 LYS A NZ    1 
ATOM   891  N N     . PRO A 1 108 ? -7.613  -11.564 -5.460  1.00 153.64 ? 108 PRO A N     1 
ATOM   892  C CA    . PRO A 1 108 ? -9.033  -11.723 -5.103  1.00 152.26 ? 108 PRO A CA    1 
ATOM   893  C C     . PRO A 1 108 ? -9.858  -12.399 -6.207  1.00 150.32 ? 108 PRO A C     1 
ATOM   894  O O     . PRO A 1 108 ? -11.095 -12.302 -6.226  1.00 153.73 ? 108 PRO A O     1 
ATOM   895  C CB    . PRO A 1 108 ? -9.512  -10.276 -4.907  1.00 151.30 ? 108 PRO A CB    1 
ATOM   896  C CG    . PRO A 1 108 ? -8.643  -9.468  -5.815  1.00 152.60 ? 108 PRO A CG    1 
ATOM   897  C CD    . PRO A 1 108 ? -7.313  -10.210 -5.961  1.00 153.22 ? 108 PRO A CD    1 
ATOM   898  O "O5'" . DG  B 2 1   ? -8.520  27.985  -17.661 1.00 126.46 ? 1   DG  B "O5'" 1 
ATOM   899  C "C5'" . DG  B 2 1   ? -8.001  28.503  -18.872 1.00 130.64 ? 1   DG  B "C5'" 1 
ATOM   900  C "C4'" . DG  B 2 1   ? -6.701  29.221  -18.592 1.00 133.82 ? 1   DG  B "C4'" 1 
ATOM   901  O "O4'" . DG  B 2 1   ? -6.943  30.209  -17.552 1.00 129.23 ? 1   DG  B "O4'" 1 
ATOM   902  C "C3'" . DG  B 2 1   ? -5.578  28.327  -18.087 1.00 128.51 ? 1   DG  B "C3'" 1 
ATOM   903  O "O3'" . DG  B 2 1   ? -4.796  27.807  -19.153 1.00 126.94 ? 1   DG  B "O3'" 1 
ATOM   904  C "C2'" . DG  B 2 1   ? -4.751  29.310  -17.268 1.00 127.01 ? 1   DG  B "C2'" 1 
ATOM   905  C "C1'" . DG  B 2 1   ? -5.812  30.246  -16.702 1.00 128.52 ? 1   DG  B "C1'" 1 
ATOM   906  N N9    . DG  B 2 1   ? -6.181  29.810  -15.366 1.00 123.65 ? 1   DG  B N9    1 
ATOM   907  C C8    . DG  B 2 1   ? -7.297  29.103  -14.988 1.00 122.43 ? 1   DG  B C8    1 
ATOM   908  N N7    . DG  B 2 1   ? -7.311  28.861  -13.709 1.00 121.28 ? 1   DG  B N7    1 
ATOM   909  C C5    . DG  B 2 1   ? -6.148  29.437  -13.228 1.00 121.20 ? 1   DG  B C5    1 
ATOM   910  C C6    . DG  B 2 1   ? -5.643  29.491  -11.914 1.00 122.00 ? 1   DG  B C6    1 
ATOM   911  O O6    . DG  B 2 1   ? -6.160  29.016  -10.886 1.00 124.07 ? 1   DG  B O6    1 
ATOM   912  N N1    . DG  B 2 1   ? -4.424  30.175  -11.876 1.00 119.07 ? 1   DG  B N1    1 
ATOM   913  C C2    . DG  B 2 1   ? -3.763  30.735  -12.945 1.00 118.09 ? 1   DG  B C2    1 
ATOM   914  N N2    . DG  B 2 1   ? -2.595  31.349  -12.677 1.00 112.63 ? 1   DG  B N2    1 
ATOM   915  N N3    . DG  B 2 1   ? -4.238  30.685  -14.183 1.00 120.83 ? 1   DG  B N3    1 
ATOM   916  C C4    . DG  B 2 1   ? -5.430  30.027  -14.237 1.00 122.06 ? 1   DG  B C4    1 
ATOM   917  P P     . DC  B 2 2   ? -3.235  27.484  -18.918 1.00 149.54 ? 2   DC  B P     1 
ATOM   918  O OP1   . DC  B 2 2   ? -2.650  27.045  -20.213 1.00 145.10 ? 2   DC  B OP1   1 
ATOM   919  O OP2   . DC  B 2 2   ? -3.125  26.597  -17.731 1.00 140.52 ? 2   DC  B OP2   1 
ATOM   920  O "O5'" . DC  B 2 2   ? -2.604  28.919  -18.576 1.00 142.25 ? 2   DC  B "O5'" 1 
ATOM   921  C "C5'" . DC  B 2 2   ? -1.205  29.077  -18.583 1.00 140.69 ? 2   DC  B "C5'" 1 
ATOM   922  C "C4'" . DC  B 2 2   ? -0.660  29.303  -17.182 1.00 140.07 ? 2   DC  B "C4'" 1 
ATOM   923  O "O4'" . DC  B 2 2   ? -1.723  29.440  -16.210 1.00 139.14 ? 2   DC  B "O4'" 1 
ATOM   924  C "C3'" . DC  B 2 2   ? 0.198   28.191  -16.589 1.00 132.97 ? 2   DC  B "C3'" 1 
ATOM   925  O "O3'" . DC  B 2 2   ? 1.484   28.276  -17.108 1.00 135.81 ? 2   DC  B "O3'" 1 
ATOM   926  C "C2'" . DC  B 2 2   ? 0.260   28.555  -15.124 1.00 126.94 ? 2   DC  B "C2'" 1 
ATOM   927  C "C1'" . DC  B 2 2   ? -1.086  29.234  -14.951 1.00 134.36 ? 2   DC  B "C1'" 1 
ATOM   928  N N1    . DC  B 2 2   ? -1.914  28.421  -14.099 1.00 130.91 ? 2   DC  B N1    1 
ATOM   929  C C2    . DC  B 2 2   ? -1.461  28.144  -12.808 1.00 125.95 ? 2   DC  B C2    1 
ATOM   930  O O2    . DC  B 2 2   ? -0.371  28.589  -12.427 1.00 120.84 ? 2   DC  B O2    1 
ATOM   931  N N3    . DC  B 2 2   ? -2.244  27.394  -12.009 1.00 127.07 ? 2   DC  B N3    1 
ATOM   932  C C4    . DC  B 2 2   ? -3.412  26.933  -12.463 1.00 129.84 ? 2   DC  B C4    1 
ATOM   933  N N4    . DC  B 2 2   ? -4.131  26.195  -11.610 1.00 130.20 ? 2   DC  B N4    1 
ATOM   934  C C5    . DC  B 2 2   ? -3.882  27.209  -13.791 1.00 131.29 ? 2   DC  B C5    1 
ATOM   935  C C6    . DC  B 2 2   ? -3.102  27.960  -14.579 1.00 132.39 ? 2   DC  B C6    1 
ATOM   936  P P     . DC  B 2 3   ? 2.140   26.992  -17.802 1.00 145.18 ? 3   DC  B P     1 
ATOM   937  O OP1   . DC  B 2 3   ? 3.138   27.467  -18.795 1.00 134.02 ? 3   DC  B OP1   1 
ATOM   938  O OP2   . DC  B 2 3   ? 1.031   26.088  -18.211 1.00 134.67 ? 3   DC  B OP2   1 
ATOM   939  O "O5'" . DC  B 2 3   ? 2.932   26.282  -16.588 1.00 135.68 ? 3   DC  B "O5'" 1 
ATOM   940  C "C5'" . DC  B 2 3   ? 3.941   27.002  -15.838 1.00 127.88 ? 3   DC  B "C5'" 1 
ATOM   941  C "C4'" . DC  B 2 3   ? 3.860   26.737  -14.341 1.00 126.18 ? 3   DC  B "C4'" 1 
ATOM   942  O "O4'" . DC  B 2 3   ? 2.481   26.660  -13.942 1.00 128.93 ? 3   DC  B "O4'" 1 
ATOM   943  C "C3'" . DC  B 2 3   ? 4.411   25.380  -13.900 1.00 128.27 ? 3   DC  B "C3'" 1 
ATOM   944  O "O3'" . DC  B 2 3   ? 5.696   25.490  -13.305 1.00 134.96 ? 3   DC  B "O3'" 1 
ATOM   945  C "C2'" . DC  B 2 3   ? 3.467   24.878  -12.832 1.00 125.59 ? 3   DC  B "C2'" 1 
ATOM   946  C "C1'" . DC  B 2 3   ? 2.446   25.981  -12.716 1.00 123.98 ? 3   DC  B "C1'" 1 
ATOM   947  N N1    . DC  B 2 3   ? 1.100   25.427  -12.491 1.00 126.30 ? 3   DC  B N1    1 
ATOM   948  C C2    . DC  B 2 3   ? 0.760   25.056  -11.186 1.00 126.74 ? 3   DC  B C2    1 
ATOM   949  O O2    . DC  B 2 3   ? 1.574   25.210  -10.272 1.00 127.28 ? 3   DC  B O2    1 
ATOM   950  N N3    . DC  B 2 3   ? -0.468  24.542  -10.945 1.00 127.06 ? 3   DC  B N3    1 
ATOM   951  C C4    . DC  B 2 3   ? -1.338  24.385  -11.946 1.00 128.99 ? 3   DC  B C4    1 
ATOM   952  N N4    . DC  B 2 3   ? -2.547  23.871  -11.659 1.00 128.38 ? 3   DC  B N4    1 
ATOM   953  C C5    . DC  B 2 3   ? -1.004  24.753  -13.293 1.00 129.49 ? 3   DC  B C5    1 
ATOM   954  C C6    . DC  B 2 3   ? 0.216   25.265  -13.526 1.00 129.22 ? 3   DC  B C6    1 
ATOM   955  P P     . DA  B 2 4   ? 6.649   24.191  -13.182 1.00 134.78 ? 4   DA  B P     1 
ATOM   956  O OP1   . DA  B 2 4   ? 7.595   24.216  -14.325 1.00 120.57 ? 4   DA  B OP1   1 
ATOM   957  O OP2   . DA  B 2 4   ? 5.786   23.006  -12.922 1.00 124.99 ? 4   DA  B OP2   1 
ATOM   958  O "O5'" . DA  B 2 4   ? 7.471   24.449  -11.825 1.00 127.19 ? 4   DA  B "O5'" 1 
ATOM   959  C "C5'" . DA  B 2 4   ? 6.857   25.096  -10.716 1.00 129.47 ? 4   DA  B "C5'" 1 
ATOM   960  C "C4'" . DA  B 2 4   ? 6.105   24.138  -9.802  1.00 127.35 ? 4   DA  B "C4'" 1 
ATOM   961  O "O4'" . DA  B 2 4   ? 4.746   23.910  -10.254 1.00 128.80 ? 4   DA  B "O4'" 1 
ATOM   962  C "C3'" . DA  B 2 4   ? 6.713   22.753  -9.667  1.00 126.49 ? 4   DA  B "C3'" 1 
ATOM   963  O "O3'" . DA  B 2 4   ? 6.956   22.533  -8.289  1.00 130.90 ? 4   DA  B "O3'" 1 
ATOM   964  C "C2'" . DA  B 2 4   ? 5.629   21.815  -10.206 1.00 126.67 ? 4   DA  B "C2'" 1 
ATOM   965  C "C1'" . DA  B 2 4   ? 4.406   22.619  -9.807  1.00 124.11 ? 4   DA  B "C1'" 1 
ATOM   966  N N9    . DA  B 2 4   ? 3.108   22.228  -10.365 1.00 120.22 ? 4   DA  B N9    1 
ATOM   967  C C8    . DA  B 2 4   ? 2.666   22.184  -11.662 1.00 118.50 ? 4   DA  B C8    1 
ATOM   968  N N7    . DA  B 2 4   ? 1.419   21.788  -11.780 1.00 114.66 ? 4   DA  B N7    1 
ATOM   969  C C5    . DA  B 2 4   ? 1.014   21.566  -10.469 1.00 118.27 ? 4   DA  B C5    1 
ATOM   970  C C6    . DA  B 2 4   ? -0.202  21.139  -9.884  1.00 119.95 ? 4   DA  B C6    1 
ATOM   971  N N6    . DA  B 2 4   ? -1.293  20.833  -10.585 1.00 117.00 ? 4   DA  B N6    1 
ATOM   972  N N1    . DA  B 2 4   ? -0.277  21.023  -8.546  1.00 119.33 ? 4   DA  B N1    1 
ATOM   973  C C2    . DA  B 2 4   ? 0.819   21.334  -7.848  1.00 120.68 ? 4   DA  B C2    1 
ATOM   974  N N3    . DA  B 2 4   ? 2.016   21.745  -8.271  1.00 119.31 ? 4   DA  B N3    1 
ATOM   975  C C4    . DA  B 2 4   ? 2.043   21.843  -9.601  1.00 117.53 ? 4   DA  B C4    1 
ATOM   976  P P     . DT  B 2 5   ? 8.140   21.536  -7.824  1.00 149.85 ? 5   DT  B P     1 
ATOM   977  O OP1   . DT  B 2 5   ? 9.019   22.283  -6.887  1.00 140.34 ? 5   DT  B OP1   1 
ATOM   978  O OP2   . DT  B 2 5   ? 8.706   20.882  -9.041  1.00 135.31 ? 5   DT  B OP2   1 
ATOM   979  O "O5'" . DT  B 2 5   ? 7.379   20.398  -6.995  1.00 136.32 ? 5   DT  B "O5'" 1 
ATOM   980  C "C5'" . DT  B 2 5   ? 6.636   20.806  -5.868  1.00 137.00 ? 5   DT  B "C5'" 1 
ATOM   981  C "C4'" . DT  B 2 5   ? 5.566   19.774  -5.654  1.00 133.48 ? 5   DT  B "C4'" 1 
ATOM   982  O "O4'" . DT  B 2 5   ? 4.578   19.875  -6.711  1.00 133.68 ? 5   DT  B "O4'" 1 
ATOM   983  C "C3'" . DT  B 2 5   ? 6.099   18.342  -5.720  1.00 129.69 ? 5   DT  B "C3'" 1 
ATOM   984  O "O3'" . DT  B 2 5   ? 5.690   17.669  -4.562  1.00 133.17 ? 5   DT  B "O3'" 1 
ATOM   985  C "C2'" . DT  B 2 5   ? 5.414   17.757  -6.958  1.00 126.06 ? 5   DT  B "C2'" 1 
ATOM   986  C "C1'" . DT  B 2 5   ? 4.114   18.552  -6.841  1.00 127.50 ? 5   DT  B "C1'" 1 
ATOM   987  N N1    . DT  B 2 5   ? 3.189   18.431  -7.969  1.00 122.79 ? 5   DT  B N1    1 
ATOM   988  C C2    . DT  B 2 5   ? 1.939   17.979  -7.627  1.00 120.44 ? 5   DT  B C2    1 
ATOM   989  O O2    . DT  B 2 5   ? 1.606   17.705  -6.483  1.00 114.35 ? 5   DT  B O2    1 
ATOM   990  N N3    . DT  B 2 5   ? 1.081   17.867  -8.684  1.00 119.16 ? 5   DT  B N3    1 
ATOM   991  C C4    . DT  B 2 5   ? 1.382   18.156  -10.008 1.00 117.59 ? 5   DT  B C4    1 
ATOM   992  O O4    . DT  B 2 5   ? 0.540   18.020  -10.883 1.00 112.08 ? 5   DT  B O4    1 
ATOM   993  C C5    . DT  B 2 5   ? 2.716   18.623  -10.291 1.00 118.09 ? 5   DT  B C5    1 
ATOM   994  C C7    . DT  B 2 5   ? 3.101   18.952  -11.696 1.00 112.17 ? 5   DT  B C7    1 
ATOM   995  C C6    . DT  B 2 5   ? 3.560   18.736  -9.264  1.00 118.33 ? 5   DT  B C6    1 
ATOM   996  P P     . DG  B 2 6   ? 6.776   16.949  -3.626  1.00 134.54 ? 6   DG  B P     1 
ATOM   997  O OP1   . DG  B 2 6   ? 6.124   16.634  -2.334  1.00 122.20 ? 6   DG  B OP1   1 
ATOM   998  O OP2   . DG  B 2 6   ? 8.013   17.765  -3.662  1.00 138.94 ? 6   DG  B OP2   1 
ATOM   999  O "O5'" . DG  B 2 6   ? 7.142   15.595  -4.429  1.00 126.22 ? 6   DG  B "O5'" 1 
ATOM   1000 C "C5'" . DG  B 2 6   ? 6.085   14.822  -5.002  1.00 124.35 ? 6   DG  B "C5'" 1 
ATOM   1001 C "C4'" . DG  B 2 6   ? 5.047   14.494  -3.951  1.00 122.02 ? 6   DG  B "C4'" 1 
ATOM   1002 O "O4'" . DG  B 2 6   ? 3.733   14.918  -4.365  1.00 116.76 ? 6   DG  B "O4'" 1 
ATOM   1003 C "C3'" . DG  B 2 6   ? 4.922   13.010  -3.693  1.00 121.80 ? 6   DG  B "C3'" 1 
ATOM   1004 O "O3'" . DG  B 2 6   ? 4.744   12.874  -2.294  1.00 124.82 ? 6   DG  B "O3'" 1 
ATOM   1005 C "C2'" . DG  B 2 6   ? 3.738   12.558  -4.569  1.00 118.53 ? 6   DG  B "C2'" 1 
ATOM   1006 C "C1'" . DG  B 2 6   ? 3.111   13.864  -5.076  1.00 113.63 ? 6   DG  B "C1'" 1 
ATOM   1007 N N9    . DG  B 2 6   ? 3.191   14.180  -6.505  1.00 105.43 ? 6   DG  B N9    1 
ATOM   1008 C C8    . DG  B 2 6   ? 4.293   14.510  -7.258  1.00 106.83 ? 6   DG  B C8    1 
ATOM   1009 N N7    . DG  B 2 6   ? 4.038   14.775  -8.504  1.00 107.91 ? 6   DG  B N7    1 
ATOM   1010 C C5    . DG  B 2 6   ? 2.659   14.613  -8.559  1.00 106.48 ? 6   DG  B C5    1 
ATOM   1011 C C6    . DG  B 2 6   ? 1.808   14.720  -9.667  1.00 103.46 ? 6   DG  B C6    1 
ATOM   1012 O O6    . DG  B 2 6   ? 2.115   15.056  -10.799 1.00 99.24  ? 6   DG  B O6    1 
ATOM   1013 N N1    . DG  B 2 6   ? 0.479   14.490  -9.383  1.00 104.72 ? 6   DG  B N1    1 
ATOM   1014 C C2    . DG  B 2 6   ? 0.032   14.149  -8.140  1.00 109.09 ? 6   DG  B C2    1 
ATOM   1015 N N2    . DG  B 2 6   ? -1.286  13.948  -8.027  1.00 110.65 ? 6   DG  B N2    1 
ATOM   1016 N N3    . DG  B 2 6   ? 0.807   14.006  -7.068  1.00 110.77 ? 6   DG  B N3    1 
ATOM   1017 C C4    . DG  B 2 6   ? 2.117   14.228  -7.361  1.00 108.35 ? 6   DG  B C4    1 
HETATM 1018 O OP2   . 6PO B 2 7   ? 4.289   11.558  -0.139  1.00 132.77 ? 7   6PO B OP2   1 
HETATM 1019 P P     . 6PO B 2 7   ? 4.073   11.551  -1.696  1.00 134.41 ? 7   6PO B P     1 
HETATM 1020 O OP1   . 6PO B 2 7   ? 2.550   11.560  -2.081  1.00 123.48 ? 7   6PO B OP1   1 
HETATM 1021 O "O5'" . 6PO B 2 7   ? 4.892   10.371  -2.387  1.00 121.96 ? 7   6PO B "O5'" 1 
HETATM 1022 C "C5'" . 6PO B 2 7   ? 4.184   9.287   -2.944  1.00 121.68 ? 7   6PO B "C5'" 1 
HETATM 1023 C "C4'" . 6PO B 2 7   ? 4.449   7.921   -2.645  1.00 118.41 ? 7   6PO B "C4'" 1 
HETATM 1024 C "C3'" . 6PO B 2 7   ? 3.323   7.158   -3.195  1.00 119.19 ? 7   6PO B "C3'" 1 
HETATM 1025 O "O3'" . 6PO B 2 7   ? 3.764   6.040   -3.865  1.00 117.31 ? 7   6PO B "O3'" 1 
HETATM 1026 C "C2'" . 6PO B 2 7   ? 2.504   6.780   -2.032  1.00 119.11 ? 7   6PO B "C2'" 1 
HETATM 1027 O "O4'" . 6PO B 2 7   ? 4.440   7.709   -1.211  1.00 118.69 ? 7   6PO B "O4'" 1 
HETATM 1028 C "C1'" . 6PO B 2 7   ? 3.503   6.708   -0.940  1.00 116.59 ? 7   6PO B "C1'" 1 
HETATM 1029 N N9    . 6PO B 2 7   ? 2.904   6.896   0.359   1.00 120.75 ? 7   6PO B N9    1 
HETATM 1030 C C8    . 6PO B 2 7   ? 3.036   8.046   1.065   1.00 125.74 ? 7   6PO B C8    1 
HETATM 1031 N N7    . 6PO B 2 7   ? 2.474   7.885   2.296   1.00 123.57 ? 7   6PO B N7    1 
HETATM 1032 C C5    . 6PO B 2 7   ? 1.977   6.595   2.356   1.00 123.40 ? 7   6PO B C5    1 
HETATM 1033 C C4    . 6PO B 2 7   ? 2.233   5.952   1.149   1.00 118.51 ? 7   6PO B C4    1 
HETATM 1034 C C6    . 6PO B 2 7   ? 1.283   5.874   3.413   1.00 122.93 ? 7   6PO B C6    1 
HETATM 1035 N N1    . 6PO B 2 7   ? 0.886   4.585   3.221   1.00 120.98 ? 7   6PO B N1    1 
HETATM 1036 C C2    . 6PO B 2 7   ? 1.156   4.000   2.020   1.00 120.65 ? 7   6PO B C2    1 
HETATM 1037 N N2    . 6PO B 2 7   ? 0.723   2.653   1.814   1.00 123.85 ? 7   6PO B N2    1 
HETATM 1038 N N3    . 6PO B 2 7   ? 1.812   4.641   1.003   1.00 115.36 ? 7   6PO B N3    1 
HETATM 1039 O O6    . 6PO B 2 7   ? 1.078   6.540   4.647   1.00 123.16 ? 7   6PO B O6    1 
HETATM 1040 C C1X   . 6PO B 2 7   ? 0.408   5.960   5.749   1.00 127.41 ? 7   6PO B C1X   1 
HETATM 1041 C C2X   . 6PO B 2 7   ? 0.023   6.890   6.903   1.00 131.87 ? 7   6PO B C2X   1 
HETATM 1042 C C3X   . 6PO B 2 7   ? -0.038  6.292   8.301   1.00 134.25 ? 7   6PO B C3X   1 
ATOM   1043 P P     . DC  B 2 8   ? 4.253   6.142   -5.393  1.00 120.63 ? 8   DC  B P     1 
ATOM   1044 O OP1   . DC  B 2 8   ? 4.790   4.815   -5.788  1.00 121.53 ? 8   DC  B OP1   1 
ATOM   1045 O OP2   . DC  B 2 8   ? 5.116   7.337   -5.523  1.00 115.32 ? 8   DC  B OP2   1 
ATOM   1046 O "O5'" . DC  B 2 8   ? 2.903   6.397   -6.194  1.00 108.90 ? 8   DC  B "O5'" 1 
ATOM   1047 C "C5'" . DC  B 2 8   ? 1.739   5.625   -5.949  1.00 106.89 ? 8   DC  B "C5'" 1 
ATOM   1048 C "C4'" . DC  B 2 8   ? 1.206   5.240   -7.298  1.00 108.34 ? 8   DC  B "C4'" 1 
ATOM   1049 O "O4'" . DC  B 2 8   ? 1.481   6.363   -8.169  1.00 111.64 ? 8   DC  B "O4'" 1 
ATOM   1050 C "C3'" . DC  B 2 8   ? 1.929   4.041   -7.889  1.00 109.72 ? 8   DC  B "C3'" 1 
ATOM   1051 O "O3'" . DC  B 2 8   ? 1.051   2.994   -8.295  1.00 114.79 ? 8   DC  B "O3'" 1 
ATOM   1052 C "C2'" . DC  B 2 8   ? 2.649   4.623   -9.094  1.00 107.35 ? 8   DC  B "C2'" 1 
ATOM   1053 C "C1'" . DC  B 2 8   ? 1.820   5.854   -9.428  1.00 109.25 ? 8   DC  B "C1'" 1 
ATOM   1054 N N1    . DC  B 2 8   ? 2.594   6.857   -10.183 1.00 106.04 ? 8   DC  B N1    1 
ATOM   1055 C C2    . DC  B 2 8   ? 2.227   7.168   -11.489 1.00 105.08 ? 8   DC  B C2    1 
ATOM   1056 O O2    . DC  B 2 8   ? 1.250   6.630   -12.005 1.00 104.38 ? 8   DC  B O2    1 
ATOM   1057 N N3    . DC  B 2 8   ? 2.945   8.063   -12.181 1.00 105.12 ? 8   DC  B N3    1 
ATOM   1058 C C4    . DC  B 2 8   ? 3.993   8.629   -11.603 1.00 108.23 ? 8   DC  B C4    1 
ATOM   1059 N N4    . DC  B 2 8   ? 4.648   9.515   -12.352 1.00 115.60 ? 8   DC  B N4    1 
ATOM   1060 C C5    . DC  B 2 8   ? 4.398   8.335   -10.270 1.00 105.27 ? 8   DC  B C5    1 
ATOM   1061 C C6    . DC  B 2 8   ? 3.672   7.442   -9.609  1.00 105.22 ? 8   DC  B C6    1 
ATOM   1062 P P     . DT  B 2 9   ? 1.645   1.663   -8.985  1.00 114.18 ? 9   DT  B P     1 
ATOM   1063 O OP1   . DT  B 2 9   ? 0.743   0.540   -8.673  1.00 110.57 ? 9   DT  B OP1   1 
ATOM   1064 O OP2   . DT  B 2 9   ? 3.073   1.568   -8.647  1.00 113.23 ? 9   DT  B OP2   1 
ATOM   1065 O "O5'" . DT  B 2 9   ? 1.578   1.991   -10.534 1.00 113.68 ? 9   DT  B "O5'" 1 
ATOM   1066 C "C5'" . DT  B 2 9   ? 0.435   2.588   -11.064 1.00 110.70 ? 9   DT  B "C5'" 1 
ATOM   1067 C "C4'" . DT  B 2 9   ? 0.517   2.400   -12.565 1.00 110.86 ? 9   DT  B "C4'" 1 
ATOM   1068 O "O4'" . DT  B 2 9   ? 1.245   3.467   -13.235 1.00 105.07 ? 9   DT  B "O4'" 1 
ATOM   1069 C "C3'" . DT  B 2 9   ? 1.281   1.139   -12.906 1.00 118.91 ? 9   DT  B "C3'" 1 
ATOM   1070 O "O3'" . DT  B 2 9   ? 0.848   0.692   -14.178 1.00 124.39 ? 9   DT  B "O3'" 1 
ATOM   1071 C "C2'" . DT  B 2 9   ? 2.690   1.684   -13.007 1.00 113.22 ? 9   DT  B "C2'" 1 
ATOM   1072 C "C1'" . DT  B 2 9   ? 2.393   2.917   -13.829 1.00 105.68 ? 9   DT  B "C1'" 1 
ATOM   1073 N N1    . DT  B 2 9   ? 3.423   3.911   -13.672 1.00 105.42 ? 9   DT  B N1    1 
ATOM   1074 C C2    . DT  B 2 9   ? 3.602   4.839   -14.662 1.00 109.53 ? 9   DT  B C2    1 
ATOM   1075 O O2    . DT  B 2 9   ? 2.925   4.898   -15.665 1.00 111.03 ? 9   DT  B O2    1 
ATOM   1076 N N3    . DT  B 2 9   ? 4.596   5.730   -14.409 1.00 110.72 ? 9   DT  B N3    1 
ATOM   1077 C C4    . DT  B 2 9   ? 5.415   5.750   -13.295 1.00 110.53 ? 9   DT  B C4    1 
ATOM   1078 O O4    . DT  B 2 9   ? 6.287   6.602   -13.184 1.00 111.82 ? 9   DT  B O4    1 
ATOM   1079 C C5    . DT  B 2 9   ? 5.178   4.731   -12.297 1.00 109.14 ? 9   DT  B C5    1 
ATOM   1080 C C7    . DT  B 2 9   ? 5.989   4.646   -11.045 1.00 107.23 ? 9   DT  B C7    1 
ATOM   1081 C C6    . DT  B 2 9   ? 4.198   3.870   -12.538 1.00 109.64 ? 9   DT  B C6    1 
ATOM   1082 P P     . DA  B 2 10  ? 0.965   -0.866  -14.582 1.00 129.10 ? 10  DA  B P     1 
ATOM   1083 O OP1   . DA  B 2 10  ? -0.309  -1.528  -14.202 1.00 125.07 ? 10  DA  B OP1   1 
ATOM   1084 O OP2   . DA  B 2 10  ? 2.253   -1.387  -14.051 1.00 115.88 ? 10  DA  B OP2   1 
ATOM   1085 O "O5'" . DA  B 2 10  ? 1.086   -0.812  -16.178 1.00 124.96 ? 10  DA  B "O5'" 1 
ATOM   1086 C "C5'" . DA  B 2 10  ? 0.387   0.240   -16.865 1.00 123.56 ? 10  DA  B "C5'" 1 
ATOM   1087 C "C4'" . DA  B 2 10  ? 1.163   0.713   -18.083 1.00 128.70 ? 10  DA  B "C4'" 1 
ATOM   1088 O "O4'" . DA  B 2 10  ? 2.110   1.750   -17.688 1.00 126.49 ? 10  DA  B "O4'" 1 
ATOM   1089 C "C3'" . DA  B 2 10  ? 1.985   -0.368  -18.789 1.00 127.45 ? 10  DA  B "C3'" 1 
ATOM   1090 O "O3'" . DA  B 2 10  ? 2.093   -0.094  -20.205 1.00 131.84 ? 10  DA  B "O3'" 1 
ATOM   1091 C "C2'" . DA  B 2 10  ? 3.324   -0.226  -18.072 1.00 119.87 ? 10  DA  B "C2'" 1 
ATOM   1092 C "C1'" . DA  B 2 10  ? 3.411   1.296   -18.070 1.00 124.58 ? 10  DA  B "C1'" 1 
ATOM   1093 N N9    . DA  B 2 10  ? 4.525   1.792   -17.253 1.00 119.01 ? 10  DA  B N9    1 
ATOM   1094 C C8    . DA  B 2 10  ? 5.083   1.237   -16.133 1.00 112.60 ? 10  DA  B C8    1 
ATOM   1095 N N7    . DA  B 2 10  ? 6.085   1.921   -15.636 1.00 108.65 ? 10  DA  B N7    1 
ATOM   1096 C C5    . DA  B 2 10  ? 6.196   2.990   -16.503 1.00 117.99 ? 10  DA  B C5    1 
ATOM   1097 C C6    . DA  B 2 10  ? 7.067   4.100   -16.546 1.00 122.98 ? 10  DA  B C6    1 
ATOM   1098 N N6    . DA  B 2 10  ? 8.036   4.301   -15.644 1.00 121.14 ? 10  DA  B N6    1 
ATOM   1099 N N1    . DA  B 2 10  ? 6.902   5.005   -17.546 1.00 125.27 ? 10  DA  B N1    1 
ATOM   1100 C C2    . DA  B 2 10  ? 5.927   4.805   -18.441 1.00 123.35 ? 10  DA  B C2    1 
ATOM   1101 N N3    . DA  B 2 10  ? 5.052   3.803   -18.507 1.00 121.66 ? 10  DA  B N3    1 
ATOM   1102 C C4    . DA  B 2 10  ? 5.243   2.931   -17.501 1.00 121.43 ? 10  DA  B C4    1 
ATOM   1103 P P     . DG  B 2 11  ? 2.024   -1.304  -21.274 1.00 144.52 ? 11  DG  B P     1 
ATOM   1104 O OP1   . DG  B 2 11  ? 0.620   -1.421  -21.759 1.00 138.67 ? 11  DG  B OP1   1 
ATOM   1105 O OP2   . DG  B 2 11  ? 2.772   -2.460  -20.708 1.00 133.65 ? 11  DG  B OP2   1 
ATOM   1106 O "O5'" . DG  B 2 11  ? 2.916   -0.787  -22.493 1.00 143.87 ? 11  DG  B "O5'" 1 
ATOM   1107 C "C5'" . DG  B 2 11  ? 2.783   0.500   -23.086 1.00 135.81 ? 11  DG  B "C5'" 1 
ATOM   1108 C "C4'" . DG  B 2 11  ? 4.163   1.154   -23.049 1.00 141.04 ? 11  DG  B "C4'" 1 
ATOM   1109 O "O4'" . DG  B 2 11  ? 4.693   1.118   -21.693 1.00 138.69 ? 11  DG  B "O4'" 1 
ATOM   1110 C "C3'" . DG  B 2 11  ? 5.258   0.471   -23.884 1.00 144.74 ? 11  DG  B "C3'" 1 
ATOM   1111 O "O3'" . DG  B 2 11  ? 5.544   1.254   -25.065 1.00 147.98 ? 11  DG  B "O3'" 1 
ATOM   1112 C "C2'" . DG  B 2 11  ? 6.479   0.369   -22.960 1.00 137.05 ? 11  DG  B "C2'" 1 
ATOM   1113 C "C1'" . DG  B 2 11  ? 6.090   1.319   -21.834 1.00 133.90 ? 11  DG  B "C1'" 1 
ATOM   1114 N N9    . DG  B 2 11  ? 6.836   1.119   -20.587 1.00 126.39 ? 11  DG  B N9    1 
ATOM   1115 C C8    . DG  B 2 11  ? 6.657   0.142   -19.639 1.00 122.47 ? 11  DG  B C8    1 
ATOM   1116 N N7    . DG  B 2 11  ? 7.475   0.226   -18.633 1.00 121.64 ? 11  DG  B N7    1 
ATOM   1117 C C5    . DG  B 2 11  ? 8.241   1.339   -18.943 1.00 124.66 ? 11  DG  B C5    1 
ATOM   1118 C C6    . DG  B 2 11  ? 9.301   1.935   -18.233 1.00 129.50 ? 11  DG  B C6    1 
ATOM   1119 O O6    . DG  B 2 11  ? 9.779   1.572   -17.154 1.00 131.77 ? 11  DG  B O6    1 
ATOM   1120 N N1    . DG  B 2 11  ? 9.830   3.056   -18.875 1.00 130.09 ? 11  DG  B N1    1 
ATOM   1121 C C2    . DG  B 2 11  ? 9.369   3.538   -20.076 1.00 128.85 ? 11  DG  B C2    1 
ATOM   1122 N N2    . DG  B 2 11  ? 9.977   4.619   -20.560 1.00 131.07 ? 11  DG  B N2    1 
ATOM   1123 N N3    . DG  B 2 11  ? 8.377   2.991   -20.762 1.00 125.45 ? 11  DG  B N3    1 
ATOM   1124 C C4    . DG  B 2 11  ? 7.870   1.902   -20.133 1.00 125.47 ? 11  DG  B C4    1 
ATOM   1125 P P     . DT  B 2 12  ? 6.106   0.544   -26.402 1.00 151.22 ? 12  DT  B P     1 
ATOM   1126 O OP1   . DT  B 2 12  ? 4.963   0.408   -27.344 1.00 141.87 ? 12  DT  B OP1   1 
ATOM   1127 O OP2   . DT  B 2 12  ? 6.922   -0.656  -25.998 1.00 140.40 ? 12  DT  B OP2   1 
ATOM   1128 O "O5'" . DT  B 2 12  ? 7.173   1.609   -26.977 1.00 142.84 ? 12  DT  B "O5'" 1 
ATOM   1129 C "C5'" . DT  B 2 12  ? 7.638   2.695   -26.164 1.00 139.87 ? 12  DT  B "C5'" 1 
ATOM   1130 C "C4'" . DT  B 2 12  ? 9.107   2.607   -25.772 1.00 136.53 ? 12  DT  B "C4'" 1 
ATOM   1131 O "O4'" . DT  B 2 12  ? 9.264   2.262   -24.362 1.00 130.88 ? 12  DT  B "O4'" 1 
ATOM   1132 C "C3'" . DT  B 2 12  ? 10.001  1.631   -26.534 1.00 143.11 ? 12  DT  B "C3'" 1 
ATOM   1133 O "O3'" . DT  B 2 12  ? 11.130  2.378   -27.036 1.00 144.79 ? 12  DT  B "O3'" 1 
ATOM   1134 C "C2'" . DT  B 2 12  ? 10.416  0.607   -25.464 1.00 137.62 ? 12  DT  B "C2'" 1 
ATOM   1135 C "C1'" . DT  B 2 12  ? 10.500  1.582   -24.277 1.00 133.53 ? 12  DT  B "C1'" 1 
ATOM   1136 N N1    . DT  B 2 12  ? 10.718  0.958   -22.920 1.00 130.21 ? 12  DT  B N1    1 
ATOM   1137 C C2    . DT  B 2 12  ? 11.736  1.448   -22.109 1.00 129.68 ? 12  DT  B C2    1 
ATOM   1138 O O2    . DT  B 2 12  ? 12.482  2.376   -22.404 1.00 131.22 ? 12  DT  B O2    1 
ATOM   1139 N N3    . DT  B 2 12  ? 11.865  0.810   -20.899 1.00 127.64 ? 12  DT  B N3    1 
ATOM   1140 C C4    . DT  B 2 12  ? 11.113  -0.242  -20.429 1.00 126.53 ? 12  DT  B C4    1 
ATOM   1141 O O4    . DT  B 2 12  ? 11.321  -0.733  -19.329 1.00 125.01 ? 12  DT  B O4    1 
ATOM   1142 C C5    . DT  B 2 12  ? 10.074  -0.714  -21.314 1.00 124.81 ? 12  DT  B C5    1 
ATOM   1143 C C7    . DT  B 2 12  ? 9.205   -1.856  -20.876 1.00 114.43 ? 12  DT  B C7    1 
ATOM   1144 C C6    . DT  B 2 12  ? 9.925   -0.104  -22.506 1.00 127.77 ? 12  DT  B C6    1 
ATOM   1145 P P     . DA  B 2 13  ? 11.740  2.047   -28.490 1.00 148.95 ? 13  DA  B P     1 
ATOM   1146 O OP1   . DA  B 2 13  ? 12.270  3.309   -29.062 1.00 137.18 ? 13  DA  B OP1   1 
ATOM   1147 O OP2   . DA  B 2 13  ? 10.716  1.283   -29.254 1.00 143.70 ? 13  DA  B OP2   1 
ATOM   1148 O "O5'" . DA  B 2 13  ? 12.940  1.027   -28.162 1.00 147.82 ? 13  DA  B "O5'" 1 
ATOM   1149 C "C5'" . DA  B 2 13  ? 13.490  1.040   -26.847 1.00 145.02 ? 13  DA  B "C5'" 1 
ATOM   1150 C "C4'" . DA  B 2 13  ? 14.106  2.392   -26.533 1.00 143.74 ? 13  DA  B "C4'" 1 
ATOM   1151 O "O4'" . DA  B 2 13  ? 14.136  2.592   -25.095 1.00 139.57 ? 13  DA  B "O4'" 1 
ATOM   1152 C "C3'" . DA  B 2 13  ? 15.573  2.494   -26.899 1.00 140.94 ? 13  DA  B "C3'" 1 
ATOM   1153 O "O3'" . DA  B 2 13  ? 16.010  3.850   -26.740 1.00 142.53 ? 13  DA  B "O3'" 1 
ATOM   1154 C "C2'" . DA  B 2 13  ? 16.150  1.558   -25.828 1.00 137.99 ? 13  DA  B "C2'" 1 
ATOM   1155 C "C1'" . DA  B 2 13  ? 15.280  1.909   -24.602 1.00 137.26 ? 13  DA  B "C1'" 1 
ATOM   1156 N N9    . DA  B 2 13  ? 14.834  0.773   -23.779 1.00 134.18 ? 13  DA  B N9    1 
ATOM   1157 C C8    . DA  B 2 13  ? 14.000  -0.254  -24.142 1.00 130.83 ? 13  DA  B C8    1 
ATOM   1158 N N7    . DA  B 2 13  ? 13.763  -1.146  -23.200 1.00 126.83 ? 13  DA  B N7    1 
ATOM   1159 C C5    . DA  B 2 13  ? 14.484  -0.660  -22.125 1.00 130.41 ? 13  DA  B C5    1 
ATOM   1160 C C6    . DA  B 2 13  ? 14.669  -1.135  -20.814 1.00 130.58 ? 13  DA  B C6    1 
ATOM   1161 N N6    . DA  B 2 13  ? 14.080  -2.240  -20.376 1.00 130.00 ? 13  DA  B N6    1 
ATOM   1162 N N1    . DA  B 2 13  ? 15.451  -0.436  -19.968 1.00 130.53 ? 13  DA  B N1    1 
ATOM   1163 C C2    . DA  B 2 13  ? 16.029  0.676   -20.425 1.00 132.82 ? 13  DA  B C2    1 
ATOM   1164 N N3    . DA  B 2 13  ? 15.942  1.230   -21.644 1.00 134.48 ? 13  DA  B N3    1 
ATOM   1165 C C4    . DA  B 2 13  ? 15.151  0.509   -22.461 1.00 133.72 ? 13  DA  B C4    1 
ATOM   1166 O "O5'" . DC  C 3 1   ? 16.031  -8.066  -11.950 1.00 124.46 ? 14  DC  C "O5'" 1 
ATOM   1167 C "C5'" . DC  C 3 1   ? 17.394  -7.796  -11.702 1.00 123.68 ? 14  DC  C "C5'" 1 
ATOM   1168 C "C4'" . DC  C 3 1   ? 17.884  -6.538  -12.424 1.00 128.15 ? 14  DC  C "C4'" 1 
ATOM   1169 O "O4'" . DC  C 3 1   ? 17.901  -6.688  -13.859 1.00 124.70 ? 14  DC  C "O4'" 1 
ATOM   1170 C "C3'" . DC  C 3 1   ? 17.128  -5.236  -12.245 1.00 126.08 ? 14  DC  C "C3'" 1 
ATOM   1171 O "O3'" . DC  C 3 1   ? 17.578  -4.643  -11.068 1.00 128.57 ? 14  DC  C "O3'" 1 
ATOM   1172 C "C2'" . DC  C 3 1   ? 17.643  -4.399  -13.406 1.00 123.52 ? 14  DC  C "C2'" 1 
ATOM   1173 C "C1'" . DC  C 3 1   ? 18.111  -5.413  -14.432 1.00 121.27 ? 14  DC  C "C1'" 1 
ATOM   1174 N N1    . DC  C 3 1   ? 17.299  -5.368  -15.640 1.00 115.58 ? 14  DC  C N1    1 
ATOM   1175 C C2    . DC  C 3 1   ? 16.115  -6.114  -15.666 1.00 119.03 ? 14  DC  C C2    1 
ATOM   1176 O O2    . DC  C 3 1   ? 15.770  -6.782  -14.688 1.00 120.96 ? 14  DC  C O2    1 
ATOM   1177 N N3    . DC  C 3 1   ? 15.338  -6.098  -16.764 1.00 116.63 ? 14  DC  C N3    1 
ATOM   1178 C C4    . DC  C 3 1   ? 15.736  -5.371  -17.792 1.00 117.88 ? 14  DC  C C4    1 
ATOM   1179 N N4    . DC  C 3 1   ? 14.934  -5.383  -18.857 1.00 119.70 ? 14  DC  C N4    1 
ATOM   1180 C C5    . DC  C 3 1   ? 16.943  -4.613  -17.779 1.00 115.85 ? 14  DC  C C5    1 
ATOM   1181 C C6    . DC  C 3 1   ? 17.694  -4.630  -16.697 1.00 112.83 ? 14  DC  C C6    1 
ATOM   1182 P P     . DT  C 3 2   ? 16.807  -3.374  -10.479 1.00 136.74 ? 15  DT  C P     1 
ATOM   1183 O OP1   . DT  C 3 2   ? 17.016  -3.358  -9.002  1.00 131.10 ? 15  DT  C OP1   1 
ATOM   1184 O OP2   . DT  C 3 2   ? 15.435  -3.398  -11.035 1.00 133.02 ? 15  DT  C OP2   1 
ATOM   1185 O "O5'" . DT  C 3 2   ? 17.552  -2.122  -11.176 1.00 132.22 ? 15  DT  C "O5'" 1 
ATOM   1186 C "C5'" . DT  C 3 2   ? 18.968  -2.078  -11.430 1.00 133.08 ? 15  DT  C "C5'" 1 
ATOM   1187 C "C4'" . DT  C 3 2   ? 19.388  -1.007  -12.436 1.00 133.49 ? 15  DT  C "C4'" 1 
ATOM   1188 O "O4'" . DT  C 3 2   ? 18.962  -1.318  -13.796 1.00 129.31 ? 15  DT  C "O4'" 1 
ATOM   1189 C "C3'" . DT  C 3 2   ? 18.889  0.399   -12.168 1.00 133.67 ? 15  DT  C "C3'" 1 
ATOM   1190 O "O3'" . DT  C 3 2   ? 19.811  1.364   -12.651 1.00 135.31 ? 15  DT  C "O3'" 1 
ATOM   1191 C "C2'" . DT  C 3 2   ? 17.656  0.398   -13.049 1.00 132.44 ? 15  DT  C "C2'" 1 
ATOM   1192 C "C1'" . DT  C 3 2   ? 18.222  -0.236  -14.311 1.00 127.31 ? 15  DT  C "C1'" 1 
ATOM   1193 N N1    . DT  C 3 2   ? 17.122  -0.782  -15.122 1.00 124.23 ? 15  DT  C N1    1 
ATOM   1194 C C2    . DT  C 3 2   ? 16.904  -0.405  -16.438 1.00 125.38 ? 15  DT  C C2    1 
ATOM   1195 O O2    . DT  C 3 2   ? 17.581  0.383   -17.080 1.00 129.27 ? 15  DT  C O2    1 
ATOM   1196 N N3    . DT  C 3 2   ? 15.820  -1.005  -17.020 1.00 122.09 ? 15  DT  C N3    1 
ATOM   1197 C C4    . DT  C 3 2   ? 14.953  -1.910  -16.448 1.00 122.04 ? 15  DT  C C4    1 
ATOM   1198 O O4    . DT  C 3 2   ? 14.011  -2.378  -17.072 1.00 122.50 ? 15  DT  C O4    1 
ATOM   1199 C C5    . DT  C 3 2   ? 15.237  -2.251  -15.078 1.00 121.78 ? 15  DT  C C5    1 
ATOM   1200 C C7    . DT  C 3 2   ? 14.367  -3.221  -14.342 1.00 123.28 ? 15  DT  C C7    1 
ATOM   1201 C C6    . DT  C 3 2   ? 16.287  -1.674  -14.488 1.00 122.45 ? 15  DT  C C6    1 
ATOM   1202 P P     . DA  C 3 3   ? 19.410  2.929   -12.668 1.00 149.69 ? 16  DA  C P     1 
ATOM   1203 O OP1   . DA  C 3 3   ? 20.136  3.596   -11.563 1.00 143.30 ? 16  DA  C OP1   1 
ATOM   1204 O OP2   . DA  C 3 3   ? 17.930  3.033   -12.686 1.00 136.89 ? 16  DA  C OP2   1 
ATOM   1205 O "O5'" . DA  C 3 3   ? 19.980  3.452   -14.086 1.00 149.52 ? 16  DA  C "O5'" 1 
ATOM   1206 C "C5'" . DA  C 3 3   ? 19.430  3.019   -15.348 1.00 142.98 ? 16  DA  C "C5'" 1 
ATOM   1207 C "C4'" . DA  C 3 3   ? 19.116  4.188   -16.254 1.00 140.20 ? 16  DA  C "C4'" 1 
ATOM   1208 O "O4'" . DA  C 3 3   ? 17.970  3.814   -17.054 1.00 135.48 ? 16  DA  C "O4'" 1 
ATOM   1209 C "C3'" . DA  C 3 3   ? 18.680  5.412   -15.478 1.00 139.43 ? 16  DA  C "C3'" 1 
ATOM   1210 O "O3'" . DA  C 3 3   ? 18.659  6.558   -16.310 1.00 139.27 ? 16  DA  C "O3'" 1 
ATOM   1211 C "C2'" . DA  C 3 3   ? 17.270  4.967   -15.115 1.00 138.96 ? 16  DA  C "C2'" 1 
ATOM   1212 C "C1'" . DA  C 3 3   ? 16.827  4.357   -16.447 1.00 138.25 ? 16  DA  C "C1'" 1 
ATOM   1213 N N9    . DA  C 3 3   ? 15.820  3.323   -16.287 1.00 132.74 ? 16  DA  C N9    1 
ATOM   1214 C C8    . DA  C 3 3   ? 15.638  2.527   -15.196 1.00 129.87 ? 16  DA  C C8    1 
ATOM   1215 N N7    . DA  C 3 3   ? 14.632  1.695   -15.313 1.00 127.49 ? 16  DA  C N7    1 
ATOM   1216 C C5    . DA  C 3 3   ? 14.150  1.973   -16.579 1.00 129.73 ? 16  DA  C C5    1 
ATOM   1217 C C6    . DA  C 3 3   ? 13.099  1.438   -17.326 1.00 131.02 ? 16  DA  C C6    1 
ATOM   1218 N N6    . DA  C 3 3   ? 12.340  0.465   -16.828 1.00 130.14 ? 16  DA  C N6    1 
ATOM   1219 N N1    . DA  C 3 3   ? 12.866  1.933   -18.570 1.00 130.84 ? 16  DA  C N1    1 
ATOM   1220 C C2    . DA  C 3 3   ? 13.649  2.915   -19.038 1.00 131.16 ? 16  DA  C C2    1 
ATOM   1221 N N3    . DA  C 3 3   ? 14.675  3.501   -18.434 1.00 133.15 ? 16  DA  C N3    1 
ATOM   1222 C C4    . DA  C 3 3   ? 14.865  2.969   -17.204 1.00 132.66 ? 16  DA  C C4    1 
ATOM   1223 P P     . DC  C 3 4   ? 18.430  8.006   -15.659 1.00 154.84 ? 17  DC  C P     1 
ATOM   1224 O OP1   . DC  C 3 4   ? 19.686  8.374   -14.963 1.00 141.94 ? 17  DC  C OP1   1 
ATOM   1225 O OP2   . DC  C 3 4   ? 17.111  7.988   -14.938 1.00 148.03 ? 17  DC  C OP2   1 
ATOM   1226 O "O5'" . DC  C 3 4   ? 18.174  8.972   -16.936 1.00 151.40 ? 17  DC  C "O5'" 1 
ATOM   1227 C "C5'" . DC  C 3 4   ? 17.965  8.418   -18.245 1.00 145.68 ? 17  DC  C "C5'" 1 
ATOM   1228 C "C4'" . DC  C 3 4   ? 16.498  8.306   -18.610 1.00 140.96 ? 17  DC  C "C4'" 1 
ATOM   1229 O "O4'" . DC  C 3 4   ? 15.871  7.162   -17.977 1.00 139.57 ? 17  DC  C "O4'" 1 
ATOM   1230 C "C3'" . DC  C 3 4   ? 15.580  9.480   -18.260 1.00 135.73 ? 17  DC  C "C3'" 1 
ATOM   1231 O "O3'" . DC  C 3 4   ? 15.555  10.428  -19.331 1.00 145.38 ? 17  DC  C "O3'" 1 
ATOM   1232 C "C2'" . DC  C 3 4   ? 14.222  8.787   -18.087 1.00 136.64 ? 17  DC  C "C2'" 1 
ATOM   1233 C "C1'" . DC  C 3 4   ? 14.521  7.311   -18.361 1.00 135.73 ? 17  DC  C "C1'" 1 
ATOM   1234 N N1    . DC  C 3 4   ? 13.674  6.375   -17.591 1.00 132.34 ? 17  DC  C N1    1 
ATOM   1235 C C2    . DC  C 3 4   ? 12.560  5.836   -18.242 1.00 130.62 ? 17  DC  C C2    1 
ATOM   1236 O O2    . DC  C 3 4   ? 12.349  6.165   -19.418 1.00 132.84 ? 17  DC  C O2    1 
ATOM   1237 N N3    . DC  C 3 4   ? 11.763  4.971   -17.573 1.00 128.79 ? 17  DC  C N3    1 
ATOM   1238 C C4    . DC  C 3 4   ? 12.062  4.673   -16.306 1.00 131.95 ? 17  DC  C C4    1 
ATOM   1239 N N4    . DC  C 3 4   ? 11.249  3.818   -15.679 1.00 132.20 ? 17  DC  C N4    1 
ATOM   1240 C C5    . DC  C 3 4   ? 13.201  5.222   -15.621 1.00 133.04 ? 17  DC  C C5    1 
ATOM   1241 C C6    . DC  C 3 4   ? 13.980  6.074   -16.296 1.00 132.60 ? 17  DC  C C6    1 
ATOM   1242 P P     . DT  C 3 5   ? 14.454  11.627  -19.364 1.00 156.43 ? 18  DT  C P     1 
ATOM   1243 O OP1   . DT  C 3 5   ? 14.989  12.727  -20.216 1.00 146.94 ? 18  DT  C OP1   1 
ATOM   1244 O OP2   . DT  C 3 5   ? 14.042  11.932  -17.967 1.00 144.43 ? 18  DT  C OP2   1 
ATOM   1245 O "O5'" . DT  C 3 5   ? 13.198  10.965  -20.112 1.00 148.37 ? 18  DT  C "O5'" 1 
ATOM   1246 C "C5'" . DT  C 3 5   ? 13.264  10.541  -21.485 1.00 145.17 ? 18  DT  C "C5'" 1 
ATOM   1247 C "C4'" . DT  C 3 5   ? 11.846  10.327  -22.004 1.00 143.06 ? 18  DT  C "C4'" 1 
ATOM   1248 O "O4'" . DT  C 3 5   ? 11.269  9.189   -21.306 1.00 140.21 ? 18  DT  C "O4'" 1 
ATOM   1249 C "C3'" . DT  C 3 5   ? 10.879  11.472  -21.778 1.00 137.86 ? 18  DT  C "C3'" 1 
ATOM   1250 O "O3'" . DT  C 3 5   ? 10.042  11.578  -22.895 1.00 137.89 ? 18  DT  C "O3'" 1 
ATOM   1251 C "C2'" . DT  C 3 5   ? 10.077  11.015  -20.561 1.00 137.00 ? 18  DT  C "C2'" 1 
ATOM   1252 C "C1'" . DT  C 3 5   ? 9.998   9.519   -20.797 1.00 137.71 ? 18  DT  C "C1'" 1 
ATOM   1253 N N1    . DT  C 3 5   ? 9.798   8.782   -19.520 1.00 136.26 ? 18  DT  C N1    1 
ATOM   1254 C C2    . DT  C 3 5   ? 8.697   7.970   -19.376 1.00 133.42 ? 18  DT  C C2    1 
ATOM   1255 O O2    . DT  C 3 5   ? 7.887   7.837   -20.274 1.00 134.74 ? 18  DT  C O2    1 
ATOM   1256 N N3    . DT  C 3 5   ? 8.592   7.339   -18.146 1.00 130.01 ? 18  DT  C N3    1 
ATOM   1257 C C4    . DT  C 3 5   ? 9.493   7.458   -17.085 1.00 132.84 ? 18  DT  C C4    1 
ATOM   1258 O O4    . DT  C 3 5   ? 9.391   6.888   -15.998 1.00 130.27 ? 18  DT  C O4    1 
ATOM   1259 C C5    . DT  C 3 5   ? 10.609  8.324   -17.320 1.00 135.48 ? 18  DT  C C5    1 
ATOM   1260 C C7    . DT  C 3 5   ? 11.611  8.511   -16.233 1.00 134.26 ? 18  DT  C C7    1 
ATOM   1261 C C6    . DT  C 3 5   ? 10.712  8.935   -18.499 1.00 136.82 ? 18  DT  C C6    1 
ATOM   1262 P P     . DA  C 3 6   ? 8.930   12.749  -22.961 1.00 160.79 ? 19  DA  C P     1 
ATOM   1263 O OP1   . DA  C 3 6   ? 9.449   13.831  -23.839 1.00 154.10 ? 19  DA  C OP1   1 
ATOM   1264 O OP2   . DA  C 3 6   ? 8.545   13.111  -21.569 1.00 146.82 ? 19  DA  C OP2   1 
ATOM   1265 O "O5'" . DA  C 3 6   ? 7.682   12.031  -23.663 1.00 151.19 ? 19  DA  C "O5'" 1 
ATOM   1266 C "C5'" . DA  C 3 6   ? 7.481   10.643  -23.417 1.00 142.67 ? 19  DA  C "C5'" 1 
ATOM   1267 C "C4'" . DA  C 3 6   ? 6.003   10.423  -23.204 1.00 141.07 ? 19  DA  C "C4'" 1 
ATOM   1268 O "O4'" . DA  C 3 6   ? 5.765   9.403   -22.201 1.00 139.57 ? 19  DA  C "O4'" 1 
ATOM   1269 C "C3'" . DA  C 3 6   ? 5.252   11.625  -22.647 1.00 144.75 ? 19  DA  C "C3'" 1 
ATOM   1270 O "O3'" . DA  C 3 6   ? 3.845   11.447  -22.764 1.00 144.84 ? 19  DA  C "O3'" 1 
ATOM   1271 C "C2'" . DA  C 3 6   ? 5.564   11.415  -21.183 1.00 140.02 ? 19  DA  C "C2'" 1 
ATOM   1272 C "C1'" . DA  C 3 6   ? 4.910   10.040  -21.266 1.00 138.29 ? 19  DA  C "C1'" 1 
ATOM   1273 N N9    . DA  C 3 6   ? 4.838   9.269   -20.044 1.00 134.63 ? 19  DA  C N9    1 
ATOM   1274 C C8    . DA  C 3 6   ? 4.004   8.225   -19.777 1.00 134.48 ? 19  DA  C C8    1 
ATOM   1275 N N7    . DA  C 3 6   ? 4.161   7.701   -18.585 1.00 133.06 ? 19  DA  C N7    1 
ATOM   1276 C C5    . DA  C 3 6   ? 5.187   8.454   -18.047 1.00 134.97 ? 19  DA  C C5    1 
ATOM   1277 C C6    . DA  C 3 6   ? 5.847   8.400   -16.805 1.00 134.88 ? 19  DA  C C6    1 
ATOM   1278 N N6    . DA  C 3 6   ? 5.550   7.527   -15.843 1.00 127.26 ? 19  DA  C N6    1 
ATOM   1279 N N1    . DA  C 3 6   ? 6.821   9.300   -16.581 1.00 137.55 ? 19  DA  C N1    1 
ATOM   1280 C C2    . DA  C 3 6   ? 7.116   10.185  -17.539 1.00 137.57 ? 19  DA  C C2    1 
ATOM   1281 N N3    . DA  C 3 6   ? 6.577   10.330  -18.747 1.00 134.46 ? 19  DA  C N3    1 
ATOM   1282 C C4    . DA  C 3 6   ? 5.617   9.421   -18.940 1.00 134.19 ? 19  DA  C C4    1 
ATOM   1283 P P     . DG  C 3 7   ? 3.154   11.344  -24.207 1.00 141.60 ? 20  DG  C P     1 
ATOM   1284 O OP1   . DG  C 3 7   ? 3.848   10.259  -24.964 1.00 139.79 ? 20  DG  C OP1   1 
ATOM   1285 O OP2   . DG  C 3 7   ? 3.023   12.729  -24.737 1.00 127.35 ? 20  DG  C OP2   1 
ATOM   1286 O "O5'" . DG  C 3 7   ? 1.673   10.811  -23.875 1.00 132.17 ? 20  DG  C "O5'" 1 
ATOM   1287 C "C5'" . DG  C 3 7   ? 0.922   11.407  -22.806 1.00 134.97 ? 20  DG  C "C5'" 1 
ATOM   1288 C "C4'" . DG  C 3 7   ? 0.522   10.398  -21.742 1.00 130.80 ? 20  DG  C "C4'" 1 
ATOM   1289 O "O4'" . DG  C 3 7   ? 1.650   10.161  -20.871 1.00 129.76 ? 20  DG  C "O4'" 1 
ATOM   1290 C "C3'" . DG  C 3 7   ? -0.635  10.844  -20.854 1.00 128.25 ? 20  DG  C "C3'" 1 
ATOM   1291 O "O3'" . DG  C 3 7   ? -1.766  10.002  -21.032 1.00 128.08 ? 20  DG  C "O3'" 1 
ATOM   1292 C "C2'" . DG  C 3 7   ? -0.146  10.750  -19.417 1.00 123.25 ? 20  DG  C "C2'" 1 
ATOM   1293 C "C1'" . DG  C 3 7   ? 1.186   10.038  -19.537 1.00 124.46 ? 20  DG  C "C1'" 1 
ATOM   1294 N N9    . DG  C 3 7   ? 2.169   10.557  -18.583 1.00 123.21 ? 20  DG  C N9    1 
ATOM   1295 C C8    . DG  C 3 7   ? 3.091   11.579  -18.728 1.00 124.67 ? 20  DG  C C8    1 
ATOM   1296 N N7    . DG  C 3 7   ? 3.822   11.766  -17.665 1.00 122.70 ? 20  DG  C N7    1 
ATOM   1297 C C5    . DG  C 3 7   ? 3.337   10.819  -16.771 1.00 119.18 ? 20  DG  C C5    1 
ATOM   1298 C C6    . DG  C 3 7   ? 3.752   10.531  -15.464 1.00 118.50 ? 20  DG  C C6    1 
ATOM   1299 O O6    . DG  C 3 7   ? 4.623   11.133  -14.825 1.00 118.54 ? 20  DG  C O6    1 
ATOM   1300 N N1    . DG  C 3 7   ? 3.004   9.491   -14.897 1.00 117.44 ? 20  DG  C N1    1 
ATOM   1301 C C2    . DG  C 3 7   ? 2.000   8.790   -15.537 1.00 116.13 ? 20  DG  C C2    1 
ATOM   1302 N N2    . DG  C 3 7   ? 1.392   7.808   -14.851 1.00 110.47 ? 20  DG  C N2    1 
ATOM   1303 N N3    . DG  C 3 7   ? 1.608   9.041   -16.778 1.00 117.17 ? 20  DG  C N3    1 
ATOM   1304 C C4    . DG  C 3 7   ? 2.330   10.061  -17.316 1.00 119.42 ? 20  DG  C C4    1 
ATOM   1305 P P     . DC  C 3 8   ? -3.252  10.574  -20.786 1.00 142.17 ? 21  DC  C P     1 
ATOM   1306 O OP1   . DC  C 3 8   ? -4.214  9.557   -21.270 1.00 136.65 ? 21  DC  C OP1   1 
ATOM   1307 O OP2   . DC  C 3 8   ? -3.296  11.976  -21.284 1.00 132.65 ? 21  DC  C OP2   1 
ATOM   1308 O "O5'" . DC  C 3 8   ? -3.384  10.606  -19.196 1.00 134.97 ? 21  DC  C "O5'" 1 
ATOM   1309 C "C5'" . DC  C 3 8   ? -3.584  9.365   -18.523 1.00 130.90 ? 21  DC  C "C5'" 1 
ATOM   1310 C "C4'" . DC  C 3 8   ? -3.201  9.438   -17.062 1.00 131.11 ? 21  DC  C "C4'" 1 
ATOM   1311 O "O4'" . DC  C 3 8   ? -1.864  9.952   -16.940 1.00 130.56 ? 21  DC  C "O4'" 1 
ATOM   1312 C "C3'" . DC  C 3 8   ? -3.989  10.460  -16.257 1.00 128.42 ? 21  DC  C "C3'" 1 
ATOM   1313 O "O3'" . DC  C 3 8   ? -5.235  9.945   -15.822 1.00 125.73 ? 21  DC  C "O3'" 1 
ATOM   1314 C "C2'" . DC  C 3 8   ? -3.084  10.731  -15.059 1.00 124.37 ? 21  DC  C "C2'" 1 
ATOM   1315 C "C1'" . DC  C 3 8   ? -1.719  10.351  -15.595 1.00 123.29 ? 21  DC  C "C1'" 1 
ATOM   1316 N N1    . DC  C 3 8   ? -0.689  11.402  -15.483 1.00 124.54 ? 21  DC  C N1    1 
ATOM   1317 C C2    . DC  C 3 8   ? -0.075  11.552  -14.245 1.00 122.36 ? 21  DC  C C2    1 
ATOM   1318 O O2    . DC  C 3 8   ? -0.460  10.828  -13.315 1.00 116.44 ? 21  DC  C O2    1 
ATOM   1319 N N3    . DC  C 3 8   ? 0.899   12.488  -14.122 1.00 122.68 ? 21  DC  C N3    1 
ATOM   1320 C C4    . DC  C 3 8   ? 1.256   13.242  -15.169 1.00 122.24 ? 21  DC  C C4    1 
ATOM   1321 N N4    . DC  C 3 8   ? 2.219   14.154  -14.991 1.00 116.67 ? 21  DC  C N4    1 
ATOM   1322 C C5    . DC  C 3 8   ? 0.643   13.092  -16.446 1.00 124.31 ? 21  DC  C C5    1 
ATOM   1323 C C6    . DC  C 3 8   ? -0.316  12.163  -16.552 1.00 125.92 ? 21  DC  C C6    1 
ATOM   1324 P P     . DC  C 3 9   ? -6.560  10.808  -16.026 1.00 112.49 ? 22  DC  C P     1 
ATOM   1325 O OP1   . DC  C 3 9   ? -7.578  9.927   -16.617 1.00 108.40 ? 22  DC  C OP1   1 
ATOM   1326 O OP2   . DC  C 3 9   ? -6.162  12.064  -16.680 1.00 108.25 ? 22  DC  C OP2   1 
ATOM   1327 O "O5'" . DC  C 3 9   ? -7.014  11.156  -14.537 1.00 113.09 ? 22  DC  C "O5'" 1 
ATOM   1328 C "C5'" . DC  C 3 9   ? -6.131  10.825  -13.506 1.00 108.72 ? 22  DC  C "C5'" 1 
ATOM   1329 C "C4'" . DC  C 3 9   ? -6.229  11.748  -12.316 1.00 108.60 ? 22  DC  C "C4'" 1 
ATOM   1330 O "O4'" . DC  C 3 9   ? -4.902  12.191  -11.960 1.00 102.80 ? 22  DC  C "O4'" 1 
ATOM   1331 C "C3'" . DC  C 3 9   ? -6.982  13.048  -12.518 1.00 109.78 ? 22  DC  C "C3'" 1 
ATOM   1332 O "O3'" . DC  C 3 9   ? -7.279  13.617  -11.237 1.00 106.81 ? 22  DC  C "O3'" 1 
ATOM   1333 C "C2'" . DC  C 3 9   ? -5.878  13.806  -13.244 1.00 109.69 ? 22  DC  C "C2'" 1 
ATOM   1334 C "C1'" . DC  C 3 9   ? -4.856  13.581  -12.151 1.00 105.73 ? 22  DC  C "C1'" 1 
ATOM   1335 N N1    . DC  C 3 9   ? -3.480  14.067  -12.416 1.00 101.78 ? 22  DC  C N1    1 
ATOM   1336 C C2    . DC  C 3 9   ? -2.531  13.981  -11.399 1.00 103.81 ? 22  DC  C C2    1 
ATOM   1337 O O2    . DC  C 3 9   ? -2.867  13.481  -10.324 1.00 103.97 ? 22  DC  C O2    1 
ATOM   1338 N N3    . DC  C 3 9   ? -1.282  14.440  -11.626 1.00 105.44 ? 22  DC  C N3    1 
ATOM   1339 C C4    . DC  C 3 9   ? -0.986  14.969  -12.807 1.00 108.39 ? 22  DC  C C4    1 
ATOM   1340 N N4    . DC  C 3 9   ? 0.271   15.391  -12.955 1.00 110.40 ? 22  DC  C N4    1 
ATOM   1341 C C5    . DC  C 3 9   ? -1.948  15.075  -13.860 1.00 107.40 ? 22  DC  C C5    1 
ATOM   1342 C C6    . DC  C 3 9   ? -3.178  14.618  -13.620 1.00 104.15 ? 22  DC  C C6    1 
ATOM   1343 P P     . DA  C 3 10  ? -8.637  14.445  -11.007 1.00 115.28 ? 23  DA  C P     1 
ATOM   1344 O OP1   . DA  C 3 10  ? -9.762  13.546  -11.270 1.00 108.05 ? 23  DA  C OP1   1 
ATOM   1345 O OP2   . DA  C 3 10  ? -8.537  15.704  -11.768 1.00 115.99 ? 23  DA  C OP2   1 
ATOM   1346 O "O5'" . DA  C 3 10  ? -8.624  14.758  -9.444  1.00 112.97 ? 23  DA  C "O5'" 1 
ATOM   1347 C "C5'" . DA  C 3 10  ? -8.769  13.718  -8.507  1.00 113.15 ? 23  DA  C "C5'" 1 
ATOM   1348 C "C4'" . DA  C 3 10  ? -7.934  14.101  -7.301  1.00 117.93 ? 23  DA  C "C4'" 1 
ATOM   1349 O "O4'" . DA  C 3 10  ? -6.613  14.379  -7.788  1.00 114.24 ? 23  DA  C "O4'" 1 
ATOM   1350 C "C3'" . DA  C 3 10  ? -8.387  15.361  -6.576  1.00 119.98 ? 23  DA  C "C3'" 1 
ATOM   1351 O "O3'" . DA  C 3 10  ? -8.466  15.149  -5.163  1.00 121.96 ? 23  DA  C "O3'" 1 
ATOM   1352 C "C2'" . DA  C 3 10  ? -7.304  16.394  -6.882  1.00 118.78 ? 23  DA  C "C2'" 1 
ATOM   1353 C "C1'" . DA  C 3 10  ? -6.096  15.592  -7.308  1.00 113.10 ? 23  DA  C "C1'" 1 
ATOM   1354 N N9    . DA  C 3 10  ? -5.396  16.121  -8.466  1.00 109.97 ? 23  DA  C N9    1 
ATOM   1355 C C8    . DA  C 3 10  ? -5.934  16.276  -9.713  1.00 109.81 ? 23  DA  C C8    1 
ATOM   1356 N N7    . DA  C 3 10  ? -5.082  16.748  -10.588 1.00 108.97 ? 23  DA  C N7    1 
ATOM   1357 C C5    . DA  C 3 10  ? -3.906  16.890  -9.869  1.00 109.36 ? 23  DA  C C5    1 
ATOM   1358 C C6    . DA  C 3 10  ? -2.620  17.341  -10.222 1.00 110.00 ? 23  DA  C C6    1 
ATOM   1359 N N6    . DA  C 3 10  ? -2.301  17.751  -11.446 1.00 108.40 ? 23  DA  C N6    1 
ATOM   1360 N N1    . DA  C 3 10  ? -1.666  17.359  -9.271  1.00 110.93 ? 23  DA  C N1    1 
ATOM   1361 C C2    . DA  C 3 10  ? -1.981  16.934  -8.044  1.00 112.52 ? 23  DA  C C2    1 
ATOM   1362 N N3    . DA  C 3 10  ? -3.157  16.500  -7.596  1.00 110.89 ? 23  DA  C N3    1 
ATOM   1363 C C4    . DA  C 3 10  ? -4.080  16.500  -8.561  1.00 110.23 ? 23  DA  C C4    1 
ATOM   1364 P P     . DT  C 3 11  ? -8.917  16.352  -4.192  1.00 131.38 ? 24  DT  C P     1 
ATOM   1365 O OP1   . DT  C 3 11  ? -9.232  15.784  -2.864  1.00 131.04 ? 24  DT  C OP1   1 
ATOM   1366 O OP2   . DT  C 3 11  ? -9.900  17.187  -4.924  1.00 120.53 ? 24  DT  C OP2   1 
ATOM   1367 O "O5'" . DT  C 3 11  ? -7.581  17.199  -3.996  1.00 126.26 ? 24  DT  C "O5'" 1 
ATOM   1368 C "C5'" . DT  C 3 11  ? -6.473  16.638  -3.309  1.00 124.13 ? 24  DT  C "C5'" 1 
ATOM   1369 C "C4'" . DT  C 3 11  ? -5.436  17.710  -3.045  1.00 127.57 ? 24  DT  C "C4'" 1 
ATOM   1370 O "O4'" . DT  C 3 11  ? -4.680  17.964  -4.257  1.00 125.88 ? 24  DT  C "O4'" 1 
ATOM   1371 C "C3'" . DT  C 3 11  ? -6.022  19.055  -2.614  1.00 134.22 ? 24  DT  C "C3'" 1 
ATOM   1372 O "O3'" . DT  C 3 11  ? -5.315  19.541  -1.452  1.00 140.31 ? 24  DT  C "O3'" 1 
ATOM   1373 C "C2'" . DT  C 3 11  ? -5.836  19.929  -3.854  1.00 126.53 ? 24  DT  C "C2'" 1 
ATOM   1374 C "C1'" . DT  C 3 11  ? -4.541  19.362  -4.414  1.00 129.12 ? 24  DT  C "C1'" 1 
ATOM   1375 N N1    . DT  C 3 11  ? -4.280  19.702  -5.835  1.00 126.50 ? 24  DT  C N1    1 
ATOM   1376 C C2    . DT  C 3 11  ? -3.039  20.193  -6.184  1.00 124.43 ? 24  DT  C C2    1 
ATOM   1377 O O2    . DT  C 3 11  ? -2.149  20.361  -5.377  1.00 123.38 ? 24  DT  C O2    1 
ATOM   1378 N N3    . DT  C 3 11  ? -2.871  20.467  -7.520  1.00 121.44 ? 24  DT  C N3    1 
ATOM   1379 C C4    . DT  C 3 11  ? -3.833  20.325  -8.513  1.00 121.37 ? 24  DT  C C4    1 
ATOM   1380 O O4    . DT  C 3 11  ? -3.627  20.579  -9.698  1.00 119.60 ? 24  DT  C O4    1 
ATOM   1381 C C5    . DT  C 3 11  ? -5.098  19.792  -8.086  1.00 117.79 ? 24  DT  C C5    1 
ATOM   1382 C C7    . DT  C 3 11  ? -6.193  19.578  -9.081  1.00 110.29 ? 24  DT  C C7    1 
ATOM   1383 C C6    . DT  C 3 11  ? -5.262  19.519  -6.787  1.00 120.77 ? 24  DT  C C6    1 
ATOM   1384 P P     . DG  C 3 12  ? -5.794  20.889  -0.703  1.00 134.08 ? 25  DG  C P     1 
ATOM   1385 O OP1   . DG  C 3 12  ? -5.713  20.652  0.766   1.00 130.34 ? 25  DG  C OP1   1 
ATOM   1386 O OP2   . DG  C 3 12  ? -7.036  21.365  -1.364  1.00 117.76 ? 25  DG  C OP2   1 
ATOM   1387 O "O5'" . DG  C 3 12  ? -4.648  21.946  -1.076  1.00 134.34 ? 25  DG  C "O5'" 1 
ATOM   1388 C "C5'" . DG  C 3 12  ? -3.253  21.588  -1.007  1.00 131.62 ? 25  DG  C "C5'" 1 
ATOM   1389 C "C4'" . DG  C 3 12  ? -2.361  22.717  -1.505  1.00 133.47 ? 25  DG  C "C4'" 1 
ATOM   1390 O "O4'" . DG  C 3 12  ? -2.259  22.632  -2.955  1.00 132.29 ? 25  DG  C "O4'" 1 
ATOM   1391 C "C3'" . DG  C 3 12  ? -2.895  24.117  -1.230  1.00 136.56 ? 25  DG  C "C3'" 1 
ATOM   1392 O "O3'" . DG  C 3 12  ? -1.814  25.027  -1.171  1.00 140.98 ? 25  DG  C "O3'" 1 
ATOM   1393 C "C2'" . DG  C 3 12  ? -3.680  24.400  -2.494  1.00 129.29 ? 25  DG  C "C2'" 1 
ATOM   1394 C "C1'" . DG  C 3 12  ? -2.631  23.892  -3.473  1.00 126.91 ? 25  DG  C "C1'" 1 
ATOM   1395 N N9    . DG  C 3 12  ? -3.180  23.807  -4.819  1.00 122.13 ? 25  DG  C N9    1 
ATOM   1396 C C8    . DG  C 3 12  ? -4.496  23.569  -5.132  1.00 126.40 ? 25  DG  C C8    1 
ATOM   1397 N N7    . DG  C 3 12  ? -4.735  23.575  -6.416  1.00 123.07 ? 25  DG  C N7    1 
ATOM   1398 C C5    . DG  C 3 12  ? -3.508  23.835  -6.983  1.00 117.38 ? 25  DG  C C5    1 
ATOM   1399 C C6    . DG  C 3 12  ? -3.168  23.962  -8.337  1.00 117.71 ? 25  DG  C C6    1 
ATOM   1400 O O6    . DG  C 3 12  ? -3.905  23.853  -9.328  1.00 115.83 ? 25  DG  C O6    1 
ATOM   1401 N N1    . DG  C 3 12  ? -1.812  24.238  -8.475  1.00 119.21 ? 25  DG  C N1    1 
ATOM   1402 C C2    . DG  C 3 12  ? -0.904  24.383  -7.451  1.00 121.14 ? 25  DG  C C2    1 
ATOM   1403 N N2    . DG  C 3 12  ? 0.375   24.652  -7.802  1.00 118.71 ? 25  DG  C N2    1 
ATOM   1404 N N3    . DG  C 3 12  ? -1.230  24.262  -6.170  1.00 120.07 ? 25  DG  C N3    1 
ATOM   1405 C C4    . DG  C 3 12  ? -2.543  23.994  -6.016  1.00 118.15 ? 25  DG  C C4    1 
ATOM   1406 P P     . DG  C 3 13  ? -1.953  26.399  -0.341  1.00 145.12 ? 26  DG  C P     1 
ATOM   1407 O OP1   . DG  C 3 13  ? -2.326  26.056  1.048   1.00 144.14 ? 26  DG  C OP1   1 
ATOM   1408 O OP2   . DG  C 3 13  ? -2.875  27.298  -1.073  1.00 137.39 ? 26  DG  C OP2   1 
ATOM   1409 O "O5'" . DG  C 3 13  ? -0.452  26.991  -0.350  1.00 140.78 ? 26  DG  C "O5'" 1 
ATOM   1410 C "C5'" . DG  C 3 13  ? 0.594   26.523  -1.236  1.00 136.65 ? 26  DG  C "C5'" 1 
ATOM   1411 C "C4'" . DG  C 3 13  ? 0.798   27.498  -2.400  1.00 134.92 ? 26  DG  C "C4'" 1 
ATOM   1412 O "O4'" . DG  C 3 13  ? -0.049  27.108  -3.500  1.00 127.66 ? 26  DG  C "O4'" 1 
ATOM   1413 C "C3'" . DG  C 3 13  ? 0.413   28.970  -2.193  1.00 135.37 ? 26  DG  C "C3'" 1 
ATOM   1414 O "O3'" . DG  C 3 13  ? 1.582   29.782  -2.155  1.00 141.00 ? 26  DG  C "O3'" 1 
ATOM   1415 C "C2'" . DG  C 3 13  ? -0.499  29.357  -3.372  1.00 132.22 ? 26  DG  C "C2'" 1 
ATOM   1416 C "C1'" . DG  C 3 13  ? -0.232  28.217  -4.341  1.00 126.82 ? 26  DG  C "C1'" 1 
ATOM   1417 N N9    . DG  C 3 13  ? -1.353  27.918  -5.219  1.00 124.19 ? 26  DG  C N9    1 
ATOM   1418 C C8    . DG  C 3 13  ? -2.635  27.560  -4.852  1.00 125.63 ? 26  DG  C C8    1 
ATOM   1419 N N7    . DG  C 3 13  ? -3.423  27.347  -5.872  1.00 119.96 ? 26  DG  C N7    1 
ATOM   1420 C C5    . DG  C 3 13  ? -2.605  27.592  -6.974  1.00 121.08 ? 26  DG  C C5    1 
ATOM   1421 C C6    . DG  C 3 13  ? -2.890  27.542  -8.363  1.00 121.75 ? 26  DG  C C6    1 
ATOM   1422 O O6    . DG  C 3 13  ? -3.955  27.251  -8.934  1.00 119.58 ? 26  DG  C O6    1 
ATOM   1423 N N1    . DG  C 3 13  ? -1.773  27.861  -9.135  1.00 121.58 ? 26  DG  C N1    1 
ATOM   1424 C C2    . DG  C 3 13  ? -0.533  28.197  -8.639  1.00 121.07 ? 26  DG  C C2    1 
ATOM   1425 N N2    . DG  C 3 13  ? 0.415   28.484  -9.552  1.00 117.07 ? 26  DG  C N2    1 
ATOM   1426 N N3    . DG  C 3 13  ? -0.246  28.263  -7.344  1.00 121.15 ? 26  DG  C N3    1 
ATOM   1427 C C4    . DG  C 3 13  ? -1.328  27.946  -6.587  1.00 120.73 ? 26  DG  C C4    1 
HETATM 1428 O O     . HOH D 4 .   ? 5.983   13.737  -16.214 1.00 88.79  ? 101 HOH C O     1 
# 
loop_
_pdbx_poly_seq_scheme.asym_id 
_pdbx_poly_seq_scheme.entity_id 
_pdbx_poly_seq_scheme.seq_id 
_pdbx_poly_seq_scheme.mon_id 
_pdbx_poly_seq_scheme.ndb_seq_num 
_pdbx_poly_seq_scheme.pdb_seq_num 
_pdbx_poly_seq_scheme.auth_seq_num 
_pdbx_poly_seq_scheme.pdb_mon_id 
_pdbx_poly_seq_scheme.auth_mon_id 
_pdbx_poly_seq_scheme.pdb_strand_id 
_pdbx_poly_seq_scheme.pdb_ins_code 
_pdbx_poly_seq_scheme.hetero 
A 1 1   MET 1   1   1   MET MET A . n 
A 1 2   ARG 2   2   2   ARG ARG A . n 
A 1 3   MET 3   3   3   MET MET A . n 
A 1 4   ASP 4   4   4   ASP ASP A . n 
A 1 5   GLU 5   5   5   GLU GLU A . n 
A 1 6   PHE 6   6   6   PHE PHE A . n 
A 1 7   TYR 7   7   7   TYR TYR A . n 
A 1 8   THR 8   8   8   THR THR A . n 
A 1 9   LYS 9   9   9   LYS LYS A . n 
A 1 10  VAL 10  10  10  VAL VAL A . n 
A 1 11  TYR 11  11  11  TYR TYR A . n 
A 1 12  ASP 12  12  12  ASP ASP A . n 
A 1 13  ALA 13  13  13  ALA ALA A . n 
A 1 14  VAL 14  14  14  VAL VAL A . n 
A 1 15  CYS 15  15  15  CYS CYS A . n 
A 1 16  GLU 16  16  16  GLU GLU A . n 
A 1 17  ILE 17  17  17  ILE ILE A . n 
A 1 18  PRO 18  18  18  PRO PRO A . n 
A 1 19  TYR 19  19  19  TYR TYR A . n 
A 1 20  GLY 20  20  20  GLY GLY A . n 
A 1 21  LYS 21  21  21  LYS LYS A . n 
A 1 22  VAL 22  22  22  VAL VAL A . n 
A 1 23  SER 23  23  23  SER SER A . n 
A 1 24  THR 24  24  24  THR THR A . n 
A 1 25  TYR 25  25  25  TYR TYR A . n 
A 1 26  GLY 26  26  26  GLY GLY A . n 
A 1 27  GLU 27  27  27  GLU GLU A . n 
A 1 28  ILE 28  28  28  ILE ILE A . n 
A 1 29  ALA 29  29  29  ALA ALA A . n 
A 1 30  ARG 30  30  30  ARG ARG A . n 
A 1 31  TYR 31  31  31  TYR TYR A . n 
A 1 32  VAL 32  32  32  VAL VAL A . n 
A 1 33  GLY 33  33  33  GLY GLY A . n 
A 1 34  MET 34  34  34  MET MET A . n 
A 1 35  PRO 35  35  35  PRO PRO A . n 
A 1 36  SER 36  36  36  SER SER A . n 
A 1 37  TYR 37  37  37  TYR TYR A . n 
A 1 38  ALA 38  38  38  ALA ALA A . n 
A 1 39  ARG 39  39  39  ARG ARG A . n 
A 1 40  GLN 40  40  40  GLN GLN A . n 
A 1 41  VAL 41  41  41  VAL VAL A . n 
A 1 42  GLY 42  42  42  GLY GLY A . n 
A 1 43  GLN 43  43  43  GLN GLN A . n 
A 1 44  ALA 44  44  44  ALA ALA A . n 
A 1 45  MET 45  45  45  MET MET A . n 
A 1 46  LYS 46  46  46  LYS LYS A . n 
A 1 47  HIS 47  47  47  HIS HIS A . n 
A 1 48  LEU 48  48  48  LEU LEU A . n 
A 1 49  HIS 49  49  49  HIS HIS A . n 
A 1 50  PRO 50  50  50  PRO PRO A . n 
A 1 51  GLU 51  51  51  GLU GLU A . n 
A 1 52  THR 52  52  52  THR THR A . n 
A 1 53  HIS 53  53  53  HIS HIS A . n 
A 1 54  VAL 54  54  54  VAL VAL A . n 
A 1 55  PRO 55  55  55  PRO PRO A . n 
A 1 56  TRP 56  56  56  TRP TRP A . n 
A 1 57  HIS 57  57  57  HIS HIS A . n 
A 1 58  ARG 58  58  58  ARG ARG A . n 
A 1 59  VAL 59  59  59  VAL VAL A . n 
A 1 60  ILE 60  60  60  ILE ILE A . n 
A 1 61  ASN 61  61  61  ASN ASN A . n 
A 1 62  SER 62  62  62  SER SER A . n 
A 1 63  ARG 63  63  63  ARG ARG A . n 
A 1 64  GLY 64  64  64  GLY GLY A . n 
A 1 65  THR 65  65  65  THR THR A . n 
A 1 66  ILE 66  66  66  ILE ILE A . n 
A 1 67  SER 67  67  67  SER SER A . n 
A 1 68  LYS 68  68  68  LYS LYS A . n 
A 1 69  ARG 69  69  69  ARG ARG A . n 
A 1 70  ASP 70  70  70  ASP ASP A . n 
A 1 71  ILE 71  71  71  ILE ILE A . n 
A 1 72  SER 72  72  72  SER SER A . n 
A 1 73  ALA 73  73  73  ALA ALA A . n 
A 1 74  GLY 74  74  74  GLY GLY A . n 
A 1 75  GLU 75  75  75  GLU GLU A . n 
A 1 76  GLN 76  76  76  GLN GLN A . n 
A 1 77  ARG 77  77  77  ARG ARG A . n 
A 1 78  GLN 78  78  78  GLN GLN A . n 
A 1 79  LYS 79  79  79  LYS LYS A . n 
A 1 80  ASP 80  80  80  ASP ASP A . n 
A 1 81  ARG 81  81  81  ARG ARG A . n 
A 1 82  LEU 82  82  82  LEU LEU A . n 
A 1 83  GLU 83  83  83  GLU GLU A . n 
A 1 84  GLU 84  84  84  GLU GLU A . n 
A 1 85  GLU 85  85  85  GLU GLU A . n 
A 1 86  GLY 86  86  86  GLY GLY A . n 
A 1 87  VAL 87  87  87  VAL VAL A . n 
A 1 88  GLU 88  88  88  GLU GLU A . n 
A 1 89  ILE 89  89  89  ILE ILE A . n 
A 1 90  TYR 90  90  90  TYR TYR A . n 
A 1 91  GLN 91  91  91  GLN GLN A . n 
A 1 92  THR 92  92  92  THR THR A . n 
A 1 93  SER 93  93  93  SER SER A . n 
A 1 94  LEU 94  94  94  LEU LEU A . n 
A 1 95  GLY 95  95  95  GLY GLY A . n 
A 1 96  GLU 96  96  96  GLU GLU A . n 
A 1 97  TYR 97  97  97  TYR TYR A . n 
A 1 98  LYS 98  98  98  LYS LYS A . n 
A 1 99  LEU 99  99  99  LEU LEU A . n 
A 1 100 ASN 100 100 100 ASN ASN A . n 
A 1 101 LEU 101 101 101 LEU LEU A . n 
A 1 102 PRO 102 102 102 PRO PRO A . n 
A 1 103 GLU 103 103 103 GLU GLU A . n 
A 1 104 TYR 104 104 104 TYR TYR A . n 
A 1 105 MET 105 105 105 MET MET A . n 
A 1 106 TRP 106 106 106 TRP TRP A . n 
A 1 107 LYS 107 107 107 LYS LYS A . n 
A 1 108 PRO 108 108 108 PRO PRO A . n 
A 1 109 GLY 109 109 ?   ?   ?   A . n 
A 1 110 SER 110 110 ?   ?   ?   A . n 
A 1 111 HIS 111 111 ?   ?   ?   A . n 
A 1 112 HIS 112 112 ?   ?   ?   A . n 
A 1 113 HIS 113 113 ?   ?   ?   A . n 
A 1 114 HIS 114 114 ?   ?   ?   A . n 
A 1 115 HIS 115 115 ?   ?   ?   A . n 
A 1 116 HIS 116 116 ?   ?   ?   A . n 
B 2 1   DG  1   1   1   DG  DG  B . n 
B 2 2   DC  2   2   2   DC  DC  B . n 
B 2 3   DC  3   3   3   DC  DC  B . n 
B 2 4   DA  4   4   4   DA  DA  B . n 
B 2 5   DT  5   5   5   DT  DT  B . n 
B 2 6   DG  6   6   6   DG  DG  B . n 
B 2 7   6PO 7   7   7   6PO 6PO B . n 
B 2 8   DC  8   8   8   DC  DC  B . n 
B 2 9   DT  9   9   9   DT  DT  B . n 
B 2 10  DA  10  10  10  DA  DA  B . n 
B 2 11  DG  11  11  11  DG  DG  B . n 
B 2 12  DT  12  12  12  DT  DT  B . n 
B 2 13  DA  13  13  13  DA  DA  B . n 
C 3 1   DC  1   14  14  DC  DC  C . n 
C 3 2   DT  2   15  15  DT  DT  C . n 
C 3 3   DA  3   16  16  DA  DA  C . n 
C 3 4   DC  4   17  17  DC  DC  C . n 
C 3 5   DT  5   18  18  DT  DT  C . n 
C 3 6   DA  6   19  19  DA  DA  C . n 
C 3 7   DG  7   20  20  DG  DG  C . n 
C 3 8   DC  8   21  21  DC  DC  C . n 
C 3 9   DC  9   22  22  DC  DC  C . n 
C 3 10  DA  10  23  23  DA  DA  C . n 
C 3 11  DT  11  24  24  DT  DT  C . n 
C 3 12  DG  12  25  25  DG  DG  C . n 
C 3 13  DG  13  26  26  DG  DG  C . n 
# 
_pdbx_nonpoly_scheme.asym_id         D 
_pdbx_nonpoly_scheme.entity_id       4 
_pdbx_nonpoly_scheme.mon_id          HOH 
_pdbx_nonpoly_scheme.ndb_seq_num     1 
_pdbx_nonpoly_scheme.pdb_seq_num     101 
_pdbx_nonpoly_scheme.auth_seq_num    1 
_pdbx_nonpoly_scheme.pdb_mon_id      HOH 
_pdbx_nonpoly_scheme.auth_mon_id     HOH 
_pdbx_nonpoly_scheme.pdb_strand_id   C 
_pdbx_nonpoly_scheme.pdb_ins_code    . 
# 
_pdbx_struct_mod_residue.id               1 
_pdbx_struct_mod_residue.label_asym_id    B 
_pdbx_struct_mod_residue.label_comp_id    6PO 
_pdbx_struct_mod_residue.label_seq_id     7 
_pdbx_struct_mod_residue.auth_asym_id     B 
_pdbx_struct_mod_residue.auth_comp_id     6PO 
_pdbx_struct_mod_residue.auth_seq_id      7 
_pdbx_struct_mod_residue.PDB_ins_code     ? 
_pdbx_struct_mod_residue.parent_comp_id   DG 
_pdbx_struct_mod_residue.details          ? 
# 
_pdbx_struct_assembly.id                   1 
_pdbx_struct_assembly.details              author_and_software_defined_assembly 
_pdbx_struct_assembly.method_details       PISA 
_pdbx_struct_assembly.oligomeric_details   trimeric 
_pdbx_struct_assembly.oligomeric_count     3 
# 
_pdbx_struct_assembly_gen.assembly_id       1 
_pdbx_struct_assembly_gen.oper_expression   1 
_pdbx_struct_assembly_gen.asym_id_list      A,B,C,D 
# 
loop_
_pdbx_struct_assembly_prop.biol_id 
_pdbx_struct_assembly_prop.type 
_pdbx_struct_assembly_prop.value 
_pdbx_struct_assembly_prop.details 
1 'ABSA (A^2)' 3240 ? 
1 MORE         -10  ? 
1 'SSA (A^2)'  9710 ? 
# 
_pdbx_struct_oper_list.id                   1 
_pdbx_struct_oper_list.type                 'identity operation' 
_pdbx_struct_oper_list.name                 1_555 
_pdbx_struct_oper_list.symmetry_operation   x,y,z 
_pdbx_struct_oper_list.matrix[1][1]         1.0000000000 
_pdbx_struct_oper_list.matrix[1][2]         0.0000000000 
_pdbx_struct_oper_list.matrix[1][3]         0.0000000000 
_pdbx_struct_oper_list.vector[1]            0.0000000000 
_pdbx_struct_oper_list.matrix[2][1]         0.0000000000 
_pdbx_struct_oper_list.matrix[2][2]         1.0000000000 
_pdbx_struct_oper_list.matrix[2][3]         0.0000000000 
_pdbx_struct_oper_list.vector[2]            0.0000000000 
_pdbx_struct_oper_list.matrix[3][1]         0.0000000000 
_pdbx_struct_oper_list.matrix[3][2]         0.0000000000 
_pdbx_struct_oper_list.matrix[3][3]         1.0000000000 
_pdbx_struct_oper_list.vector[3]            0.0000000000 
# 
loop_
_pdbx_audit_revision_history.ordinal 
_pdbx_audit_revision_history.data_content_type 
_pdbx_audit_revision_history.major_revision 
_pdbx_audit_revision_history.minor_revision 
_pdbx_audit_revision_history.revision_date 
1 'Structure model' 1 0 2012-06-20 
2 'Structure model' 1 1 2012-08-01 
3 'Structure model' 1 2 2023-09-13 
# 
_pdbx_audit_revision_details.ordinal             1 
_pdbx_audit_revision_details.revision_ordinal    1 
_pdbx_audit_revision_details.data_content_type   'Structure model' 
_pdbx_audit_revision_details.provider            repository 
_pdbx_audit_revision_details.type                'Initial release' 
_pdbx_audit_revision_details.description         ? 
_pdbx_audit_revision_details.details             ? 
# 
loop_
_pdbx_audit_revision_group.ordinal 
_pdbx_audit_revision_group.revision_ordinal 
_pdbx_audit_revision_group.data_content_type 
_pdbx_audit_revision_group.group 
1 2 'Structure model' 'Database references'    
2 3 'Structure model' 'Data collection'        
3 3 'Structure model' 'Database references'    
4 3 'Structure model' 'Derived calculations'   
5 3 'Structure model' 'Refinement description' 
# 
loop_
_pdbx_audit_revision_category.ordinal 
_pdbx_audit_revision_category.revision_ordinal 
_pdbx_audit_revision_category.data_content_type 
_pdbx_audit_revision_category.category 
1 3 'Structure model' chem_comp_atom                
2 3 'Structure model' chem_comp_bond                
3 3 'Structure model' database_2                    
4 3 'Structure model' pdbx_initial_refinement_model 
5 3 'Structure model' struct_conn                   
6 3 'Structure model' struct_ref_seq                
7 3 'Structure model' struct_ref_seq_dif            
# 
loop_
_pdbx_audit_revision_item.ordinal 
_pdbx_audit_revision_item.revision_ordinal 
_pdbx_audit_revision_item.data_content_type 
_pdbx_audit_revision_item.item 
1 3 'Structure model' '_database_2.pdbx_DOI'                
2 3 'Structure model' '_database_2.pdbx_database_accession' 
3 3 'Structure model' '_struct_conn.pdbx_leaving_atom_flag' 
4 3 'Structure model' '_struct_ref_seq.db_align_beg'        
5 3 'Structure model' '_struct_ref_seq.db_align_end'        
6 3 'Structure model' '_struct_ref_seq_dif.details'         
# 
loop_
_software.name 
_software.classification 
_software.version 
_software.citation_id 
_software.pdbx_ordinal 
HKL-2000 'data collection' .                            ? 1 
PHASER   phasing           .                            ? 2 
PHENIX   refinement        '(phenix.refine: 1.6.1_357)' ? 3 
HKL-2000 'data reduction'  .                            ? 4 
HKL-2000 'data scaling'    .                            ? 5 
# 
_pdbx_validate_close_contact.id               1 
_pdbx_validate_close_contact.PDB_model_num    1 
_pdbx_validate_close_contact.auth_atom_id_1   O 
_pdbx_validate_close_contact.auth_asym_id_1   A 
_pdbx_validate_close_contact.auth_comp_id_1   ASP 
_pdbx_validate_close_contact.auth_seq_id_1    70 
_pdbx_validate_close_contact.PDB_ins_code_1   ? 
_pdbx_validate_close_contact.label_alt_id_1   ? 
_pdbx_validate_close_contact.auth_atom_id_2   N 
_pdbx_validate_close_contact.auth_asym_id_2   A 
_pdbx_validate_close_contact.auth_comp_id_2   SER 
_pdbx_validate_close_contact.auth_seq_id_2    72 
_pdbx_validate_close_contact.PDB_ins_code_2   ? 
_pdbx_validate_close_contact.label_alt_id_2   ? 
_pdbx_validate_close_contact.dist             2.19 
# 
loop_
_pdbx_validate_rmsd_angle.id 
_pdbx_validate_rmsd_angle.PDB_model_num 
_pdbx_validate_rmsd_angle.auth_atom_id_1 
_pdbx_validate_rmsd_angle.auth_asym_id_1 
_pdbx_validate_rmsd_angle.auth_comp_id_1 
_pdbx_validate_rmsd_angle.auth_seq_id_1 
_pdbx_validate_rmsd_angle.PDB_ins_code_1 
_pdbx_validate_rmsd_angle.label_alt_id_1 
_pdbx_validate_rmsd_angle.auth_atom_id_2 
_pdbx_validate_rmsd_angle.auth_asym_id_2 
_pdbx_validate_rmsd_angle.auth_comp_id_2 
_pdbx_validate_rmsd_angle.auth_seq_id_2 
_pdbx_validate_rmsd_angle.PDB_ins_code_2 
_pdbx_validate_rmsd_angle.label_alt_id_2 
_pdbx_validate_rmsd_angle.auth_atom_id_3 
_pdbx_validate_rmsd_angle.auth_asym_id_3 
_pdbx_validate_rmsd_angle.auth_comp_id_3 
_pdbx_validate_rmsd_angle.auth_seq_id_3 
_pdbx_validate_rmsd_angle.PDB_ins_code_3 
_pdbx_validate_rmsd_angle.label_alt_id_3 
_pdbx_validate_rmsd_angle.angle_value 
_pdbx_validate_rmsd_angle.angle_target_value 
_pdbx_validate_rmsd_angle.angle_deviation 
_pdbx_validate_rmsd_angle.angle_standard_deviation 
_pdbx_validate_rmsd_angle.linker_flag 
1  1 C     A HIS 49 ? ? N     A PRO 50 ? ? CA    A PRO 50 ? ? 129.28 119.30 9.98   1.50 Y 
2  1 C     A VAL 54 ? ? N     A PRO 55 ? ? CA    A PRO 55 ? ? 128.70 119.30 9.40   1.50 Y 
3  1 "O4'" B DC  2  ? ? "C1'" B DC  2  ? ? "C2'" B DC  2  ? ? 111.14 106.80 4.34   0.50 N 
4  1 "O4'" B DC  2  ? ? "C1'" B DC  2  ? ? N1    B DC  2  ? ? 110.30 108.30 2.00   0.30 N 
5  1 C6    B DC  2  ? ? N1    B DC  2  ? ? C2    B DC  2  ? ? 122.81 120.30 2.51   0.40 N 
6  1 "C1'" B DT  5  ? ? "O4'" B DT  5  ? ? "C4'" B DT  5  ? ? 103.07 110.10 -7.03  1.00 N 
7  1 "C3'" B DT  5  ? ? "C2'" B DT  5  ? ? "C1'" B DT  5  ? ? 96.90  102.40 -5.50  0.80 N 
8  1 "O4'" B DT  5  ? ? "C1'" B DT  5  ? ? N1    B DT  5  ? ? 110.92 108.30 2.62   0.30 N 
9  1 "O4'" B DA  10 ? ? "C1'" B DA  10 ? ? N9    B DA  10 ? ? 115.75 108.30 7.45   0.30 N 
10 1 "O4'" B DG  11 ? ? "C1'" B DG  11 ? ? N9    B DG  11 ? ? 113.41 108.30 5.11   0.30 N 
11 1 "C3'" B DT  12 ? ? "C2'" B DT  12 ? ? "C1'" B DT  12 ? ? 97.44  102.40 -4.96  0.80 N 
12 1 "O4'" B DT  12 ? ? "C1'" B DT  12 ? ? N1    B DT  12 ? ? 112.29 108.30 3.99   0.30 N 
13 1 "C1'" C DC  17 ? ? "O4'" C DC  17 ? ? "C4'" C DC  17 ? ? 102.21 110.10 -7.89  1.00 N 
14 1 N3    C DT  18 ? ? C4    C DT  18 ? ? O4    C DT  18 ? ? 125.31 119.90 5.41   0.60 N 
15 1 C5    C DT  18 ? ? C4    C DT  18 ? ? O4    C DT  18 ? ? 119.32 124.90 -5.58  0.70 N 
16 1 "C1'" C DA  19 ? ? "O4'" C DA  19 ? ? "C4'" C DA  19 ? ? 103.85 110.10 -6.25  1.00 N 
17 1 "C3'" C DA  19 ? ? "C2'" C DA  19 ? ? "C1'" C DA  19 ? ? 89.10  102.40 -13.30 0.80 N 
18 1 "O4'" C DA  19 ? ? "C1'" C DA  19 ? ? "C2'" C DA  19 ? ? 100.52 105.90 -5.38  0.80 N 
19 1 "O4'" C DA  19 ? ? "C1'" C DA  19 ? ? N9    C DA  19 ? ? 110.35 108.30 2.05   0.30 N 
20 1 "O4'" C DG  20 ? ? "C1'" C DG  20 ? ? N9    C DG  20 ? ? 111.26 108.30 2.96   0.30 N 
21 1 "O4'" C DC  21 ? ? "C4'" C DC  21 ? ? "C3'" C DC  21 ? ? 101.36 104.50 -3.14  0.40 N 
22 1 "O4'" C DC  21 ? ? "C1'" C DC  21 ? ? N1    C DC  21 ? ? 110.24 108.30 1.94   0.30 N 
23 1 "C4'" C DC  22 ? ? "C3'" C DC  22 ? ? "C2'" C DC  22 ? ? 97.53  102.20 -4.67  0.70 N 
24 1 "C3'" C DC  22 ? ? "C2'" C DC  22 ? ? "C1'" C DC  22 ? ? 94.08  102.40 -8.32  0.80 N 
25 1 "O4'" C DC  22 ? ? "C1'" C DC  22 ? ? N1    C DC  22 ? ? 112.28 108.30 3.98   0.30 N 
26 1 "O4'" C DA  23 ? ? "C1'" C DA  23 ? ? N9    C DA  23 ? ? 102.69 108.00 -5.31  0.70 N 
27 1 "O4'" C DT  24 ? ? "C1'" C DT  24 ? ? N1    C DT  24 ? ? 110.47 108.30 2.17   0.30 N 
28 1 C5    C DT  24 ? ? C4    C DT  24 ? ? O4    C DT  24 ? ? 120.69 124.90 -4.21  0.70 N 
29 1 "C3'" C DG  25 ? ? "C2'" C DG  25 ? ? "C1'" C DG  25 ? ? 96.72  102.40 -5.68  0.80 N 
30 1 "O4'" C DG  25 ? ? "C1'" C DG  25 ? ? N9    C DG  25 ? ? 112.76 108.30 4.46   0.30 N 
# 
loop_
_pdbx_validate_torsion.id 
_pdbx_validate_torsion.PDB_model_num 
_pdbx_validate_torsion.auth_comp_id 
_pdbx_validate_torsion.auth_asym_id 
_pdbx_validate_torsion.auth_seq_id 
_pdbx_validate_torsion.PDB_ins_code 
_pdbx_validate_torsion.label_alt_id 
_pdbx_validate_torsion.phi 
_pdbx_validate_torsion.psi 
1  1 MET A 3   ? ? -47.14  -89.88  
2  1 ASP A 4   ? ? -11.90  -44.71  
3  1 PRO A 35  ? ? -35.26  -38.67  
4  1 SER A 36  ? ? -78.76  30.51   
5  1 HIS A 53  ? ? -103.04 43.27   
6  1 PRO A 55  ? ? -74.04  40.88   
7  1 ARG A 58  ? ? -90.19  33.85   
8  1 ARG A 69  ? ? 86.80   -30.01  
9  1 ASP A 70  ? ? 46.09   -92.74  
10 1 ILE A 71  ? ? -48.69  14.69   
11 1 ALA A 73  ? ? -20.26  -51.78  
12 1 LYS A 79  ? ? -53.32  -76.47  
13 1 GLU A 84  ? ? -71.86  34.32   
14 1 GLU A 85  ? ? -150.89 -9.51   
15 1 TYR A 90  ? ? -128.82 -156.02 
16 1 GLN A 91  ? ? -153.14 -155.66 
17 1 GLU A 96  ? ? -73.67  -160.94 
18 1 ASN A 100 ? ? -58.85  87.48   
19 1 LEU A 101 ? ? -54.51  -72.37  
20 1 PRO A 102 ? ? -55.72  -9.09   
21 1 GLU A 103 ? ? -72.75  -81.73  
# 
loop_
_pdbx_unobs_or_zero_occ_residues.id 
_pdbx_unobs_or_zero_occ_residues.PDB_model_num 
_pdbx_unobs_or_zero_occ_residues.polymer_flag 
_pdbx_unobs_or_zero_occ_residues.occupancy_flag 
_pdbx_unobs_or_zero_occ_residues.auth_asym_id 
_pdbx_unobs_or_zero_occ_residues.auth_comp_id 
_pdbx_unobs_or_zero_occ_residues.auth_seq_id 
_pdbx_unobs_or_zero_occ_residues.PDB_ins_code 
_pdbx_unobs_or_zero_occ_residues.label_asym_id 
_pdbx_unobs_or_zero_occ_residues.label_comp_id 
_pdbx_unobs_or_zero_occ_residues.label_seq_id 
1 1 Y 1 A GLY 109 ? A GLY 109 
2 1 Y 1 A SER 110 ? A SER 110 
3 1 Y 1 A HIS 111 ? A HIS 111 
4 1 Y 1 A HIS 112 ? A HIS 112 
5 1 Y 1 A HIS 113 ? A HIS 113 
6 1 Y 1 A HIS 114 ? A HIS 114 
7 1 Y 1 A HIS 115 ? A HIS 115 
8 1 Y 1 A HIS 116 ? A HIS 116 
# 
loop_
_chem_comp_atom.comp_id 
_chem_comp_atom.atom_id 
_chem_comp_atom.type_symbol 
_chem_comp_atom.pdbx_aromatic_flag 
_chem_comp_atom.pdbx_stereo_config 
_chem_comp_atom.pdbx_ordinal 
6PO OP2    O N N 1   
6PO P      P N N 2   
6PO OP1    O N N 3   
6PO "O5'"  O N N 4   
6PO "C5'"  C N N 5   
6PO "C4'"  C N R 6   
6PO "C3'"  C N S 7   
6PO "O3'"  O N N 8   
6PO "C2'"  C N N 9   
6PO "O4'"  O N N 10  
6PO "C1'"  C N R 11  
6PO N9     N Y N 12  
6PO C8     C Y N 13  
6PO N7     N Y N 14  
6PO C5     C Y N 15  
6PO C4     C Y N 16  
6PO C6     C Y N 17  
6PO N1     N Y N 18  
6PO C2     C Y N 19  
6PO N2     N N N 20  
6PO N3     N Y N 21  
6PO O6     O N N 22  
6PO C1X    C N N 23  
6PO C2X    C N N 24  
6PO C3X    C N N 25  
6PO HOP2   H N N 26  
6PO "H5'"  H N N 27  
6PO "H5''" H N N 28  
6PO "H4'"  H N N 29  
6PO "H3'"  H N N 30  
6PO "HO3'" H N N 31  
6PO "H2'"  H N N 32  
6PO "H2''" H N N 33  
6PO "H1'"  H N N 34  
6PO H8     H N N 35  
6PO HN1    H N N 36  
6PO HN2    H N N 37  
6PO H1X1   H N N 38  
6PO H1X2   H N N 39  
6PO H2X1   H N N 40  
6PO H2X2   H N N 41  
6PO H3X1   H N N 42  
6PO H3X2   H N N 43  
6PO H3X3   H N N 44  
6PO OP3    O N N 45  
6PO HOP3   H N N 46  
ALA N      N N N 47  
ALA CA     C N S 48  
ALA C      C N N 49  
ALA O      O N N 50  
ALA CB     C N N 51  
ALA OXT    O N N 52  
ALA H      H N N 53  
ALA H2     H N N 54  
ALA HA     H N N 55  
ALA HB1    H N N 56  
ALA HB2    H N N 57  
ALA HB3    H N N 58  
ALA HXT    H N N 59  
ARG N      N N N 60  
ARG CA     C N S 61  
ARG C      C N N 62  
ARG O      O N N 63  
ARG CB     C N N 64  
ARG CG     C N N 65  
ARG CD     C N N 66  
ARG NE     N N N 67  
ARG CZ     C N N 68  
ARG NH1    N N N 69  
ARG NH2    N N N 70  
ARG OXT    O N N 71  
ARG H      H N N 72  
ARG H2     H N N 73  
ARG HA     H N N 74  
ARG HB2    H N N 75  
ARG HB3    H N N 76  
ARG HG2    H N N 77  
ARG HG3    H N N 78  
ARG HD2    H N N 79  
ARG HD3    H N N 80  
ARG HE     H N N 81  
ARG HH11   H N N 82  
ARG HH12   H N N 83  
ARG HH21   H N N 84  
ARG HH22   H N N 85  
ARG HXT    H N N 86  
ASN N      N N N 87  
ASN CA     C N S 88  
ASN C      C N N 89  
ASN O      O N N 90  
ASN CB     C N N 91  
ASN CG     C N N 92  
ASN OD1    O N N 93  
ASN ND2    N N N 94  
ASN OXT    O N N 95  
ASN H      H N N 96  
ASN H2     H N N 97  
ASN HA     H N N 98  
ASN HB2    H N N 99  
ASN HB3    H N N 100 
ASN HD21   H N N 101 
ASN HD22   H N N 102 
ASN HXT    H N N 103 
ASP N      N N N 104 
ASP CA     C N S 105 
ASP C      C N N 106 
ASP O      O N N 107 
ASP CB     C N N 108 
ASP CG     C N N 109 
ASP OD1    O N N 110 
ASP OD2    O N N 111 
ASP OXT    O N N 112 
ASP H      H N N 113 
ASP H2     H N N 114 
ASP HA     H N N 115 
ASP HB2    H N N 116 
ASP HB3    H N N 117 
ASP HD2    H N N 118 
ASP HXT    H N N 119 
CYS N      N N N 120 
CYS CA     C N R 121 
CYS C      C N N 122 
CYS O      O N N 123 
CYS CB     C N N 124 
CYS SG     S N N 125 
CYS OXT    O N N 126 
CYS H      H N N 127 
CYS H2     H N N 128 
CYS HA     H N N 129 
CYS HB2    H N N 130 
CYS HB3    H N N 131 
CYS HG     H N N 132 
CYS HXT    H N N 133 
DA  OP3    O N N 134 
DA  P      P N N 135 
DA  OP1    O N N 136 
DA  OP2    O N N 137 
DA  "O5'"  O N N 138 
DA  "C5'"  C N N 139 
DA  "C4'"  C N R 140 
DA  "O4'"  O N N 141 
DA  "C3'"  C N S 142 
DA  "O3'"  O N N 143 
DA  "C2'"  C N N 144 
DA  "C1'"  C N R 145 
DA  N9     N Y N 146 
DA  C8     C Y N 147 
DA  N7     N Y N 148 
DA  C5     C Y N 149 
DA  C6     C Y N 150 
DA  N6     N N N 151 
DA  N1     N Y N 152 
DA  C2     C Y N 153 
DA  N3     N Y N 154 
DA  C4     C Y N 155 
DA  HOP3   H N N 156 
DA  HOP2   H N N 157 
DA  "H5'"  H N N 158 
DA  "H5''" H N N 159 
DA  "H4'"  H N N 160 
DA  "H3'"  H N N 161 
DA  "HO3'" H N N 162 
DA  "H2'"  H N N 163 
DA  "H2''" H N N 164 
DA  "H1'"  H N N 165 
DA  H8     H N N 166 
DA  H61    H N N 167 
DA  H62    H N N 168 
DA  H2     H N N 169 
DC  OP3    O N N 170 
DC  P      P N N 171 
DC  OP1    O N N 172 
DC  OP2    O N N 173 
DC  "O5'"  O N N 174 
DC  "C5'"  C N N 175 
DC  "C4'"  C N R 176 
DC  "O4'"  O N N 177 
DC  "C3'"  C N S 178 
DC  "O3'"  O N N 179 
DC  "C2'"  C N N 180 
DC  "C1'"  C N R 181 
DC  N1     N N N 182 
DC  C2     C N N 183 
DC  O2     O N N 184 
DC  N3     N N N 185 
DC  C4     C N N 186 
DC  N4     N N N 187 
DC  C5     C N N 188 
DC  C6     C N N 189 
DC  HOP3   H N N 190 
DC  HOP2   H N N 191 
DC  "H5'"  H N N 192 
DC  "H5''" H N N 193 
DC  "H4'"  H N N 194 
DC  "H3'"  H N N 195 
DC  "HO3'" H N N 196 
DC  "H2'"  H N N 197 
DC  "H2''" H N N 198 
DC  "H1'"  H N N 199 
DC  H41    H N N 200 
DC  H42    H N N 201 
DC  H5     H N N 202 
DC  H6     H N N 203 
DG  OP3    O N N 204 
DG  P      P N N 205 
DG  OP1    O N N 206 
DG  OP2    O N N 207 
DG  "O5'"  O N N 208 
DG  "C5'"  C N N 209 
DG  "C4'"  C N R 210 
DG  "O4'"  O N N 211 
DG  "C3'"  C N S 212 
DG  "O3'"  O N N 213 
DG  "C2'"  C N N 214 
DG  "C1'"  C N R 215 
DG  N9     N Y N 216 
DG  C8     C Y N 217 
DG  N7     N Y N 218 
DG  C5     C Y N 219 
DG  C6     C N N 220 
DG  O6     O N N 221 
DG  N1     N N N 222 
DG  C2     C N N 223 
DG  N2     N N N 224 
DG  N3     N N N 225 
DG  C4     C Y N 226 
DG  HOP3   H N N 227 
DG  HOP2   H N N 228 
DG  "H5'"  H N N 229 
DG  "H5''" H N N 230 
DG  "H4'"  H N N 231 
DG  "H3'"  H N N 232 
DG  "HO3'" H N N 233 
DG  "H2'"  H N N 234 
DG  "H2''" H N N 235 
DG  "H1'"  H N N 236 
DG  H8     H N N 237 
DG  H1     H N N 238 
DG  H21    H N N 239 
DG  H22    H N N 240 
DT  OP3    O N N 241 
DT  P      P N N 242 
DT  OP1    O N N 243 
DT  OP2    O N N 244 
DT  "O5'"  O N N 245 
DT  "C5'"  C N N 246 
DT  "C4'"  C N R 247 
DT  "O4'"  O N N 248 
DT  "C3'"  C N S 249 
DT  "O3'"  O N N 250 
DT  "C2'"  C N N 251 
DT  "C1'"  C N R 252 
DT  N1     N N N 253 
DT  C2     C N N 254 
DT  O2     O N N 255 
DT  N3     N N N 256 
DT  C4     C N N 257 
DT  O4     O N N 258 
DT  C5     C N N 259 
DT  C7     C N N 260 
DT  C6     C N N 261 
DT  HOP3   H N N 262 
DT  HOP2   H N N 263 
DT  "H5'"  H N N 264 
DT  "H5''" H N N 265 
DT  "H4'"  H N N 266 
DT  "H3'"  H N N 267 
DT  "HO3'" H N N 268 
DT  "H2'"  H N N 269 
DT  "H2''" H N N 270 
DT  "H1'"  H N N 271 
DT  H3     H N N 272 
DT  H71    H N N 273 
DT  H72    H N N 274 
DT  H73    H N N 275 
DT  H6     H N N 276 
GLN N      N N N 277 
GLN CA     C N S 278 
GLN C      C N N 279 
GLN O      O N N 280 
GLN CB     C N N 281 
GLN CG     C N N 282 
GLN CD     C N N 283 
GLN OE1    O N N 284 
GLN NE2    N N N 285 
GLN OXT    O N N 286 
GLN H      H N N 287 
GLN H2     H N N 288 
GLN HA     H N N 289 
GLN HB2    H N N 290 
GLN HB3    H N N 291 
GLN HG2    H N N 292 
GLN HG3    H N N 293 
GLN HE21   H N N 294 
GLN HE22   H N N 295 
GLN HXT    H N N 296 
GLU N      N N N 297 
GLU CA     C N S 298 
GLU C      C N N 299 
GLU O      O N N 300 
GLU CB     C N N 301 
GLU CG     C N N 302 
GLU CD     C N N 303 
GLU OE1    O N N 304 
GLU OE2    O N N 305 
GLU OXT    O N N 306 
GLU H      H N N 307 
GLU H2     H N N 308 
GLU HA     H N N 309 
GLU HB2    H N N 310 
GLU HB3    H N N 311 
GLU HG2    H N N 312 
GLU HG3    H N N 313 
GLU HE2    H N N 314 
GLU HXT    H N N 315 
GLY N      N N N 316 
GLY CA     C N N 317 
GLY C      C N N 318 
GLY O      O N N 319 
GLY OXT    O N N 320 
GLY H      H N N 321 
GLY H2     H N N 322 
GLY HA2    H N N 323 
GLY HA3    H N N 324 
GLY HXT    H N N 325 
HIS N      N N N 326 
HIS CA     C N S 327 
HIS C      C N N 328 
HIS O      O N N 329 
HIS CB     C N N 330 
HIS CG     C Y N 331 
HIS ND1    N Y N 332 
HIS CD2    C Y N 333 
HIS CE1    C Y N 334 
HIS NE2    N Y N 335 
HIS OXT    O N N 336 
HIS H      H N N 337 
HIS H2     H N N 338 
HIS HA     H N N 339 
HIS HB2    H N N 340 
HIS HB3    H N N 341 
HIS HD1    H N N 342 
HIS HD2    H N N 343 
HIS HE1    H N N 344 
HIS HE2    H N N 345 
HIS HXT    H N N 346 
HOH O      O N N 347 
HOH H1     H N N 348 
HOH H2     H N N 349 
ILE N      N N N 350 
ILE CA     C N S 351 
ILE C      C N N 352 
ILE O      O N N 353 
ILE CB     C N S 354 
ILE CG1    C N N 355 
ILE CG2    C N N 356 
ILE CD1    C N N 357 
ILE OXT    O N N 358 
ILE H      H N N 359 
ILE H2     H N N 360 
ILE HA     H N N 361 
ILE HB     H N N 362 
ILE HG12   H N N 363 
ILE HG13   H N N 364 
ILE HG21   H N N 365 
ILE HG22   H N N 366 
ILE HG23   H N N 367 
ILE HD11   H N N 368 
ILE HD12   H N N 369 
ILE HD13   H N N 370 
ILE HXT    H N N 371 
LEU N      N N N 372 
LEU CA     C N S 373 
LEU C      C N N 374 
LEU O      O N N 375 
LEU CB     C N N 376 
LEU CG     C N N 377 
LEU CD1    C N N 378 
LEU CD2    C N N 379 
LEU OXT    O N N 380 
LEU H      H N N 381 
LEU H2     H N N 382 
LEU HA     H N N 383 
LEU HB2    H N N 384 
LEU HB3    H N N 385 
LEU HG     H N N 386 
LEU HD11   H N N 387 
LEU HD12   H N N 388 
LEU HD13   H N N 389 
LEU HD21   H N N 390 
LEU HD22   H N N 391 
LEU HD23   H N N 392 
LEU HXT    H N N 393 
LYS N      N N N 394 
LYS CA     C N S 395 
LYS C      C N N 396 
LYS O      O N N 397 
LYS CB     C N N 398 
LYS CG     C N N 399 
LYS CD     C N N 400 
LYS CE     C N N 401 
LYS NZ     N N N 402 
LYS OXT    O N N 403 
LYS H      H N N 404 
LYS H2     H N N 405 
LYS HA     H N N 406 
LYS HB2    H N N 407 
LYS HB3    H N N 408 
LYS HG2    H N N 409 
LYS HG3    H N N 410 
LYS HD2    H N N 411 
LYS HD3    H N N 412 
LYS HE2    H N N 413 
LYS HE3    H N N 414 
LYS HZ1    H N N 415 
LYS HZ2    H N N 416 
LYS HZ3    H N N 417 
LYS HXT    H N N 418 
MET N      N N N 419 
MET CA     C N S 420 
MET C      C N N 421 
MET O      O N N 422 
MET CB     C N N 423 
MET CG     C N N 424 
MET SD     S N N 425 
MET CE     C N N 426 
MET OXT    O N N 427 
MET H      H N N 428 
MET H2     H N N 429 
MET HA     H N N 430 
MET HB2    H N N 431 
MET HB3    H N N 432 
MET HG2    H N N 433 
MET HG3    H N N 434 
MET HE1    H N N 435 
MET HE2    H N N 436 
MET HE3    H N N 437 
MET HXT    H N N 438 
PHE N      N N N 439 
PHE CA     C N S 440 
PHE C      C N N 441 
PHE O      O N N 442 
PHE CB     C N N 443 
PHE CG     C Y N 444 
PHE CD1    C Y N 445 
PHE CD2    C Y N 446 
PHE CE1    C Y N 447 
PHE CE2    C Y N 448 
PHE CZ     C Y N 449 
PHE OXT    O N N 450 
PHE H      H N N 451 
PHE H2     H N N 452 
PHE HA     H N N 453 
PHE HB2    H N N 454 
PHE HB3    H N N 455 
PHE HD1    H N N 456 
PHE HD2    H N N 457 
PHE HE1    H N N 458 
PHE HE2    H N N 459 
PHE HZ     H N N 460 
PHE HXT    H N N 461 
PRO N      N N N 462 
PRO CA     C N S 463 
PRO C      C N N 464 
PRO O      O N N 465 
PRO CB     C N N 466 
PRO CG     C N N 467 
PRO CD     C N N 468 
PRO OXT    O N N 469 
PRO H      H N N 470 
PRO HA     H N N 471 
PRO HB2    H N N 472 
PRO HB3    H N N 473 
PRO HG2    H N N 474 
PRO HG3    H N N 475 
PRO HD2    H N N 476 
PRO HD3    H N N 477 
PRO HXT    H N N 478 
SER N      N N N 479 
SER CA     C N S 480 
SER C      C N N 481 
SER O      O N N 482 
SER CB     C N N 483 
SER OG     O N N 484 
SER OXT    O N N 485 
SER H      H N N 486 
SER H2     H N N 487 
SER HA     H N N 488 
SER HB2    H N N 489 
SER HB3    H N N 490 
SER HG     H N N 491 
SER HXT    H N N 492 
THR N      N N N 493 
THR CA     C N S 494 
THR C      C N N 495 
THR O      O N N 496 
THR CB     C N R 497 
THR OG1    O N N 498 
THR CG2    C N N 499 
THR OXT    O N N 500 
THR H      H N N 501 
THR H2     H N N 502 
THR HA     H N N 503 
THR HB     H N N 504 
THR HG1    H N N 505 
THR HG21   H N N 506 
THR HG22   H N N 507 
THR HG23   H N N 508 
THR HXT    H N N 509 
TRP N      N N N 510 
TRP CA     C N S 511 
TRP C      C N N 512 
TRP O      O N N 513 
TRP CB     C N N 514 
TRP CG     C Y N 515 
TRP CD1    C Y N 516 
TRP CD2    C Y N 517 
TRP NE1    N Y N 518 
TRP CE2    C Y N 519 
TRP CE3    C Y N 520 
TRP CZ2    C Y N 521 
TRP CZ3    C Y N 522 
TRP CH2    C Y N 523 
TRP OXT    O N N 524 
TRP H      H N N 525 
TRP H2     H N N 526 
TRP HA     H N N 527 
TRP HB2    H N N 528 
TRP HB3    H N N 529 
TRP HD1    H N N 530 
TRP HE1    H N N 531 
TRP HE3    H N N 532 
TRP HZ2    H N N 533 
TRP HZ3    H N N 534 
TRP HH2    H N N 535 
TRP HXT    H N N 536 
TYR N      N N N 537 
TYR CA     C N S 538 
TYR C      C N N 539 
TYR O      O N N 540 
TYR CB     C N N 541 
TYR CG     C Y N 542 
TYR CD1    C Y N 543 
TYR CD2    C Y N 544 
TYR CE1    C Y N 545 
TYR CE2    C Y N 546 
TYR CZ     C Y N 547 
TYR OH     O N N 548 
TYR OXT    O N N 549 
TYR H      H N N 550 
TYR H2     H N N 551 
TYR HA     H N N 552 
TYR HB2    H N N 553 
TYR HB3    H N N 554 
TYR HD1    H N N 555 
TYR HD2    H N N 556 
TYR HE1    H N N 557 
TYR HE2    H N N 558 
TYR HH     H N N 559 
TYR HXT    H N N 560 
VAL N      N N N 561 
VAL CA     C N S 562 
VAL C      C N N 563 
VAL O      O N N 564 
VAL CB     C N N 565 
VAL CG1    C N N 566 
VAL CG2    C N N 567 
VAL OXT    O N N 568 
VAL H      H N N 569 
VAL H2     H N N 570 
VAL HA     H N N 571 
VAL HB     H N N 572 
VAL HG11   H N N 573 
VAL HG12   H N N 574 
VAL HG13   H N N 575 
VAL HG21   H N N 576 
VAL HG22   H N N 577 
VAL HG23   H N N 578 
VAL HXT    H N N 579 
# 
loop_
_chem_comp_bond.comp_id 
_chem_comp_bond.atom_id_1 
_chem_comp_bond.atom_id_2 
_chem_comp_bond.value_order 
_chem_comp_bond.pdbx_aromatic_flag 
_chem_comp_bond.pdbx_stereo_config 
_chem_comp_bond.pdbx_ordinal 
6PO N2    C2     sing N N 1   
6PO "O3'" "C3'"  sing N N 2   
6PO N3    C2     doub Y N 3   
6PO N3    C4     sing Y N 4   
6PO C2    N1     sing Y N 5   
6PO "C1'" "O4'"  sing N N 6   
6PO "C1'" N9     sing N N 7   
6PO "C1'" "C2'"  sing N N 8   
6PO "O4'" "C4'"  sing N N 9   
6PO "C4'" "C3'"  sing N N 10  
6PO "C4'" "C5'"  sing N N 11  
6PO "C3'" "C2'"  sing N N 12  
6PO C4    N9     sing Y N 13  
6PO C4    C5     doub Y N 14  
6PO N1    C6     doub Y N 15  
6PO N9    C8     sing Y N 16  
6PO C5    C6     sing Y N 17  
6PO C5    N7     sing Y N 18  
6PO C6    O6     sing N N 19  
6PO "C5'" "O5'"  sing N N 20  
6PO C8    N7     doub Y N 21  
6PO "O5'" P      sing N N 22  
6PO O6    C1X    sing N N 23  
6PO C1X   C2X    sing N N 24  
6PO C3X   C2X    sing N N 25  
6PO OP2   P      sing N N 26  
6PO P     OP1    doub N N 27  
6PO OP2   HOP2   sing N N 28  
6PO "C5'" "H5'"  sing N N 29  
6PO "C5'" "H5''" sing N N 30  
6PO "C4'" "H4'"  sing N N 31  
6PO "C3'" "H3'"  sing N N 32  
6PO "O3'" "HO3'" sing N N 33  
6PO "C2'" "H2'"  sing N N 34  
6PO "C2'" "H2''" sing N N 35  
6PO "C1'" "H1'"  sing N N 36  
6PO C8    H8     sing N N 37  
6PO N2    HN1    sing N N 38  
6PO N2    HN2    sing N N 39  
6PO C1X   H1X1   sing N N 40  
6PO C1X   H1X2   sing N N 41  
6PO C2X   H2X1   sing N N 42  
6PO C2X   H2X2   sing N N 43  
6PO C3X   H3X1   sing N N 44  
6PO C3X   H3X2   sing N N 45  
6PO C3X   H3X3   sing N N 46  
6PO P     OP3    sing N N 47  
6PO OP3   HOP3   sing N N 48  
ALA N     CA     sing N N 49  
ALA N     H      sing N N 50  
ALA N     H2     sing N N 51  
ALA CA    C      sing N N 52  
ALA CA    CB     sing N N 53  
ALA CA    HA     sing N N 54  
ALA C     O      doub N N 55  
ALA C     OXT    sing N N 56  
ALA CB    HB1    sing N N 57  
ALA CB    HB2    sing N N 58  
ALA CB    HB3    sing N N 59  
ALA OXT   HXT    sing N N 60  
ARG N     CA     sing N N 61  
ARG N     H      sing N N 62  
ARG N     H2     sing N N 63  
ARG CA    C      sing N N 64  
ARG CA    CB     sing N N 65  
ARG CA    HA     sing N N 66  
ARG C     O      doub N N 67  
ARG C     OXT    sing N N 68  
ARG CB    CG     sing N N 69  
ARG CB    HB2    sing N N 70  
ARG CB    HB3    sing N N 71  
ARG CG    CD     sing N N 72  
ARG CG    HG2    sing N N 73  
ARG CG    HG3    sing N N 74  
ARG CD    NE     sing N N 75  
ARG CD    HD2    sing N N 76  
ARG CD    HD3    sing N N 77  
ARG NE    CZ     sing N N 78  
ARG NE    HE     sing N N 79  
ARG CZ    NH1    sing N N 80  
ARG CZ    NH2    doub N N 81  
ARG NH1   HH11   sing N N 82  
ARG NH1   HH12   sing N N 83  
ARG NH2   HH21   sing N N 84  
ARG NH2   HH22   sing N N 85  
ARG OXT   HXT    sing N N 86  
ASN N     CA     sing N N 87  
ASN N     H      sing N N 88  
ASN N     H2     sing N N 89  
ASN CA    C      sing N N 90  
ASN CA    CB     sing N N 91  
ASN CA    HA     sing N N 92  
ASN C     O      doub N N 93  
ASN C     OXT    sing N N 94  
ASN CB    CG     sing N N 95  
ASN CB    HB2    sing N N 96  
ASN CB    HB3    sing N N 97  
ASN CG    OD1    doub N N 98  
ASN CG    ND2    sing N N 99  
ASN ND2   HD21   sing N N 100 
ASN ND2   HD22   sing N N 101 
ASN OXT   HXT    sing N N 102 
ASP N     CA     sing N N 103 
ASP N     H      sing N N 104 
ASP N     H2     sing N N 105 
ASP CA    C      sing N N 106 
ASP CA    CB     sing N N 107 
ASP CA    HA     sing N N 108 
ASP C     O      doub N N 109 
ASP C     OXT    sing N N 110 
ASP CB    CG     sing N N 111 
ASP CB    HB2    sing N N 112 
ASP CB    HB3    sing N N 113 
ASP CG    OD1    doub N N 114 
ASP CG    OD2    sing N N 115 
ASP OD2   HD2    sing N N 116 
ASP OXT   HXT    sing N N 117 
CYS N     CA     sing N N 118 
CYS N     H      sing N N 119 
CYS N     H2     sing N N 120 
CYS CA    C      sing N N 121 
CYS CA    CB     sing N N 122 
CYS CA    HA     sing N N 123 
CYS C     O      doub N N 124 
CYS C     OXT    sing N N 125 
CYS CB    SG     sing N N 126 
CYS CB    HB2    sing N N 127 
CYS CB    HB3    sing N N 128 
CYS SG    HG     sing N N 129 
CYS OXT   HXT    sing N N 130 
DA  OP3   P      sing N N 131 
DA  OP3   HOP3   sing N N 132 
DA  P     OP1    doub N N 133 
DA  P     OP2    sing N N 134 
DA  P     "O5'"  sing N N 135 
DA  OP2   HOP2   sing N N 136 
DA  "O5'" "C5'"  sing N N 137 
DA  "C5'" "C4'"  sing N N 138 
DA  "C5'" "H5'"  sing N N 139 
DA  "C5'" "H5''" sing N N 140 
DA  "C4'" "O4'"  sing N N 141 
DA  "C4'" "C3'"  sing N N 142 
DA  "C4'" "H4'"  sing N N 143 
DA  "O4'" "C1'"  sing N N 144 
DA  "C3'" "O3'"  sing N N 145 
DA  "C3'" "C2'"  sing N N 146 
DA  "C3'" "H3'"  sing N N 147 
DA  "O3'" "HO3'" sing N N 148 
DA  "C2'" "C1'"  sing N N 149 
DA  "C2'" "H2'"  sing N N 150 
DA  "C2'" "H2''" sing N N 151 
DA  "C1'" N9     sing N N 152 
DA  "C1'" "H1'"  sing N N 153 
DA  N9    C8     sing Y N 154 
DA  N9    C4     sing Y N 155 
DA  C8    N7     doub Y N 156 
DA  C8    H8     sing N N 157 
DA  N7    C5     sing Y N 158 
DA  C5    C6     sing Y N 159 
DA  C5    C4     doub Y N 160 
DA  C6    N6     sing N N 161 
DA  C6    N1     doub Y N 162 
DA  N6    H61    sing N N 163 
DA  N6    H62    sing N N 164 
DA  N1    C2     sing Y N 165 
DA  C2    N3     doub Y N 166 
DA  C2    H2     sing N N 167 
DA  N3    C4     sing Y N 168 
DC  OP3   P      sing N N 169 
DC  OP3   HOP3   sing N N 170 
DC  P     OP1    doub N N 171 
DC  P     OP2    sing N N 172 
DC  P     "O5'"  sing N N 173 
DC  OP2   HOP2   sing N N 174 
DC  "O5'" "C5'"  sing N N 175 
DC  "C5'" "C4'"  sing N N 176 
DC  "C5'" "H5'"  sing N N 177 
DC  "C5'" "H5''" sing N N 178 
DC  "C4'" "O4'"  sing N N 179 
DC  "C4'" "C3'"  sing N N 180 
DC  "C4'" "H4'"  sing N N 181 
DC  "O4'" "C1'"  sing N N 182 
DC  "C3'" "O3'"  sing N N 183 
DC  "C3'" "C2'"  sing N N 184 
DC  "C3'" "H3'"  sing N N 185 
DC  "O3'" "HO3'" sing N N 186 
DC  "C2'" "C1'"  sing N N 187 
DC  "C2'" "H2'"  sing N N 188 
DC  "C2'" "H2''" sing N N 189 
DC  "C1'" N1     sing N N 190 
DC  "C1'" "H1'"  sing N N 191 
DC  N1    C2     sing N N 192 
DC  N1    C6     sing N N 193 
DC  C2    O2     doub N N 194 
DC  C2    N3     sing N N 195 
DC  N3    C4     doub N N 196 
DC  C4    N4     sing N N 197 
DC  C4    C5     sing N N 198 
DC  N4    H41    sing N N 199 
DC  N4    H42    sing N N 200 
DC  C5    C6     doub N N 201 
DC  C5    H5     sing N N 202 
DC  C6    H6     sing N N 203 
DG  OP3   P      sing N N 204 
DG  OP3   HOP3   sing N N 205 
DG  P     OP1    doub N N 206 
DG  P     OP2    sing N N 207 
DG  P     "O5'"  sing N N 208 
DG  OP2   HOP2   sing N N 209 
DG  "O5'" "C5'"  sing N N 210 
DG  "C5'" "C4'"  sing N N 211 
DG  "C5'" "H5'"  sing N N 212 
DG  "C5'" "H5''" sing N N 213 
DG  "C4'" "O4'"  sing N N 214 
DG  "C4'" "C3'"  sing N N 215 
DG  "C4'" "H4'"  sing N N 216 
DG  "O4'" "C1'"  sing N N 217 
DG  "C3'" "O3'"  sing N N 218 
DG  "C3'" "C2'"  sing N N 219 
DG  "C3'" "H3'"  sing N N 220 
DG  "O3'" "HO3'" sing N N 221 
DG  "C2'" "C1'"  sing N N 222 
DG  "C2'" "H2'"  sing N N 223 
DG  "C2'" "H2''" sing N N 224 
DG  "C1'" N9     sing N N 225 
DG  "C1'" "H1'"  sing N N 226 
DG  N9    C8     sing Y N 227 
DG  N9    C4     sing Y N 228 
DG  C8    N7     doub Y N 229 
DG  C8    H8     sing N N 230 
DG  N7    C5     sing Y N 231 
DG  C5    C6     sing N N 232 
DG  C5    C4     doub Y N 233 
DG  C6    O6     doub N N 234 
DG  C6    N1     sing N N 235 
DG  N1    C2     sing N N 236 
DG  N1    H1     sing N N 237 
DG  C2    N2     sing N N 238 
DG  C2    N3     doub N N 239 
DG  N2    H21    sing N N 240 
DG  N2    H22    sing N N 241 
DG  N3    C4     sing N N 242 
DT  OP3   P      sing N N 243 
DT  OP3   HOP3   sing N N 244 
DT  P     OP1    doub N N 245 
DT  P     OP2    sing N N 246 
DT  P     "O5'"  sing N N 247 
DT  OP2   HOP2   sing N N 248 
DT  "O5'" "C5'"  sing N N 249 
DT  "C5'" "C4'"  sing N N 250 
DT  "C5'" "H5'"  sing N N 251 
DT  "C5'" "H5''" sing N N 252 
DT  "C4'" "O4'"  sing N N 253 
DT  "C4'" "C3'"  sing N N 254 
DT  "C4'" "H4'"  sing N N 255 
DT  "O4'" "C1'"  sing N N 256 
DT  "C3'" "O3'"  sing N N 257 
DT  "C3'" "C2'"  sing N N 258 
DT  "C3'" "H3'"  sing N N 259 
DT  "O3'" "HO3'" sing N N 260 
DT  "C2'" "C1'"  sing N N 261 
DT  "C2'" "H2'"  sing N N 262 
DT  "C2'" "H2''" sing N N 263 
DT  "C1'" N1     sing N N 264 
DT  "C1'" "H1'"  sing N N 265 
DT  N1    C2     sing N N 266 
DT  N1    C6     sing N N 267 
DT  C2    O2     doub N N 268 
DT  C2    N3     sing N N 269 
DT  N3    C4     sing N N 270 
DT  N3    H3     sing N N 271 
DT  C4    O4     doub N N 272 
DT  C4    C5     sing N N 273 
DT  C5    C7     sing N N 274 
DT  C5    C6     doub N N 275 
DT  C7    H71    sing N N 276 
DT  C7    H72    sing N N 277 
DT  C7    H73    sing N N 278 
DT  C6    H6     sing N N 279 
GLN N     CA     sing N N 280 
GLN N     H      sing N N 281 
GLN N     H2     sing N N 282 
GLN CA    C      sing N N 283 
GLN CA    CB     sing N N 284 
GLN CA    HA     sing N N 285 
GLN C     O      doub N N 286 
GLN C     OXT    sing N N 287 
GLN CB    CG     sing N N 288 
GLN CB    HB2    sing N N 289 
GLN CB    HB3    sing N N 290 
GLN CG    CD     sing N N 291 
GLN CG    HG2    sing N N 292 
GLN CG    HG3    sing N N 293 
GLN CD    OE1    doub N N 294 
GLN CD    NE2    sing N N 295 
GLN NE2   HE21   sing N N 296 
GLN NE2   HE22   sing N N 297 
GLN OXT   HXT    sing N N 298 
GLU N     CA     sing N N 299 
GLU N     H      sing N N 300 
GLU N     H2     sing N N 301 
GLU CA    C      sing N N 302 
GLU CA    CB     sing N N 303 
GLU CA    HA     sing N N 304 
GLU C     O      doub N N 305 
GLU C     OXT    sing N N 306 
GLU CB    CG     sing N N 307 
GLU CB    HB2    sing N N 308 
GLU CB    HB3    sing N N 309 
GLU CG    CD     sing N N 310 
GLU CG    HG2    sing N N 311 
GLU CG    HG3    sing N N 312 
GLU CD    OE1    doub N N 313 
GLU CD    OE2    sing N N 314 
GLU OE2   HE2    sing N N 315 
GLU OXT   HXT    sing N N 316 
GLY N     CA     sing N N 317 
GLY N     H      sing N N 318 
GLY N     H2     sing N N 319 
GLY CA    C      sing N N 320 
GLY CA    HA2    sing N N 321 
GLY CA    HA3    sing N N 322 
GLY C     O      doub N N 323 
GLY C     OXT    sing N N 324 
GLY OXT   HXT    sing N N 325 
HIS N     CA     sing N N 326 
HIS N     H      sing N N 327 
HIS N     H2     sing N N 328 
HIS CA    C      sing N N 329 
HIS CA    CB     sing N N 330 
HIS CA    HA     sing N N 331 
HIS C     O      doub N N 332 
HIS C     OXT    sing N N 333 
HIS CB    CG     sing N N 334 
HIS CB    HB2    sing N N 335 
HIS CB    HB3    sing N N 336 
HIS CG    ND1    sing Y N 337 
HIS CG    CD2    doub Y N 338 
HIS ND1   CE1    doub Y N 339 
HIS ND1   HD1    sing N N 340 
HIS CD2   NE2    sing Y N 341 
HIS CD2   HD2    sing N N 342 
HIS CE1   NE2    sing Y N 343 
HIS CE1   HE1    sing N N 344 
HIS NE2   HE2    sing N N 345 
HIS OXT   HXT    sing N N 346 
HOH O     H1     sing N N 347 
HOH O     H2     sing N N 348 
ILE N     CA     sing N N 349 
ILE N     H      sing N N 350 
ILE N     H2     sing N N 351 
ILE CA    C      sing N N 352 
ILE CA    CB     sing N N 353 
ILE CA    HA     sing N N 354 
ILE C     O      doub N N 355 
ILE C     OXT    sing N N 356 
ILE CB    CG1    sing N N 357 
ILE CB    CG2    sing N N 358 
ILE CB    HB     sing N N 359 
ILE CG1   CD1    sing N N 360 
ILE CG1   HG12   sing N N 361 
ILE CG1   HG13   sing N N 362 
ILE CG2   HG21   sing N N 363 
ILE CG2   HG22   sing N N 364 
ILE CG2   HG23   sing N N 365 
ILE CD1   HD11   sing N N 366 
ILE CD1   HD12   sing N N 367 
ILE CD1   HD13   sing N N 368 
ILE OXT   HXT    sing N N 369 
LEU N     CA     sing N N 370 
LEU N     H      sing N N 371 
LEU N     H2     sing N N 372 
LEU CA    C      sing N N 373 
LEU CA    CB     sing N N 374 
LEU CA    HA     sing N N 375 
LEU C     O      doub N N 376 
LEU C     OXT    sing N N 377 
LEU CB    CG     sing N N 378 
LEU CB    HB2    sing N N 379 
LEU CB    HB3    sing N N 380 
LEU CG    CD1    sing N N 381 
LEU CG    CD2    sing N N 382 
LEU CG    HG     sing N N 383 
LEU CD1   HD11   sing N N 384 
LEU CD1   HD12   sing N N 385 
LEU CD1   HD13   sing N N 386 
LEU CD2   HD21   sing N N 387 
LEU CD2   HD22   sing N N 388 
LEU CD2   HD23   sing N N 389 
LEU OXT   HXT    sing N N 390 
LYS N     CA     sing N N 391 
LYS N     H      sing N N 392 
LYS N     H2     sing N N 393 
LYS CA    C      sing N N 394 
LYS CA    CB     sing N N 395 
LYS CA    HA     sing N N 396 
LYS C     O      doub N N 397 
LYS C     OXT    sing N N 398 
LYS CB    CG     sing N N 399 
LYS CB    HB2    sing N N 400 
LYS CB    HB3    sing N N 401 
LYS CG    CD     sing N N 402 
LYS CG    HG2    sing N N 403 
LYS CG    HG3    sing N N 404 
LYS CD    CE     sing N N 405 
LYS CD    HD2    sing N N 406 
LYS CD    HD3    sing N N 407 
LYS CE    NZ     sing N N 408 
LYS CE    HE2    sing N N 409 
LYS CE    HE3    sing N N 410 
LYS NZ    HZ1    sing N N 411 
LYS NZ    HZ2    sing N N 412 
LYS NZ    HZ3    sing N N 413 
LYS OXT   HXT    sing N N 414 
MET N     CA     sing N N 415 
MET N     H      sing N N 416 
MET N     H2     sing N N 417 
MET CA    C      sing N N 418 
MET CA    CB     sing N N 419 
MET CA    HA     sing N N 420 
MET C     O      doub N N 421 
MET C     OXT    sing N N 422 
MET CB    CG     sing N N 423 
MET CB    HB2    sing N N 424 
MET CB    HB3    sing N N 425 
MET CG    SD     sing N N 426 
MET CG    HG2    sing N N 427 
MET CG    HG3    sing N N 428 
MET SD    CE     sing N N 429 
MET CE    HE1    sing N N 430 
MET CE    HE2    sing N N 431 
MET CE    HE3    sing N N 432 
MET OXT   HXT    sing N N 433 
PHE N     CA     sing N N 434 
PHE N     H      sing N N 435 
PHE N     H2     sing N N 436 
PHE CA    C      sing N N 437 
PHE CA    CB     sing N N 438 
PHE CA    HA     sing N N 439 
PHE C     O      doub N N 440 
PHE C     OXT    sing N N 441 
PHE CB    CG     sing N N 442 
PHE CB    HB2    sing N N 443 
PHE CB    HB3    sing N N 444 
PHE CG    CD1    doub Y N 445 
PHE CG    CD2    sing Y N 446 
PHE CD1   CE1    sing Y N 447 
PHE CD1   HD1    sing N N 448 
PHE CD2   CE2    doub Y N 449 
PHE CD2   HD2    sing N N 450 
PHE CE1   CZ     doub Y N 451 
PHE CE1   HE1    sing N N 452 
PHE CE2   CZ     sing Y N 453 
PHE CE2   HE2    sing N N 454 
PHE CZ    HZ     sing N N 455 
PHE OXT   HXT    sing N N 456 
PRO N     CA     sing N N 457 
PRO N     CD     sing N N 458 
PRO N     H      sing N N 459 
PRO CA    C      sing N N 460 
PRO CA    CB     sing N N 461 
PRO CA    HA     sing N N 462 
PRO C     O      doub N N 463 
PRO C     OXT    sing N N 464 
PRO CB    CG     sing N N 465 
PRO CB    HB2    sing N N 466 
PRO CB    HB3    sing N N 467 
PRO CG    CD     sing N N 468 
PRO CG    HG2    sing N N 469 
PRO CG    HG3    sing N N 470 
PRO CD    HD2    sing N N 471 
PRO CD    HD3    sing N N 472 
PRO OXT   HXT    sing N N 473 
SER N     CA     sing N N 474 
SER N     H      sing N N 475 
SER N     H2     sing N N 476 
SER CA    C      sing N N 477 
SER CA    CB     sing N N 478 
SER CA    HA     sing N N 479 
SER C     O      doub N N 480 
SER C     OXT    sing N N 481 
SER CB    OG     sing N N 482 
SER CB    HB2    sing N N 483 
SER CB    HB3    sing N N 484 
SER OG    HG     sing N N 485 
SER OXT   HXT    sing N N 486 
THR N     CA     sing N N 487 
THR N     H      sing N N 488 
THR N     H2     sing N N 489 
THR CA    C      sing N N 490 
THR CA    CB     sing N N 491 
THR CA    HA     sing N N 492 
THR C     O      doub N N 493 
THR C     OXT    sing N N 494 
THR CB    OG1    sing N N 495 
THR CB    CG2    sing N N 496 
THR CB    HB     sing N N 497 
THR OG1   HG1    sing N N 498 
THR CG2   HG21   sing N N 499 
THR CG2   HG22   sing N N 500 
THR CG2   HG23   sing N N 501 
THR OXT   HXT    sing N N 502 
TRP N     CA     sing N N 503 
TRP N     H      sing N N 504 
TRP N     H2     sing N N 505 
TRP CA    C      sing N N 506 
TRP CA    CB     sing N N 507 
TRP CA    HA     sing N N 508 
TRP C     O      doub N N 509 
TRP C     OXT    sing N N 510 
TRP CB    CG     sing N N 511 
TRP CB    HB2    sing N N 512 
TRP CB    HB3    sing N N 513 
TRP CG    CD1    doub Y N 514 
TRP CG    CD2    sing Y N 515 
TRP CD1   NE1    sing Y N 516 
TRP CD1   HD1    sing N N 517 
TRP CD2   CE2    doub Y N 518 
TRP CD2   CE3    sing Y N 519 
TRP NE1   CE2    sing Y N 520 
TRP NE1   HE1    sing N N 521 
TRP CE2   CZ2    sing Y N 522 
TRP CE3   CZ3    doub Y N 523 
TRP CE3   HE3    sing N N 524 
TRP CZ2   CH2    doub Y N 525 
TRP CZ2   HZ2    sing N N 526 
TRP CZ3   CH2    sing Y N 527 
TRP CZ3   HZ3    sing N N 528 
TRP CH2   HH2    sing N N 529 
TRP OXT   HXT    sing N N 530 
TYR N     CA     sing N N 531 
TYR N     H      sing N N 532 
TYR N     H2     sing N N 533 
TYR CA    C      sing N N 534 
TYR CA    CB     sing N N 535 
TYR CA    HA     sing N N 536 
TYR C     O      doub N N 537 
TYR C     OXT    sing N N 538 
TYR CB    CG     sing N N 539 
TYR CB    HB2    sing N N 540 
TYR CB    HB3    sing N N 541 
TYR CG    CD1    doub Y N 542 
TYR CG    CD2    sing Y N 543 
TYR CD1   CE1    sing Y N 544 
TYR CD1   HD1    sing N N 545 
TYR CD2   CE2    doub Y N 546 
TYR CD2   HD2    sing N N 547 
TYR CE1   CZ     doub Y N 548 
TYR CE1   HE1    sing N N 549 
TYR CE2   CZ     sing Y N 550 
TYR CE2   HE2    sing N N 551 
TYR CZ    OH     sing N N 552 
TYR OH    HH     sing N N 553 
TYR OXT   HXT    sing N N 554 
VAL N     CA     sing N N 555 
VAL N     H      sing N N 556 
VAL N     H2     sing N N 557 
VAL CA    C      sing N N 558 
VAL CA    CB     sing N N 559 
VAL CA    HA     sing N N 560 
VAL C     O      doub N N 561 
VAL C     OXT    sing N N 562 
VAL CB    CG1    sing N N 563 
VAL CB    CG2    sing N N 564 
VAL CB    HB     sing N N 565 
VAL CG1   HG11   sing N N 566 
VAL CG1   HG12   sing N N 567 
VAL CG1   HG13   sing N N 568 
VAL CG2   HG21   sing N N 569 
VAL CG2   HG22   sing N N 570 
VAL CG2   HG23   sing N N 571 
VAL OXT   HXT    sing N N 572 
# 
loop_
_ndb_struct_conf_na.entry_id 
_ndb_struct_conf_na.feature 
4ENK 'double helix'         
4ENK 'b-form double helix'  
4ENK 'mismatched base pair' 
# 
loop_
_ndb_struct_na_base_pair.model_number 
_ndb_struct_na_base_pair.i_label_asym_id 
_ndb_struct_na_base_pair.i_label_comp_id 
_ndb_struct_na_base_pair.i_label_seq_id 
_ndb_struct_na_base_pair.i_symmetry 
_ndb_struct_na_base_pair.j_label_asym_id 
_ndb_struct_na_base_pair.j_label_comp_id 
_ndb_struct_na_base_pair.j_label_seq_id 
_ndb_struct_na_base_pair.j_symmetry 
_ndb_struct_na_base_pair.shear 
_ndb_struct_na_base_pair.stretch 
_ndb_struct_na_base_pair.stagger 
_ndb_struct_na_base_pair.buckle 
_ndb_struct_na_base_pair.propeller 
_ndb_struct_na_base_pair.opening 
_ndb_struct_na_base_pair.pair_number 
_ndb_struct_na_base_pair.pair_name 
_ndb_struct_na_base_pair.i_auth_asym_id 
_ndb_struct_na_base_pair.i_auth_seq_id 
_ndb_struct_na_base_pair.i_PDB_ins_code 
_ndb_struct_na_base_pair.j_auth_asym_id 
_ndb_struct_na_base_pair.j_auth_seq_id 
_ndb_struct_na_base_pair.j_PDB_ins_code 
_ndb_struct_na_base_pair.hbond_type_28 
_ndb_struct_na_base_pair.hbond_type_12 
1 B DC 2  1_555 C DG 13 1_555 0.163  -0.222 1.138  -18.625 -13.044 -6.926   1  B_DC2:DG26_C  B 2  ? C 26 ? 19 1 
1 B DC 3  1_555 C DG 12 1_555 -0.427 -0.224 0.542  -10.904 -5.256  -4.471   2  B_DC3:DG25_C  B 3  ? C 25 ? 19 1 
1 B DA 4  1_555 C DT 11 1_555 0.181  -0.220 0.501  3.880   -4.167  -13.604  3  B_DA4:DT24_C  B 4  ? C 24 ? 20 1 
1 B DT 5  1_555 C DA 10 1_555 -1.274 -0.236 0.249  -1.570  -6.286  -3.481   4  B_DT5:DA23_C  B 5  ? C 23 ? 20 1 
1 B DG 6  1_555 C DC 9  1_555 -0.257 -0.204 -0.193 2.186   -10.838 -0.424   5  B_DG6:DC22_C  B 6  ? C 22 ? 19 1 
1 B DC 8  1_555 C DG 7  1_555 -0.983 -0.030 0.091  -1.009  -6.567  -4.817   6  B_DC8:DG20_C  B 8  ? C 20 ? 19 1 
1 B DT 9  1_555 C DA 6  1_555 0.252  1.899  -0.195 -0.207  -5.287  -106.816 7  B_DT9:DA19_C  B 9  ? C 19 ? ?  ? 
1 B DA 10 1_555 C DT 5  1_555 0.596  -0.021 0.605  17.518  -10.062 -7.689   8  B_DA10:DT18_C B 10 ? C 18 ? 20 1 
1 B DG 11 1_555 C DC 4  1_555 0.276  -0.057 0.855  6.538   -13.696 -4.789   9  B_DG11:DC17_C B 11 ? C 17 ? 19 1 
1 B DT 12 1_555 C DA 3  1_555 -0.724 -0.406 1.062  0.587   -2.855  -1.196   10 B_DT12:DA16_C B 12 ? C 16 ? 20 1 
1 B DA 13 1_555 C DT 2  1_555 0.084  0.065  0.445  1.287   -17.530 -0.132   11 B_DA13:DT15_C B 13 ? C 15 ? 20 1 
# 
loop_
_ndb_struct_na_base_pair_step.model_number 
_ndb_struct_na_base_pair_step.i_label_asym_id_1 
_ndb_struct_na_base_pair_step.i_label_comp_id_1 
_ndb_struct_na_base_pair_step.i_label_seq_id_1 
_ndb_struct_na_base_pair_step.i_symmetry_1 
_ndb_struct_na_base_pair_step.j_label_asym_id_1 
_ndb_struct_na_base_pair_step.j_label_comp_id_1 
_ndb_struct_na_base_pair_step.j_label_seq_id_1 
_ndb_struct_na_base_pair_step.j_symmetry_1 
_ndb_struct_na_base_pair_step.i_label_asym_id_2 
_ndb_struct_na_base_pair_step.i_label_comp_id_2 
_ndb_struct_na_base_pair_step.i_label_seq_id_2 
_ndb_struct_na_base_pair_step.i_symmetry_2 
_ndb_struct_na_base_pair_step.j_label_asym_id_2 
_ndb_struct_na_base_pair_step.j_label_comp_id_2 
_ndb_struct_na_base_pair_step.j_label_seq_id_2 
_ndb_struct_na_base_pair_step.j_symmetry_2 
_ndb_struct_na_base_pair_step.shift 
_ndb_struct_na_base_pair_step.slide 
_ndb_struct_na_base_pair_step.rise 
_ndb_struct_na_base_pair_step.tilt 
_ndb_struct_na_base_pair_step.roll 
_ndb_struct_na_base_pair_step.twist 
_ndb_struct_na_base_pair_step.x_displacement 
_ndb_struct_na_base_pair_step.y_displacement 
_ndb_struct_na_base_pair_step.helical_rise 
_ndb_struct_na_base_pair_step.inclination 
_ndb_struct_na_base_pair_step.tip 
_ndb_struct_na_base_pair_step.helical_twist 
_ndb_struct_na_base_pair_step.step_number 
_ndb_struct_na_base_pair_step.step_name 
_ndb_struct_na_base_pair_step.i_auth_asym_id_1 
_ndb_struct_na_base_pair_step.i_auth_seq_id_1 
_ndb_struct_na_base_pair_step.i_PDB_ins_code_1 
_ndb_struct_na_base_pair_step.j_auth_asym_id_1 
_ndb_struct_na_base_pair_step.j_auth_seq_id_1 
_ndb_struct_na_base_pair_step.j_PDB_ins_code_1 
_ndb_struct_na_base_pair_step.i_auth_asym_id_2 
_ndb_struct_na_base_pair_step.i_auth_seq_id_2 
_ndb_struct_na_base_pair_step.i_PDB_ins_code_2 
_ndb_struct_na_base_pair_step.j_auth_asym_id_2 
_ndb_struct_na_base_pair_step.j_auth_seq_id_2 
_ndb_struct_na_base_pair_step.j_PDB_ins_code_2 
1 B DC 2  1_555 C DG 13 1_555 B DC 3  1_555 C DG 12 1_555 0.378  -1.127 2.988 5.568  4.594  29.401  -2.996 0.289  2.806 8.883  
-10.766 30.255  1  BB_DC2DC3:DG25DG26_CC   B 2  ? C 26 ? B 3  ? C 25 ? 
1 B DC 3  1_555 C DG 12 1_555 B DA 4  1_555 C DT 11 1_555 -0.545 -0.605 2.971 -1.973 -1.306 32.592  -0.868 0.656  3.019 -2.323 
3.510   32.675  2  BB_DC3DA4:DT24DG25_CC   B 3  ? C 25 ? B 4  ? C 24 ? 
1 B DA 4  1_555 C DT 11 1_555 B DT 5  1_555 C DA 10 1_555 0.456  -1.248 3.486 0.475  5.042  24.597  -4.402 -0.905 3.178 11.677 
-1.100  25.105  3  BB_DA4DT5:DA23DT24_CC   B 4  ? C 24 ? B 5  ? C 23 ? 
1 B DT 5  1_555 C DA 10 1_555 B DG 6  1_555 C DC 9  1_555 0.560  0.935  3.264 5.729  3.680  46.610  0.862  -0.222 3.366 4.622  
-7.196  47.077  4  BB_DT5DG6:DC22DA23_CC   B 5  ? C 23 ? B 6  ? C 22 ? 
1 B DG 6  1_555 C DC 9  1_555 B DC 8  1_555 C DG 7  1_555 0.626  -1.679 6.861 -6.686 27.848 47.142  -5.160 -1.481 5.091 31.653 
7.599   54.732  5  BB_DG6DC8:DG20DC22_CC   B 6  ? C 22 ? B 8  ? C 20 ? 
1 B DC 8  1_555 C DG 7  1_555 B DT 9  1_555 C DA 6  1_555 0.493  -1.202 3.189 6.285  -1.174 87.955  -0.839 -0.224 3.224 -0.844 
-4.521  88.140  6  BB_DC8DT9:DA19DG20_CC   B 8  ? C 20 ? B 9  ? C 19 ? 
1 B DT 9  1_555 C DA 6  1_555 B DA 10 1_555 C DT 5  1_555 -0.145 1.032  3.041 -4.170 -3.497 -19.854 -1.421 -2.154 3.080 9.905  
-11.810 -20.580 7  BB_DT9DA10:DT18DA19_CC  B 9  ? C 19 ? B 10 ? C 18 ? 
1 B DA 10 1_555 C DT 5  1_555 B DG 11 1_555 C DC 4  1_555 0.763  -0.696 3.554 0.371  4.360  35.340  -1.820 -1.190 3.453 7.148  
-0.608  35.602  8  BB_DA10DG11:DC17DT18_CC B 10 ? C 18 ? B 11 ? C 17 ? 
1 B DG 11 1_555 C DC 4  1_555 B DT 12 1_555 C DA 3  1_555 0.219  -0.875 3.418 1.296  -0.721 25.669  -1.754 -0.110 3.448 -1.621 
-2.914  25.711  9  BB_DG11DT12:DA16DC17_CC B 11 ? C 17 ? B 12 ? C 16 ? 
1 B DT 12 1_555 C DA 3  1_555 B DA 13 1_555 C DT 2  1_555 0.208  -0.547 3.139 6.474  -0.653 39.466  -0.728 0.414  3.141 -0.959 
-9.509  39.978  10 BB_DT12DA13:DT15DA16_CC B 12 ? C 16 ? B 13 ? C 15 ? 
# 
_pdbx_entity_nonpoly.entity_id   4 
_pdbx_entity_nonpoly.name        water 
_pdbx_entity_nonpoly.comp_id     HOH 
# 
_pdbx_initial_refinement_model.id               1 
_pdbx_initial_refinement_model.entity_id_list   ? 
_pdbx_initial_refinement_model.type             'experimental model' 
_pdbx_initial_refinement_model.source_name      PDB 
_pdbx_initial_refinement_model.accession_code   3GVA 
_pdbx_initial_refinement_model.details          'PDB ENTRY 3GVA' 
# 
